data_2WQY
#
_entry.id   2WQY
#
_cell.length_a   118.700
_cell.length_b   200.753
_cell.length_c   67.631
_cell.angle_alpha   90.00
_cell.angle_beta   90.06
_cell.angle_gamma   90.00
#
_symmetry.space_group_name_H-M   'P 1 21 1'
#
loop_
_entity.id
_entity.type
_entity.pdbx_description
1 polymer 'SUCCINATE DEHYDROGENASE FLAVOPROTEIN SUBUNIT'
2 polymer 'SUCCINATE DEHYDROGENASE IP SUBUNIT'
3 polymer 'SUCCINATE DEHYDROGENASE CYTOCHROME B, LARGE SUBUNIT'
4 polymer 'SUCCINATE DEHYDROGENASE CYTOCHROME B, SMALL SUBUNIT'
5 non-polymer 'UNKNOWN LIGAND'
6 non-polymer 'POTASSIUM ION'
7 non-polymer 'AZIDE ION'
8 non-polymer 'FLAVIN-ADENINE DINUCLEOTIDE'
9 non-polymer 'OXALOACETATE ION'
10 non-polymer 'FE2/S2 (INORGANIC) CLUSTER'
11 non-polymer 'IRON/SULFUR CLUSTER'
12 non-polymer 'FE3-S4 CLUSTER'
13 non-polymer GLYCEROL
14 non-polymer 'hexyl beta-D-galactopyranoside'
15 non-polymer 'PROTOPORPHYRIN IX CONTAINING FE'
16 non-polymer 2-METHYL-N-PHENYL-5,6-DIHYDRO-1,4-OXATHIINE-3-CARBOXAMIDE
17 non-polymer 1,2-dioleoyl-sn-glycero-3-phosphoethanolamine
18 water water
#
loop_
_entity_poly.entity_id
_entity_poly.type
_entity_poly.pdbx_seq_one_letter_code
_entity_poly.pdbx_strand_id
1 'polypeptide(L)'
;STKVSDSISTQYPVVDHEFDAVVVGAGGAGLRAAFGLSEAGFNTACVTKLFPTRSHTVAAQGGINAALGNMEDDNWRWHF
YDTVKGSDWLGDQDAIHYMTEQAPAAVIELENYGMPFSRTEEGKIYQRAFGGQSLQFGKGGQAHRCCCVADRTGHSLLHT
LYGRSLRYDTSYFVEYFALDLLMENGECRGVIALCIEDGTIHRFRAKNTVIATGGYGRTYFSCTSAHTSTGDGTAMVTRA
GLPCQDLEFVQFHPTGIYGAGCLITEGCRGEGGILINSQGERFMERYAPVAKDLASRDVVSRSMTIEIREGRGCGPEKDH
VYLQLHHLPPQQLATRLPGISETAMIFAGVDVTKEPIPVLPTVHYNMGGIPTNYKGQVITHVNGEDKVVPGLYACGEAAS
ASVHGANRLGANSLLDLVVFGRACALTIAETCKPGEPVPSIKPNAGEESVANLDKLRFADGTIRTSEARLNMQKTMQSHA
AVFRTGSILQEGCEKLSQIYRDLAHLKTFDRGIVWNTDLVETLELQNLMLCALQTIYGAEARKESRGAHAREDYKLRIDE
FDYSKPLQGQQKRPFEEHWRKHTLSYVDVKSGKVTLKYRPVIDRTLNEEDCSSVPPAIRSY
;
A,N
2 'polypeptide(L)'
;AQTAAAATSRIKKFSIYRWDPDKPGDKPRMQTYEVDLNKCGPMVLDALIKIKNELDSTLTFRRSCREGICGSCAMNIAGG
NTLACTKKIDPDLSKTTKIYPLPHMYVVKDLVPDLSNFYAQYKSIEPYLKKKDESKQGKEQYLQSIEDRQKLDGLYECIL
CACCSTSCPSYWWNGDKYLGPAVLMQAYRWMIDSRDDYTEERLAQLQDPFSLYRCHTIMNCTRTCPKGLNPGKAIAEIKK
MMATYKEKAAAA
;
B,O
3 'polypeptide(L)'
;MATTAKEEMARFWEKNTKSSRPLSPHISIYKWSLPMAMSITHRGTGVALSLGVSLFSVAALLLPEQFPHYVAVVKSLSLS
PALIYSAKFALVFPLSYHTWNGIRHLVWDMGKGFKLSQVEQSGVVVLILTLLSSAGIAAIS
;
C,P
4 'polypeptide(L)'
;GSSKAASLHWTSERAVSALLLGLLPAAYLYPGPAVDYSLAAALTLHGHWGLGQVITDYVHGDTPIKVANTGLYVLSAITF
TGLCYFNYYDVGICKAVAMLWSI
;
D,Q
#
# COMPACT_ATOMS: atom_id res chain seq x y z
N SER A 9 -47.28 56.25 -9.08
CA SER A 9 -48.01 55.60 -7.94
C SER A 9 -47.71 56.28 -6.61
N THR A 10 -47.69 55.46 -5.57
CA THR A 10 -47.42 55.91 -4.21
C THR A 10 -46.99 54.65 -3.48
N GLN A 11 -47.40 53.51 -4.01
CA GLN A 11 -47.07 52.26 -3.35
C GLN A 11 -45.69 51.74 -3.67
N TYR A 12 -45.10 52.21 -4.76
CA TYR A 12 -43.76 51.77 -5.10
C TYR A 12 -42.77 52.89 -4.83
N PRO A 13 -41.72 52.60 -4.08
CA PRO A 13 -40.74 53.66 -3.82
C PRO A 13 -40.03 53.98 -5.14
N VAL A 14 -39.90 55.26 -5.48
CA VAL A 14 -39.26 55.69 -6.70
C VAL A 14 -37.96 56.44 -6.47
N VAL A 15 -36.88 55.99 -7.12
CA VAL A 15 -35.58 56.64 -7.03
C VAL A 15 -35.21 57.31 -8.35
N ASP A 16 -34.79 58.56 -8.28
CA ASP A 16 -34.45 59.30 -9.48
C ASP A 16 -32.95 59.51 -9.58
N HIS A 17 -32.43 59.35 -10.79
CA HIS A 17 -30.99 59.52 -11.07
C HIS A 17 -30.88 60.51 -12.24
N GLU A 18 -29.79 61.27 -12.27
CA GLU A 18 -29.54 62.21 -13.34
C GLU A 18 -28.17 61.86 -13.89
N PHE A 19 -28.08 61.60 -15.19
CA PHE A 19 -26.79 61.26 -15.80
C PHE A 19 -26.69 62.04 -17.12
N ASP A 20 -25.52 62.07 -17.74
CA ASP A 20 -25.43 62.74 -19.03
C ASP A 20 -26.03 61.79 -20.05
N ALA A 21 -25.77 60.49 -19.81
CA ALA A 21 -26.21 59.45 -20.71
C ALA A 21 -26.56 58.14 -20.02
N VAL A 22 -27.51 57.42 -20.62
CA VAL A 22 -27.95 56.14 -20.09
C VAL A 22 -27.83 55.09 -21.16
N VAL A 23 -27.15 53.98 -20.88
CA VAL A 23 -27.05 52.92 -21.87
C VAL A 23 -27.85 51.72 -21.36
N VAL A 24 -28.82 51.19 -22.12
CA VAL A 24 -29.56 50.01 -21.63
C VAL A 24 -28.99 48.81 -22.37
N GLY A 25 -28.23 47.98 -21.65
CA GLY A 25 -27.58 46.83 -22.23
C GLY A 25 -26.09 46.80 -21.90
N ALA A 26 -25.58 45.62 -21.55
CA ALA A 26 -24.17 45.43 -21.22
C ALA A 26 -23.57 44.24 -21.99
N GLY A 27 -23.97 44.12 -23.25
CA GLY A 27 -23.45 43.07 -24.12
C GLY A 27 -22.27 43.74 -24.78
N GLY A 28 -21.85 43.25 -25.95
CA GLY A 28 -20.70 43.88 -26.58
C GLY A 28 -20.99 45.32 -26.96
N ALA A 29 -22.19 45.55 -27.49
CA ALA A 29 -22.53 46.92 -27.89
C ALA A 29 -22.70 47.85 -26.71
N GLY A 30 -23.58 47.50 -25.78
CA GLY A 30 -23.80 48.33 -24.60
C GLY A 30 -22.53 48.71 -23.85
N LEU A 31 -21.67 47.72 -23.59
CA LEU A 31 -20.40 48.00 -22.92
C LEU A 31 -19.52 48.92 -23.74
N ARG A 32 -19.39 48.66 -25.05
CA ARG A 32 -18.54 49.54 -25.84
C ARG A 32 -19.05 50.98 -25.88
N ALA A 33 -20.38 51.15 -25.97
CA ALA A 33 -21.00 52.49 -25.98
C ALA A 33 -20.82 53.12 -24.60
N ALA A 34 -21.10 52.33 -23.57
CA ALA A 34 -21.01 52.83 -22.19
C ALA A 34 -19.62 53.35 -21.81
N PHE A 35 -18.56 52.55 -21.95
CA PHE A 35 -17.28 53.11 -21.57
C PHE A 35 -16.77 54.09 -22.63
N GLY A 36 -17.32 54.03 -23.82
CA GLY A 36 -16.93 54.99 -24.84
C GLY A 36 -17.44 56.37 -24.42
N LEU A 37 -18.66 56.41 -23.88
CA LEU A 37 -19.21 57.68 -23.38
C LEU A 37 -18.36 58.14 -22.21
N SER A 38 -18.07 57.25 -21.24
CA SER A 38 -17.24 57.61 -20.09
C SER A 38 -15.85 58.08 -20.50
N GLU A 39 -15.23 57.45 -21.49
CA GLU A 39 -13.91 57.89 -21.90
C GLU A 39 -13.96 59.26 -22.58
N ALA A 40 -15.14 59.67 -23.02
CA ALA A 40 -15.28 60.99 -23.66
C ALA A 40 -15.66 62.06 -22.60
N GLY A 41 -15.68 61.67 -21.34
CA GLY A 41 -16.03 62.64 -20.32
C GLY A 41 -17.48 62.68 -19.86
N PHE A 42 -18.35 61.84 -20.41
CA PHE A 42 -19.75 61.86 -19.99
C PHE A 42 -20.02 61.02 -18.75
N ASN A 43 -20.86 61.55 -17.84
CA ASN A 43 -21.27 60.84 -16.61
C ASN A 43 -22.32 59.86 -17.14
N THR A 44 -21.93 58.59 -17.24
CA THR A 44 -22.77 57.55 -17.84
C THR A 44 -23.29 56.40 -16.96
N ALA A 45 -24.52 55.98 -17.23
CA ALA A 45 -25.11 54.87 -16.51
C ALA A 45 -25.33 53.70 -17.46
N CYS A 46 -25.01 52.49 -17.01
CA CYS A 46 -25.25 51.30 -17.84
C CYS A 46 -26.17 50.41 -17.02
N VAL A 47 -27.40 50.30 -17.47
CA VAL A 47 -28.47 49.55 -16.82
C VAL A 47 -28.60 48.21 -17.54
N THR A 48 -28.46 47.11 -16.81
CA THR A 48 -28.54 45.80 -17.44
C THR A 48 -29.27 44.78 -16.56
N LYS A 49 -30.10 43.94 -17.20
CA LYS A 49 -30.82 42.97 -16.39
C LYS A 49 -29.94 41.80 -15.96
N LEU A 50 -28.75 41.66 -16.56
CA LEU A 50 -27.84 40.59 -16.21
C LEU A 50 -26.47 41.15 -15.84
N PHE A 51 -25.69 40.37 -15.11
CA PHE A 51 -24.30 40.74 -14.83
C PHE A 51 -23.75 40.73 -16.29
N PRO A 52 -22.97 41.73 -16.66
CA PRO A 52 -22.44 41.81 -18.04
C PRO A 52 -21.94 40.61 -18.79
N THR A 53 -21.04 39.84 -18.16
CA THR A 53 -20.44 38.71 -18.85
C THR A 53 -21.37 37.54 -19.07
N ARG A 54 -22.63 37.68 -18.65
CA ARG A 54 -23.64 36.63 -18.85
C ARG A 54 -24.45 36.90 -20.13
N SER A 55 -24.24 38.07 -20.76
CA SER A 55 -24.98 38.46 -21.98
C SER A 55 -24.72 37.48 -23.14
N HIS A 56 -25.68 37.38 -24.04
CA HIS A 56 -25.59 36.44 -25.16
C HIS A 56 -24.28 36.54 -25.95
N THR A 57 -23.67 37.74 -25.98
CA THR A 57 -22.44 37.99 -26.70
C THR A 57 -21.36 36.98 -26.25
N VAL A 58 -21.47 36.59 -24.98
CA VAL A 58 -20.51 35.69 -24.32
C VAL A 58 -20.59 34.33 -25.02
N ALA A 59 -21.71 34.07 -25.69
CA ALA A 59 -21.83 32.78 -26.33
C ALA A 59 -21.34 32.80 -27.80
N ALA A 60 -20.95 33.95 -28.32
CA ALA A 60 -20.51 33.98 -29.71
C ALA A 60 -19.21 33.14 -29.93
N GLN A 61 -19.11 32.50 -31.09
CA GLN A 61 -18.00 31.58 -31.36
C GLN A 61 -17.02 31.84 -32.48
N GLY A 62 -17.58 31.83 -33.69
CA GLY A 62 -16.83 31.97 -34.91
C GLY A 62 -15.80 33.05 -35.05
N GLY A 63 -16.20 34.30 -34.81
CA GLY A 63 -15.25 35.38 -34.92
C GLY A 63 -15.81 36.71 -35.31
N ILE A 64 -14.92 37.65 -35.62
CA ILE A 64 -15.33 38.98 -36.00
C ILE A 64 -14.56 39.36 -37.27
N ASN A 65 -15.26 39.85 -38.29
CA ASN A 65 -14.69 40.24 -39.58
C ASN A 65 -13.94 41.57 -39.68
N ALA A 66 -12.80 41.51 -40.36
CA ALA A 66 -11.99 42.71 -40.59
C ALA A 66 -10.97 42.41 -41.68
N ALA A 67 -10.86 43.30 -42.65
CA ALA A 67 -9.89 43.10 -43.71
C ALA A 67 -8.50 43.50 -43.22
N LEU A 68 -7.92 42.79 -42.24
CA LEU A 68 -6.59 43.11 -41.74
C LEU A 68 -5.53 42.63 -42.77
N GLY A 69 -5.86 41.58 -43.54
CA GLY A 69 -4.90 41.08 -44.52
C GLY A 69 -3.80 40.24 -43.86
N ASN A 70 -4.08 39.64 -42.73
CA ASN A 70 -3.06 38.81 -42.08
C ASN A 70 -2.77 37.44 -42.73
N MET A 71 -3.71 36.92 -43.52
CA MET A 71 -3.59 35.58 -44.11
C MET A 71 -3.25 35.64 -45.60
N GLU A 72 -3.80 36.64 -46.28
CA GLU A 72 -3.56 36.89 -47.70
C GLU A 72 -3.92 38.38 -47.84
N ASP A 73 -3.61 38.98 -48.98
CA ASP A 73 -3.97 40.39 -49.15
C ASP A 73 -5.47 40.65 -49.18
N ASP A 74 -5.90 41.74 -48.57
CA ASP A 74 -7.33 42.03 -48.50
C ASP A 74 -7.62 43.46 -48.78
N ASN A 75 -8.91 43.78 -48.79
CA ASN A 75 -9.35 45.13 -49.02
C ASN A 75 -10.72 45.29 -48.36
N TRP A 76 -10.87 46.31 -47.54
CA TRP A 76 -12.16 46.49 -46.86
C TRP A 76 -13.31 46.71 -47.84
N ARG A 77 -13.02 47.23 -49.04
CA ARG A 77 -14.11 47.46 -49.98
C ARG A 77 -14.64 46.11 -50.49
N TRP A 78 -13.84 45.03 -50.39
CA TRP A 78 -14.31 43.71 -50.81
C TRP A 78 -15.31 43.19 -49.73
N HIS A 79 -15.01 43.52 -48.48
CA HIS A 79 -15.86 43.15 -47.34
C HIS A 79 -17.16 43.96 -47.46
N PHE A 80 -17.03 45.23 -47.87
CA PHE A 80 -18.19 46.12 -48.13
C PHE A 80 -19.09 45.42 -49.15
N TYR A 81 -18.50 45.02 -50.28
CA TYR A 81 -19.23 44.35 -51.31
C TYR A 81 -19.90 43.05 -50.85
N ASP A 82 -19.19 42.21 -50.11
CA ASP A 82 -19.78 40.94 -49.64
C ASP A 82 -20.99 41.19 -48.74
N THR A 83 -20.93 42.27 -47.97
CA THR A 83 -22.01 42.58 -47.02
C THR A 83 -23.23 43.16 -47.75
N VAL A 84 -22.98 43.98 -48.77
CA VAL A 84 -24.05 44.55 -49.55
C VAL A 84 -24.79 43.41 -50.29
N LYS A 85 -24.05 42.55 -50.94
CA LYS A 85 -24.66 41.44 -51.66
C LYS A 85 -25.31 40.49 -50.68
N GLY A 86 -24.61 40.21 -49.58
CA GLY A 86 -25.20 39.30 -48.64
C GLY A 86 -26.55 39.79 -48.14
N SER A 87 -26.72 41.09 -47.99
CA SER A 87 -27.98 41.64 -47.48
C SER A 87 -29.10 41.64 -48.51
N ASP A 88 -28.76 41.22 -49.74
CA ASP A 88 -29.73 41.15 -50.84
C ASP A 88 -30.37 42.49 -51.15
N TRP A 89 -29.54 43.52 -51.10
CA TRP A 89 -29.87 44.92 -51.37
C TRP A 89 -30.94 45.57 -50.52
N LEU A 90 -31.07 45.10 -49.30
CA LEU A 90 -32.00 45.75 -48.41
C LEU A 90 -31.15 46.50 -47.40
N GLY A 91 -29.84 46.31 -47.48
CA GLY A 91 -28.91 46.97 -46.57
C GLY A 91 -28.60 48.41 -46.97
N ASP A 92 -28.44 49.29 -45.98
CA ASP A 92 -28.15 50.69 -46.28
C ASP A 92 -26.65 50.79 -46.47
N GLN A 93 -26.28 51.13 -47.69
CA GLN A 93 -24.88 51.19 -48.08
C GLN A 93 -24.05 52.25 -47.38
N ASP A 94 -24.70 53.29 -46.84
CA ASP A 94 -23.90 54.25 -46.13
C ASP A 94 -23.42 53.61 -44.80
N ALA A 95 -24.28 52.83 -44.15
CA ALA A 95 -23.86 52.19 -42.90
C ALA A 95 -22.89 51.05 -43.13
N ILE A 96 -23.13 50.28 -44.19
CA ILE A 96 -22.23 49.17 -44.49
C ILE A 96 -20.82 49.72 -44.77
N HIS A 97 -20.81 50.86 -45.43
CA HIS A 97 -19.55 51.51 -45.76
C HIS A 97 -18.83 51.85 -44.46
N TYR A 98 -19.55 52.52 -43.56
CA TYR A 98 -18.92 52.90 -42.29
C TYR A 98 -18.40 51.64 -41.55
N MET A 99 -19.24 50.60 -41.47
CA MET A 99 -18.85 49.39 -40.73
C MET A 99 -17.64 48.64 -41.28
N THR A 100 -17.63 48.37 -42.59
CA THR A 100 -16.50 47.63 -43.13
C THR A 100 -15.23 48.47 -43.11
N GLU A 101 -15.32 49.75 -43.43
CA GLU A 101 -14.11 50.58 -43.40
C GLU A 101 -13.52 50.73 -42.01
N GLN A 102 -14.37 50.79 -41.00
CA GLN A 102 -13.90 50.92 -39.63
C GLN A 102 -13.45 49.59 -39.02
N ALA A 103 -13.76 48.48 -39.67
CA ALA A 103 -13.43 47.15 -39.13
C ALA A 103 -11.99 46.87 -38.74
N PRO A 104 -11.02 47.20 -39.62
CA PRO A 104 -9.67 46.90 -39.16
C PRO A 104 -9.36 47.62 -37.85
N ALA A 105 -9.68 48.91 -37.78
CA ALA A 105 -9.40 49.71 -36.58
C ALA A 105 -10.08 49.12 -35.36
N ALA A 106 -11.31 48.67 -35.53
CA ALA A 106 -12.08 48.11 -34.42
C ALA A 106 -11.47 46.83 -33.84
N VAL A 107 -10.93 45.96 -34.71
CA VAL A 107 -10.36 44.70 -34.22
C VAL A 107 -9.03 45.00 -33.55
N ILE A 108 -8.24 45.86 -34.15
CA ILE A 108 -6.97 46.23 -33.52
C ILE A 108 -7.22 46.78 -32.11
N GLU A 109 -8.24 47.64 -31.98
CA GLU A 109 -8.56 48.17 -30.63
C GLU A 109 -8.79 47.04 -29.62
N LEU A 110 -9.60 46.05 -29.98
CA LEU A 110 -9.90 44.94 -29.07
C LEU A 110 -8.68 44.14 -28.71
N GLU A 111 -7.82 43.89 -29.70
CA GLU A 111 -6.61 43.13 -29.39
C GLU A 111 -5.73 44.00 -28.48
N ASN A 112 -5.63 45.29 -28.76
CA ASN A 112 -4.81 46.12 -27.87
C ASN A 112 -5.44 46.19 -26.45
N TYR A 113 -6.69 45.77 -26.28
CA TYR A 113 -7.32 45.74 -24.95
C TYR A 113 -6.87 44.40 -24.32
N GLY A 114 -6.24 43.53 -25.09
CA GLY A 114 -5.83 42.27 -24.50
C GLY A 114 -6.65 41.04 -24.96
N MET A 115 -7.60 41.22 -25.86
CA MET A 115 -8.36 40.06 -26.35
C MET A 115 -7.34 39.05 -26.87
N PRO A 116 -7.33 37.83 -26.31
CA PRO A 116 -6.39 36.76 -26.67
C PRO A 116 -6.60 36.06 -28.00
N PHE A 117 -6.62 36.83 -29.07
CA PHE A 117 -6.74 36.26 -30.39
C PHE A 117 -5.74 35.11 -30.63
N SER A 118 -6.16 34.13 -31.43
CA SER A 118 -5.28 33.01 -31.82
C SER A 118 -4.28 33.67 -32.72
N ARG A 119 -3.10 33.06 -32.86
CA ARG A 119 -2.02 33.68 -33.65
C ARG A 119 -1.47 32.95 -34.87
N THR A 120 -0.90 33.72 -35.78
CA THR A 120 -0.26 33.16 -36.97
C THR A 120 1.24 33.02 -36.64
N GLU A 121 1.98 32.48 -37.60
CA GLU A 121 3.43 32.28 -37.49
C GLU A 121 4.16 33.60 -37.37
N GLU A 122 3.55 34.69 -37.84
CA GLU A 122 4.17 36.02 -37.73
C GLU A 122 3.78 36.70 -36.41
N GLY A 123 2.92 36.06 -35.63
CA GLY A 123 2.53 36.66 -34.37
C GLY A 123 1.33 37.61 -34.49
N LYS A 124 0.72 37.62 -35.66
CA LYS A 124 -0.46 38.46 -35.90
C LYS A 124 -1.74 37.69 -35.63
N ILE A 125 -2.87 38.36 -35.76
CA ILE A 125 -4.17 37.76 -35.52
C ILE A 125 -4.58 36.74 -36.60
N TYR A 126 -4.86 35.52 -36.17
CA TYR A 126 -5.30 34.45 -37.02
C TYR A 126 -6.71 34.75 -37.55
N GLN A 127 -6.92 34.63 -38.86
CA GLN A 127 -8.21 34.84 -39.48
C GLN A 127 -8.66 33.57 -40.23
N ARG A 128 -9.95 33.19 -40.12
CA ARG A 128 -10.46 32.01 -40.82
C ARG A 128 -11.45 32.35 -41.94
N ALA A 129 -11.76 31.36 -42.77
CA ALA A 129 -12.75 31.53 -43.83
C ALA A 129 -14.07 31.51 -43.12
N PHE A 130 -15.09 32.10 -43.73
CA PHE A 130 -16.43 32.13 -43.17
C PHE A 130 -17.41 32.25 -44.33
N GLY A 131 -18.67 31.93 -44.07
CA GLY A 131 -19.67 31.95 -45.12
C GLY A 131 -20.00 33.25 -45.83
N GLY A 132 -19.97 33.20 -47.16
CA GLY A 132 -20.32 34.35 -47.99
C GLY A 132 -19.29 35.47 -48.16
N GLN A 133 -18.02 35.21 -47.87
CA GLN A 133 -16.97 36.23 -48.04
C GLN A 133 -15.95 35.83 -49.10
N SER A 134 -15.65 36.78 -49.97
CA SER A 134 -14.76 36.61 -51.11
C SER A 134 -13.77 37.74 -51.27
N LEU A 135 -12.82 37.52 -52.17
CA LEU A 135 -11.80 38.52 -52.52
C LEU A 135 -12.18 39.06 -53.91
N GLN A 136 -11.68 40.25 -54.23
CA GLN A 136 -11.92 40.84 -55.53
C GLN A 136 -13.35 41.03 -55.93
N PHE A 137 -14.16 41.59 -55.03
CA PHE A 137 -15.58 41.87 -55.33
C PHE A 137 -16.35 40.68 -55.84
N GLY A 138 -16.14 39.55 -55.17
CA GLY A 138 -16.83 38.32 -55.53
C GLY A 138 -16.22 37.53 -56.67
N LYS A 139 -15.11 37.99 -57.24
CA LYS A 139 -14.55 37.28 -58.38
C LYS A 139 -13.32 36.46 -58.02
N GLY A 140 -12.72 36.71 -56.85
CA GLY A 140 -11.49 36.04 -56.52
C GLY A 140 -11.33 34.93 -55.51
N GLY A 141 -12.37 34.17 -55.24
CA GLY A 141 -12.21 33.10 -54.28
C GLY A 141 -12.46 33.52 -52.84
N GLN A 142 -12.40 32.55 -51.96
CA GLN A 142 -12.66 32.68 -50.52
C GLN A 142 -11.74 33.60 -49.71
N ALA A 143 -12.33 34.54 -48.99
CA ALA A 143 -11.53 35.40 -48.12
C ALA A 143 -11.35 34.69 -46.77
N HIS A 144 -10.32 35.08 -46.04
CA HIS A 144 -10.01 34.54 -44.71
C HIS A 144 -9.86 35.79 -43.86
N ARG A 145 -10.99 36.37 -43.43
CA ARG A 145 -10.91 37.60 -42.66
C ARG A 145 -11.69 37.59 -41.33
N CYS A 146 -12.15 36.39 -40.94
CA CYS A 146 -12.86 36.21 -39.68
C CYS A 146 -11.85 36.01 -38.55
N CYS A 147 -11.54 37.08 -37.80
CA CYS A 147 -10.59 36.99 -36.68
C CYS A 147 -11.19 36.24 -35.50
N CYS A 148 -10.41 35.40 -34.86
CA CYS A 148 -11.01 34.63 -33.79
C CYS A 148 -10.13 34.25 -32.64
N VAL A 149 -10.79 33.81 -31.57
CA VAL A 149 -10.12 33.27 -30.37
C VAL A 149 -10.63 31.83 -30.40
N ALA A 150 -9.96 30.99 -31.18
CA ALA A 150 -10.39 29.59 -31.38
C ALA A 150 -11.88 29.69 -31.71
N ASP A 151 -12.74 28.96 -31.01
CA ASP A 151 -14.18 29.06 -31.25
C ASP A 151 -14.95 29.63 -30.03
N ARG A 152 -14.29 30.52 -29.30
CA ARG A 152 -14.88 31.19 -28.15
C ARG A 152 -14.63 32.70 -28.30
N THR A 153 -14.74 33.23 -29.50
CA THR A 153 -14.49 34.63 -29.73
C THR A 153 -15.41 35.56 -28.92
N GLY A 154 -16.69 35.21 -28.82
CA GLY A 154 -17.64 36.02 -28.08
C GLY A 154 -17.25 36.08 -26.63
N HIS A 155 -17.01 34.92 -26.05
CA HIS A 155 -16.57 34.86 -24.66
C HIS A 155 -15.36 35.78 -24.45
N SER A 156 -14.37 35.73 -25.34
CA SER A 156 -13.21 36.60 -25.12
C SER A 156 -13.48 38.06 -25.36
N LEU A 157 -14.29 38.36 -26.38
CA LEU A 157 -14.63 39.74 -26.67
C LEU A 157 -15.36 40.35 -25.46
N LEU A 158 -16.36 39.66 -24.93
CA LEU A 158 -17.11 40.19 -23.79
C LEU A 158 -16.28 40.32 -22.53
N HIS A 159 -15.50 39.31 -22.17
CA HIS A 159 -14.71 39.40 -20.98
C HIS A 159 -13.64 40.50 -21.13
N THR A 160 -13.14 40.69 -22.34
CA THR A 160 -12.15 41.72 -22.54
C THR A 160 -12.76 43.13 -22.38
N LEU A 161 -13.93 43.33 -22.98
CA LEU A 161 -14.63 44.60 -22.92
C LEU A 161 -15.08 44.87 -21.48
N TYR A 162 -15.52 43.83 -20.77
CA TYR A 162 -15.94 44.04 -19.37
C TYR A 162 -14.75 44.48 -18.50
N GLY A 163 -13.59 43.83 -18.69
CA GLY A 163 -12.41 44.22 -17.94
C GLY A 163 -12.02 45.66 -18.26
N ARG A 164 -12.08 46.04 -19.54
CA ARG A 164 -11.75 47.38 -19.93
C ARG A 164 -12.69 48.43 -19.24
N SER A 165 -13.99 48.15 -19.24
CA SER A 165 -14.98 49.03 -18.64
C SER A 165 -14.65 49.29 -17.16
N LEU A 166 -13.92 48.37 -16.54
CA LEU A 166 -13.55 48.52 -15.16
C LEU A 166 -12.56 49.68 -14.95
N ARG A 167 -12.03 50.24 -16.04
CA ARG A 167 -11.07 51.33 -15.94
C ARG A 167 -11.70 52.72 -15.94
N TYR A 168 -13.00 52.78 -16.16
CA TYR A 168 -13.71 54.04 -16.23
C TYR A 168 -14.72 54.20 -15.09
N ASP A 169 -15.24 55.40 -14.91
CA ASP A 169 -16.19 55.65 -13.83
C ASP A 169 -17.64 55.44 -14.24
N THR A 170 -17.87 54.61 -15.24
CA THR A 170 -19.25 54.33 -15.66
C THR A 170 -19.98 53.78 -14.45
N SER A 171 -21.21 54.23 -14.22
CA SER A 171 -21.97 53.70 -13.09
C SER A 171 -22.85 52.53 -13.58
N TYR A 172 -22.63 51.32 -13.07
CA TYR A 172 -23.41 50.15 -13.48
C TYR A 172 -24.56 49.81 -12.54
N PHE A 173 -25.73 49.53 -13.11
CA PHE A 173 -26.90 49.19 -12.36
C PHE A 173 -27.23 47.79 -12.86
N VAL A 174 -26.65 46.82 -12.17
CA VAL A 174 -26.72 45.40 -12.53
C VAL A 174 -27.93 44.71 -12.00
N GLU A 175 -28.58 43.96 -12.87
CA GLU A 175 -29.80 43.28 -12.52
C GLU A 175 -30.91 44.31 -12.25
N TYR A 176 -31.05 45.21 -13.23
CA TYR A 176 -32.12 46.23 -13.26
C TYR A 176 -32.82 45.96 -14.60
N PHE A 177 -34.14 45.85 -14.58
CA PHE A 177 -34.92 45.57 -15.77
C PHE A 177 -35.57 46.84 -16.34
N ALA A 178 -35.14 47.27 -17.53
CA ALA A 178 -35.73 48.46 -18.13
C ALA A 178 -37.15 48.18 -18.61
N LEU A 179 -38.08 49.07 -18.25
CA LEU A 179 -39.51 48.91 -18.58
C LEU A 179 -40.03 49.76 -19.74
N ASP A 180 -39.55 51.01 -19.83
CA ASP A 180 -40.01 51.90 -20.87
C ASP A 180 -39.11 53.11 -20.97
N LEU A 181 -39.25 53.82 -22.10
CA LEU A 181 -38.53 55.06 -22.36
C LEU A 181 -39.38 56.18 -21.72
N LEU A 182 -38.74 57.25 -21.28
CA LEU A 182 -39.42 58.44 -20.73
C LEU A 182 -39.43 59.41 -21.90
N MET A 183 -40.54 59.44 -22.63
CA MET A 183 -40.67 60.31 -23.80
C MET A 183 -41.41 61.59 -23.47
N GLU A 184 -41.03 62.67 -24.14
CA GLU A 184 -41.66 63.96 -23.94
C GLU A 184 -41.44 64.76 -25.22
N ASN A 185 -42.53 65.18 -25.87
CA ASN A 185 -42.46 65.97 -27.10
C ASN A 185 -41.77 65.23 -28.23
N GLY A 186 -41.86 63.89 -28.26
CA GLY A 186 -41.17 63.15 -29.31
C GLY A 186 -39.66 63.02 -29.06
N GLU A 187 -39.23 63.40 -27.86
CA GLU A 187 -37.84 63.32 -27.47
C GLU A 187 -37.69 62.31 -26.36
N CYS A 188 -36.59 61.56 -26.33
CA CYS A 188 -36.43 60.62 -25.23
C CYS A 188 -35.63 61.31 -24.12
N ARG A 189 -36.06 61.15 -22.88
CA ARG A 189 -35.37 61.79 -21.77
C ARG A 189 -34.88 60.81 -20.69
N GLY A 190 -34.86 59.53 -21.01
CA GLY A 190 -34.37 58.55 -20.06
C GLY A 190 -35.18 57.28 -20.10
N VAL A 191 -35.04 56.48 -19.06
CA VAL A 191 -35.76 55.21 -18.98
C VAL A 191 -36.16 54.96 -17.56
N ILE A 192 -37.21 54.16 -17.37
CA ILE A 192 -37.65 53.79 -16.04
C ILE A 192 -37.39 52.28 -15.92
N ALA A 193 -36.95 51.84 -14.75
CA ALA A 193 -36.63 50.44 -14.57
C ALA A 193 -36.89 49.90 -13.18
N LEU A 194 -36.93 48.59 -13.08
CA LEU A 194 -37.14 47.91 -11.81
C LEU A 194 -35.80 47.30 -11.31
N CYS A 195 -35.46 47.54 -10.04
CA CYS A 195 -34.25 46.97 -9.41
C CYS A 195 -34.69 45.62 -8.86
N ILE A 196 -34.30 44.55 -9.54
CA ILE A 196 -34.67 43.19 -9.17
C ILE A 196 -34.19 42.76 -7.78
N GLU A 197 -33.05 43.30 -7.31
CA GLU A 197 -32.57 42.88 -5.99
C GLU A 197 -33.39 43.39 -4.80
N ASP A 198 -34.04 44.53 -4.95
CA ASP A 198 -34.78 45.07 -3.82
C ASP A 198 -36.19 45.57 -4.12
N GLY A 199 -36.62 45.39 -5.36
CA GLY A 199 -37.96 45.77 -5.74
C GLY A 199 -38.30 47.21 -5.96
N THR A 200 -37.33 48.10 -5.91
CA THR A 200 -37.61 49.52 -6.10
C THR A 200 -37.66 49.94 -7.58
N ILE A 201 -38.34 51.06 -7.83
CA ILE A 201 -38.47 51.62 -9.18
C ILE A 201 -37.47 52.80 -9.32
N HIS A 202 -36.74 52.84 -10.42
CA HIS A 202 -35.79 53.91 -10.67
C HIS A 202 -36.00 54.58 -12.00
N ARG A 203 -35.81 55.88 -12.02
CA ARG A 203 -35.93 56.66 -13.23
C ARG A 203 -34.58 57.25 -13.54
N PHE A 204 -34.05 56.93 -14.71
CA PHE A 204 -32.78 57.42 -15.11
C PHE A 204 -33.06 58.52 -16.11
N ARG A 205 -32.83 59.77 -15.72
CA ARG A 205 -33.02 60.90 -16.62
C ARG A 205 -31.69 61.23 -17.31
N ALA A 206 -31.73 61.54 -18.59
CA ALA A 206 -30.49 61.85 -19.31
C ALA A 206 -30.81 62.50 -20.62
N LYS A 207 -29.90 63.32 -21.09
CA LYS A 207 -30.10 63.97 -22.35
C LYS A 207 -30.03 62.96 -23.50
N ASN A 208 -29.33 61.84 -23.29
CA ASN A 208 -29.20 60.83 -24.35
C ASN A 208 -29.30 59.41 -23.83
N THR A 209 -30.08 58.61 -24.55
CA THR A 209 -30.31 57.22 -24.18
C THR A 209 -29.93 56.31 -25.31
N VAL A 210 -29.16 55.27 -24.98
CA VAL A 210 -28.71 54.30 -25.96
C VAL A 210 -29.34 52.91 -25.66
N ILE A 211 -30.07 52.39 -26.63
CA ILE A 211 -30.70 51.08 -26.48
C ILE A 211 -29.78 50.00 -27.13
N ALA A 212 -29.30 49.07 -26.30
CA ALA A 212 -28.38 48.02 -26.75
C ALA A 212 -28.85 46.69 -26.10
N THR A 213 -30.13 46.42 -26.20
CA THR A 213 -30.73 45.28 -25.57
C THR A 213 -30.72 43.93 -26.27
N GLY A 214 -30.07 43.82 -27.44
CA GLY A 214 -30.08 42.50 -28.05
C GLY A 214 -31.30 42.16 -28.87
N GLY A 215 -31.38 40.88 -29.27
CA GLY A 215 -32.48 40.43 -30.09
C GLY A 215 -33.62 39.77 -29.37
N TYR A 216 -34.46 39.07 -30.13
CA TYR A 216 -35.64 38.42 -29.60
C TYR A 216 -35.84 37.01 -30.15
N GLY A 217 -34.76 36.25 -30.26
CA GLY A 217 -34.86 34.89 -30.77
C GLY A 217 -35.76 33.97 -29.97
N ARG A 218 -35.98 34.32 -28.71
CA ARG A 218 -36.81 33.51 -27.84
C ARG A 218 -38.27 33.50 -28.19
N THR A 219 -38.68 34.28 -29.19
CA THR A 219 -40.07 34.24 -29.61
C THR A 219 -40.35 32.89 -30.28
N TYR A 220 -39.29 32.17 -30.69
CA TYR A 220 -39.41 30.86 -31.35
C TYR A 220 -39.28 29.69 -30.37
N PHE A 221 -39.66 28.49 -30.83
CA PHE A 221 -39.64 27.32 -29.97
C PHE A 221 -38.24 26.75 -29.89
N SER A 222 -37.54 26.82 -31.01
CA SER A 222 -36.18 26.35 -31.04
C SER A 222 -35.27 27.49 -31.49
N CYS A 223 -34.22 27.79 -30.73
CA CYS A 223 -33.30 28.91 -31.05
C CYS A 223 -31.94 28.73 -30.39
N THR A 224 -30.89 29.32 -30.96
CA THR A 224 -29.54 29.23 -30.37
C THR A 224 -29.49 30.30 -29.25
N SER A 225 -30.46 31.20 -29.30
CA SER A 225 -30.54 32.31 -28.38
C SER A 225 -30.68 31.99 -26.87
N ALA A 226 -30.16 32.88 -26.03
CA ALA A 226 -30.26 32.74 -24.57
C ALA A 226 -31.70 32.90 -24.16
N HIS A 227 -32.02 32.40 -22.97
CA HIS A 227 -33.36 32.55 -22.43
C HIS A 227 -33.64 34.01 -22.23
N THR A 228 -32.57 34.81 -22.15
CA THR A 228 -32.70 36.24 -21.94
C THR A 228 -32.84 37.16 -23.18
N SER A 229 -32.86 36.58 -24.39
CA SER A 229 -32.99 37.38 -25.62
C SER A 229 -34.47 37.54 -25.89
N THR A 230 -35.08 38.52 -25.23
CA THR A 230 -36.52 38.70 -25.29
C THR A 230 -37.02 40.00 -25.92
N GLY A 231 -36.15 40.65 -26.69
CA GLY A 231 -36.52 41.89 -27.36
C GLY A 231 -37.07 43.03 -26.49
N ASP A 232 -36.60 43.16 -25.25
CA ASP A 232 -37.09 44.20 -24.34
C ASP A 232 -36.94 45.65 -24.83
N GLY A 233 -35.85 45.92 -25.55
CA GLY A 233 -35.61 47.27 -26.06
C GLY A 233 -36.48 47.63 -27.26
N THR A 234 -36.69 46.64 -28.12
CA THR A 234 -37.53 46.78 -29.31
C THR A 234 -38.97 47.09 -28.86
N ALA A 235 -39.42 46.40 -27.80
CA ALA A 235 -40.75 46.57 -27.24
C ALA A 235 -40.93 47.97 -26.59
N MET A 236 -39.88 48.49 -25.97
CA MET A 236 -39.94 49.84 -25.37
C MET A 236 -40.15 50.84 -26.49
N VAL A 237 -39.44 50.67 -27.62
CA VAL A 237 -39.58 51.58 -28.75
C VAL A 237 -41.00 51.46 -29.28
N THR A 238 -41.48 50.22 -29.45
CA THR A 238 -42.85 50.05 -29.92
C THR A 238 -43.88 50.72 -28.98
N ARG A 239 -43.69 50.58 -27.68
CA ARG A 239 -44.65 51.17 -26.74
C ARG A 239 -44.62 52.69 -26.78
N ALA A 240 -43.52 53.27 -27.21
CA ALA A 240 -43.43 54.72 -27.25
C ALA A 240 -44.08 55.21 -28.55
N GLY A 241 -44.65 54.29 -29.32
CA GLY A 241 -45.29 54.68 -30.57
C GLY A 241 -44.33 54.87 -31.72
N LEU A 242 -43.09 54.44 -31.56
CA LEU A 242 -42.11 54.56 -32.63
C LEU A 242 -42.08 53.31 -33.53
N PRO A 243 -41.55 53.43 -34.77
CA PRO A 243 -41.54 52.20 -35.57
C PRO A 243 -40.30 51.29 -35.37
N CYS A 244 -40.50 49.99 -35.59
CA CYS A 244 -39.40 49.04 -35.63
C CYS A 244 -39.27 48.79 -37.14
N GLN A 245 -38.19 48.17 -37.56
CA GLN A 245 -37.94 47.95 -38.98
C GLN A 245 -37.48 46.55 -39.37
N ASP A 246 -38.03 46.03 -40.47
CA ASP A 246 -37.62 44.74 -41.03
C ASP A 246 -37.64 43.55 -40.10
N LEU A 247 -38.54 43.58 -39.14
CA LEU A 247 -38.67 42.51 -38.18
C LEU A 247 -38.97 41.18 -38.82
N GLU A 248 -39.58 41.15 -40.01
CA GLU A 248 -39.86 39.85 -40.62
C GLU A 248 -38.60 39.11 -41.10
N PHE A 249 -37.46 39.78 -41.08
CA PHE A 249 -36.22 39.13 -41.50
C PHE A 249 -35.51 38.44 -40.35
N VAL A 250 -35.79 37.15 -40.23
CA VAL A 250 -35.22 36.33 -39.17
C VAL A 250 -34.16 35.34 -39.67
N GLN A 251 -32.97 35.41 -39.12
CA GLN A 251 -31.94 34.48 -39.55
C GLN A 251 -31.95 33.11 -38.90
N PHE A 252 -32.00 32.08 -39.75
CA PHE A 252 -31.90 30.71 -39.29
C PHE A 252 -30.45 30.33 -39.54
N HIS A 253 -29.74 29.96 -38.47
CA HIS A 253 -28.35 29.54 -38.60
C HIS A 253 -28.42 28.07 -39.06
N PRO A 254 -27.60 27.71 -40.05
CA PRO A 254 -27.58 26.34 -40.60
C PRO A 254 -27.32 25.25 -39.59
N THR A 255 -26.45 25.52 -38.61
CA THR A 255 -26.11 24.45 -37.69
C THR A 255 -26.33 24.57 -36.17
N GLY A 256 -27.56 24.45 -35.72
CA GLY A 256 -27.78 24.44 -34.30
C GLY A 256 -27.76 22.94 -34.05
N ILE A 257 -27.23 22.50 -32.92
CA ILE A 257 -27.18 21.07 -32.68
C ILE A 257 -28.61 20.47 -32.48
N TYR A 258 -28.85 19.31 -33.10
CA TYR A 258 -30.15 18.65 -33.01
C TYR A 258 -30.58 18.38 -31.56
N GLY A 259 -31.79 18.78 -31.20
CA GLY A 259 -32.23 18.55 -29.83
C GLY A 259 -32.06 19.81 -29.00
N ALA A 260 -30.91 19.93 -28.35
CA ALA A 260 -30.57 21.07 -27.52
C ALA A 260 -30.70 22.40 -28.24
N GLY A 261 -30.31 22.49 -29.51
CA GLY A 261 -30.40 23.77 -30.19
C GLY A 261 -29.13 24.63 -30.12
N CYS A 262 -28.17 24.23 -29.28
CA CYS A 262 -26.91 24.95 -29.10
C CYS A 262 -26.18 25.16 -30.43
N LEU A 263 -25.62 26.34 -30.62
CA LEU A 263 -24.91 26.63 -31.85
C LEU A 263 -23.61 25.84 -32.05
N ILE A 264 -23.39 25.39 -33.27
CA ILE A 264 -22.13 24.71 -33.64
C ILE A 264 -21.58 25.69 -34.67
N THR A 265 -20.47 26.32 -34.35
CA THR A 265 -20.01 27.36 -35.24
C THR A 265 -19.79 27.07 -36.70
N GLU A 266 -20.09 28.08 -37.50
CA GLU A 266 -19.89 28.10 -38.92
C GLU A 266 -18.35 28.05 -39.14
N GLY A 267 -17.59 28.31 -38.06
CA GLY A 267 -16.13 28.21 -38.13
C GLY A 267 -15.78 26.76 -38.48
N CYS A 268 -16.66 25.82 -38.11
CA CYS A 268 -16.43 24.39 -38.45
C CYS A 268 -16.29 24.24 -39.96
N ARG A 269 -17.21 24.84 -40.71
CA ARG A 269 -17.15 24.79 -42.17
C ARG A 269 -16.00 25.68 -42.66
N GLY A 270 -15.73 26.78 -41.96
CA GLY A 270 -14.61 27.63 -42.39
C GLY A 270 -13.28 26.86 -42.35
N GLU A 271 -13.14 25.97 -41.36
CA GLU A 271 -11.92 25.17 -41.23
C GLU A 271 -11.92 23.88 -42.09
N GLY A 272 -12.96 23.64 -42.89
CA GLY A 272 -12.97 22.45 -43.73
C GLY A 272 -14.05 21.42 -43.50
N GLY A 273 -14.89 21.64 -42.48
CA GLY A 273 -15.94 20.67 -42.24
C GLY A 273 -16.96 20.72 -43.35
N ILE A 274 -17.75 19.67 -43.51
CA ILE A 274 -18.77 19.66 -44.56
C ILE A 274 -20.12 19.12 -44.10
N LEU A 275 -21.19 19.53 -44.79
CA LEU A 275 -22.51 19.02 -44.45
C LEU A 275 -22.85 17.80 -45.33
N ILE A 276 -23.36 16.73 -44.72
CA ILE A 276 -23.75 15.59 -45.55
C ILE A 276 -25.15 15.15 -45.16
N ASN A 277 -25.85 14.50 -46.09
CA ASN A 277 -27.20 14.00 -45.83
C ASN A 277 -27.14 12.52 -45.51
N SER A 278 -28.28 11.84 -45.51
CA SER A 278 -28.29 10.43 -45.14
C SER A 278 -27.67 9.51 -46.17
N GLN A 279 -27.43 10.00 -47.37
CA GLN A 279 -26.80 9.19 -48.38
C GLN A 279 -25.29 9.50 -48.40
N GLY A 280 -24.83 10.29 -47.44
CA GLY A 280 -23.42 10.61 -47.41
C GLY A 280 -23.05 11.67 -48.43
N GLU A 281 -24.02 12.22 -49.14
CA GLU A 281 -23.70 13.23 -50.14
C GLU A 281 -23.43 14.62 -49.56
N ARG A 282 -22.38 15.25 -50.09
CA ARG A 282 -22.01 16.61 -49.71
C ARG A 282 -22.92 17.45 -50.60
N PHE A 283 -24.19 17.56 -50.22
CA PHE A 283 -25.22 18.24 -51.01
C PHE A 283 -25.08 19.72 -51.34
N MET A 284 -24.30 20.49 -50.59
CA MET A 284 -24.17 21.89 -50.95
C MET A 284 -23.43 22.02 -52.29
N GLU A 285 -22.74 20.95 -52.71
CA GLU A 285 -22.04 21.05 -54.00
C GLU A 285 -23.06 21.22 -55.11
N ARG A 286 -24.27 20.77 -54.82
CA ARG A 286 -25.39 20.82 -55.75
C ARG A 286 -26.20 22.11 -55.63
N TYR A 287 -26.36 22.64 -54.41
CA TYR A 287 -27.11 23.89 -54.24
C TYR A 287 -26.29 25.14 -54.48
N ALA A 288 -24.99 25.08 -54.17
CA ALA A 288 -24.10 26.21 -54.40
C ALA A 288 -22.78 25.64 -54.97
N PRO A 289 -22.77 25.34 -56.28
CA PRO A 289 -21.58 24.78 -56.93
C PRO A 289 -20.26 25.44 -56.49
N VAL A 290 -20.23 26.77 -56.47
CA VAL A 290 -19.00 27.46 -56.07
C VAL A 290 -18.76 27.59 -54.54
N ALA A 291 -19.65 28.28 -53.84
CA ALA A 291 -19.47 28.45 -52.39
C ALA A 291 -19.59 27.18 -51.55
N LYS A 292 -20.43 26.24 -52.01
CA LYS A 292 -20.66 24.99 -51.30
C LYS A 292 -21.18 25.22 -49.86
N ASP A 293 -20.51 24.65 -48.85
CA ASP A 293 -20.95 24.82 -47.47
C ASP A 293 -20.60 26.22 -46.90
N LEU A 294 -19.99 27.09 -47.71
CA LEU A 294 -19.70 28.47 -47.26
C LEU A 294 -20.54 29.48 -48.05
N ALA A 295 -21.70 29.04 -48.49
CA ALA A 295 -22.63 29.93 -49.16
C ALA A 295 -23.26 30.75 -48.00
N SER A 296 -24.10 31.75 -48.32
CA SER A 296 -24.75 32.56 -47.28
C SER A 296 -25.71 31.74 -46.45
N ARG A 297 -25.94 32.18 -45.21
CA ARG A 297 -26.79 31.41 -44.33
C ARG A 297 -28.20 31.17 -44.82
N ASP A 298 -28.80 32.17 -45.46
CA ASP A 298 -30.16 31.97 -45.95
C ASP A 298 -30.20 30.81 -46.95
N VAL A 299 -29.18 30.71 -47.80
CA VAL A 299 -29.12 29.64 -48.80
C VAL A 299 -28.81 28.26 -48.21
N VAL A 300 -27.86 28.19 -47.31
CA VAL A 300 -27.52 26.89 -46.70
C VAL A 300 -28.73 26.37 -45.90
N SER A 301 -29.35 27.25 -45.11
CA SER A 301 -30.51 26.81 -44.31
C SER A 301 -31.65 26.29 -45.20
N ARG A 302 -32.00 27.02 -46.27
CA ARG A 302 -33.03 26.57 -47.17
C ARG A 302 -32.65 25.22 -47.83
N SER A 303 -31.39 25.10 -48.27
CA SER A 303 -30.89 23.85 -48.88
C SER A 303 -31.02 22.71 -47.88
N MET A 304 -30.54 22.90 -46.66
CA MET A 304 -30.71 21.83 -45.65
C MET A 304 -32.17 21.46 -45.43
N THR A 305 -33.03 22.46 -45.44
CA THR A 305 -34.46 22.24 -45.21
C THR A 305 -35.07 21.43 -46.37
N ILE A 306 -34.60 21.69 -47.61
CA ILE A 306 -35.10 20.95 -48.77
C ILE A 306 -34.63 19.50 -48.65
N GLU A 307 -33.34 19.27 -48.30
CA GLU A 307 -32.84 17.92 -48.15
C GLU A 307 -33.71 17.12 -47.20
N ILE A 308 -34.08 17.75 -46.09
CA ILE A 308 -34.92 17.08 -45.10
C ILE A 308 -36.34 16.82 -45.65
N ARG A 309 -36.95 17.85 -46.30
CA ARG A 309 -38.30 17.74 -46.90
C ARG A 309 -38.36 16.62 -47.94
N GLU A 310 -37.27 16.47 -48.69
CA GLU A 310 -37.18 15.48 -49.75
C GLU A 310 -36.70 14.10 -49.30
N GLY A 311 -36.77 13.85 -48.00
CA GLY A 311 -36.44 12.55 -47.44
C GLY A 311 -35.00 12.14 -47.16
N ARG A 312 -34.06 13.08 -47.24
CA ARG A 312 -32.66 12.69 -47.06
C ARG A 312 -32.10 13.10 -45.71
N GLY A 313 -33.01 13.30 -44.76
CA GLY A 313 -32.63 13.67 -43.40
C GLY A 313 -32.07 12.44 -42.70
N CYS A 314 -31.31 12.67 -41.63
CA CYS A 314 -30.65 11.61 -40.87
C CYS A 314 -31.36 11.39 -39.54
N GLY A 315 -30.92 10.37 -38.81
CA GLY A 315 -31.49 10.03 -37.51
C GLY A 315 -32.75 9.19 -37.59
N PRO A 316 -33.24 8.63 -36.47
CA PRO A 316 -34.48 7.83 -36.52
C PRO A 316 -35.70 8.60 -37.06
N GLU A 317 -35.68 9.92 -36.97
CA GLU A 317 -36.80 10.71 -37.45
C GLU A 317 -36.50 11.42 -38.76
N LYS A 318 -35.33 11.15 -39.32
CA LYS A 318 -34.93 11.78 -40.59
C LYS A 318 -35.27 13.26 -40.59
N ASP A 319 -34.96 13.93 -39.48
CA ASP A 319 -35.27 15.33 -39.31
C ASP A 319 -34.08 16.30 -39.17
N HIS A 320 -32.87 15.84 -39.41
CA HIS A 320 -31.72 16.72 -39.32
C HIS A 320 -30.66 16.19 -40.30
N VAL A 321 -29.50 16.83 -40.37
CA VAL A 321 -28.44 16.36 -41.25
C VAL A 321 -27.16 16.28 -40.44
N TYR A 322 -26.04 15.98 -41.10
CA TYR A 322 -24.77 15.86 -40.40
C TYR A 322 -23.72 16.85 -40.80
N LEU A 323 -22.97 17.24 -39.78
CA LEU A 323 -21.83 18.14 -39.93
C LEU A 323 -20.61 17.25 -39.69
N GLN A 324 -19.79 17.06 -40.72
CA GLN A 324 -18.64 16.17 -40.59
C GLN A 324 -17.30 16.87 -40.42
N LEU A 325 -16.60 16.56 -39.33
CA LEU A 325 -15.29 17.13 -39.04
C LEU A 325 -14.22 16.05 -38.89
N HIS A 326 -14.58 14.78 -38.86
CA HIS A 326 -13.53 13.78 -38.59
C HIS A 326 -12.46 13.59 -39.62
N HIS A 327 -12.65 14.11 -40.83
CA HIS A 327 -11.60 13.96 -41.85
C HIS A 327 -10.49 14.99 -41.57
N LEU A 328 -10.68 15.86 -40.55
CA LEU A 328 -9.66 16.88 -40.27
C LEU A 328 -8.68 16.37 -39.23
N PRO A 329 -7.43 16.86 -39.23
CA PRO A 329 -6.43 16.41 -38.26
C PRO A 329 -6.88 16.75 -36.84
N PRO A 330 -6.82 15.78 -35.91
CA PRO A 330 -7.26 16.11 -34.55
C PRO A 330 -6.56 17.28 -33.91
N GLN A 331 -5.34 17.61 -34.33
CA GLN A 331 -4.67 18.77 -33.73
C GLN A 331 -5.38 20.09 -34.12
N GLN A 332 -5.91 20.14 -35.35
CA GLN A 332 -6.64 21.31 -35.84
C GLN A 332 -7.99 21.43 -35.12
N LEU A 333 -8.61 20.31 -34.78
CA LEU A 333 -9.89 20.36 -34.09
C LEU A 333 -9.67 20.93 -32.68
N ALA A 334 -8.61 20.44 -32.04
CA ALA A 334 -8.25 20.86 -30.68
C ALA A 334 -7.75 22.29 -30.62
N THR A 335 -7.09 22.77 -31.67
CA THR A 335 -6.56 24.10 -31.68
C THR A 335 -7.57 25.14 -32.21
N ARG A 336 -8.34 24.79 -33.23
CA ARG A 336 -9.30 25.75 -33.79
C ARG A 336 -10.75 25.65 -33.31
N LEU A 337 -11.18 24.44 -32.93
CA LEU A 337 -12.56 24.20 -32.51
C LEU A 337 -12.71 23.44 -31.19
N PRO A 338 -11.89 23.77 -30.20
CA PRO A 338 -11.99 23.07 -28.90
C PRO A 338 -13.36 23.23 -28.24
N GLY A 339 -13.95 24.42 -28.38
CA GLY A 339 -15.26 24.67 -27.75
C GLY A 339 -16.38 23.77 -28.23
N ILE A 340 -16.55 23.67 -29.54
CA ILE A 340 -17.64 22.82 -30.02
C ILE A 340 -17.26 21.36 -29.82
N SER A 341 -15.97 21.04 -29.74
CA SER A 341 -15.59 19.64 -29.48
C SER A 341 -16.21 19.14 -28.18
N GLU A 342 -16.17 19.99 -27.15
CA GLU A 342 -16.73 19.69 -25.84
C GLU A 342 -18.26 19.66 -25.86
N THR A 343 -18.83 20.64 -26.55
CA THR A 343 -20.28 20.79 -26.65
C THR A 343 -20.89 19.58 -27.37
N ALA A 344 -20.26 19.17 -28.47
CA ALA A 344 -20.75 18.03 -29.21
C ALA A 344 -20.80 16.80 -28.29
N MET A 345 -19.76 16.65 -27.46
CA MET A 345 -19.72 15.51 -26.55
C MET A 345 -20.78 15.66 -25.46
N ILE A 346 -20.88 16.83 -24.86
CA ILE A 346 -21.87 17.02 -23.82
C ILE A 346 -23.33 16.89 -24.29
N PHE A 347 -23.67 17.50 -25.43
CA PHE A 347 -25.06 17.47 -25.85
C PHE A 347 -25.53 16.47 -26.89
N ALA A 348 -24.60 15.73 -27.51
CA ALA A 348 -24.99 14.75 -28.50
C ALA A 348 -24.19 13.46 -28.31
N GLY A 349 -23.31 13.43 -27.33
CA GLY A 349 -22.51 12.25 -27.09
C GLY A 349 -21.59 11.94 -28.25
N VAL A 350 -21.24 12.96 -29.03
CA VAL A 350 -20.38 12.78 -30.20
C VAL A 350 -18.93 13.14 -29.97
N ASP A 351 -18.03 12.31 -30.50
CA ASP A 351 -16.57 12.53 -30.45
C ASP A 351 -16.28 13.02 -31.88
N VAL A 352 -16.03 14.32 -32.06
CA VAL A 352 -15.82 14.85 -33.40
C VAL A 352 -14.67 14.26 -34.21
N THR A 353 -13.72 13.59 -33.57
CA THR A 353 -12.62 13.00 -34.35
C THR A 353 -13.08 11.68 -34.95
N LYS A 354 -14.25 11.20 -34.56
CA LYS A 354 -14.74 9.92 -35.06
C LYS A 354 -16.10 9.91 -35.76
N GLU A 355 -17.03 10.76 -35.33
CA GLU A 355 -18.37 10.79 -35.90
C GLU A 355 -18.91 12.19 -36.16
N PRO A 356 -19.92 12.32 -37.03
CA PRO A 356 -20.46 13.65 -37.31
C PRO A 356 -21.42 14.17 -36.25
N ILE A 357 -21.61 15.49 -36.26
CA ILE A 357 -22.52 16.16 -35.35
C ILE A 357 -23.89 16.28 -36.02
N PRO A 358 -24.99 15.98 -35.28
CA PRO A 358 -26.34 16.10 -35.86
C PRO A 358 -26.75 17.55 -35.75
N VAL A 359 -27.09 18.16 -36.88
CA VAL A 359 -27.44 19.59 -36.93
C VAL A 359 -28.72 19.91 -37.76
N LEU A 360 -29.24 21.12 -37.60
CA LEU A 360 -30.49 21.53 -38.24
C LEU A 360 -30.59 23.09 -38.18
N PRO A 361 -31.17 23.74 -39.21
CA PRO A 361 -31.33 25.19 -39.26
C PRO A 361 -32.07 25.61 -37.99
N THR A 362 -31.60 26.66 -37.32
CA THR A 362 -32.20 27.07 -36.02
C THR A 362 -32.21 28.59 -35.93
N VAL A 363 -33.33 29.16 -35.45
CA VAL A 363 -33.49 30.61 -35.27
C VAL A 363 -32.28 31.05 -34.47
N HIS A 364 -31.65 32.13 -34.95
CA HIS A 364 -30.40 32.57 -34.38
C HIS A 364 -30.17 34.07 -34.19
N TYR A 365 -30.70 34.90 -35.09
CA TYR A 365 -30.39 36.32 -35.02
C TYR A 365 -31.45 37.13 -35.73
N ASN A 366 -31.67 38.36 -35.27
CA ASN A 366 -32.69 39.22 -35.89
C ASN A 366 -32.11 40.35 -36.72
N MET A 367 -32.34 40.34 -38.04
CA MET A 367 -31.81 41.41 -38.91
C MET A 367 -32.51 42.75 -38.62
N GLY A 368 -33.81 42.70 -38.33
CA GLY A 368 -34.53 43.92 -38.02
C GLY A 368 -34.29 44.40 -36.59
N GLY A 369 -34.89 45.52 -36.25
CA GLY A 369 -34.74 46.08 -34.92
C GLY A 369 -35.23 47.52 -34.95
N ILE A 370 -34.64 48.36 -34.11
CA ILE A 370 -35.00 49.77 -34.08
C ILE A 370 -34.24 50.46 -35.22
N PRO A 371 -34.96 51.16 -36.15
CA PRO A 371 -34.26 51.84 -37.26
C PRO A 371 -33.38 52.99 -36.80
N THR A 372 -32.17 53.06 -37.35
CA THR A 372 -31.24 54.13 -36.98
C THR A 372 -30.56 54.62 -38.25
N ASN A 373 -29.83 55.74 -38.19
CA ASN A 373 -29.09 56.15 -39.38
C ASN A 373 -27.69 55.55 -39.14
N TYR A 374 -26.71 55.82 -40.01
CA TYR A 374 -25.38 55.23 -39.82
C TYR A 374 -24.62 55.81 -38.66
N LYS A 375 -25.20 56.82 -38.00
CA LYS A 375 -24.52 57.40 -36.83
C LYS A 375 -25.03 56.78 -35.55
N GLY A 376 -26.02 55.90 -35.67
CA GLY A 376 -26.58 55.24 -34.51
C GLY A 376 -27.83 55.92 -33.98
N GLN A 377 -28.21 57.03 -34.58
CA GLN A 377 -29.39 57.75 -34.09
C GLN A 377 -30.65 57.09 -34.55
N VAL A 378 -31.58 56.92 -33.62
CA VAL A 378 -32.86 56.32 -33.95
C VAL A 378 -33.67 57.29 -34.81
N ILE A 379 -34.35 56.76 -35.83
CA ILE A 379 -35.16 57.58 -36.70
C ILE A 379 -36.60 57.13 -36.81
N THR A 380 -37.44 58.06 -37.22
CA THR A 380 -38.82 57.74 -37.50
C THR A 380 -38.98 58.19 -38.95
N HIS A 381 -40.12 57.92 -39.58
CA HIS A 381 -40.33 58.29 -40.99
C HIS A 381 -41.68 58.97 -41.12
N VAL A 382 -41.68 60.27 -41.39
CA VAL A 382 -42.91 61.07 -41.51
C VAL A 382 -43.05 61.82 -42.82
N ASN A 383 -44.19 61.67 -43.48
CA ASN A 383 -44.42 62.36 -44.75
C ASN A 383 -43.25 62.13 -45.69
N GLY A 384 -42.99 60.86 -45.96
CA GLY A 384 -41.91 60.49 -46.85
C GLY A 384 -40.51 60.92 -46.46
N GLU A 385 -40.29 61.31 -45.22
CA GLU A 385 -38.93 61.70 -44.86
C GLU A 385 -38.46 61.12 -43.52
N ASP A 386 -37.21 60.66 -43.49
CA ASP A 386 -36.64 60.11 -42.26
C ASP A 386 -36.37 61.28 -41.32
N LYS A 387 -36.66 61.09 -40.04
CA LYS A 387 -36.46 62.15 -39.08
C LYS A 387 -35.84 61.56 -37.79
N VAL A 388 -34.81 62.22 -37.29
CA VAL A 388 -34.13 61.77 -36.09
C VAL A 388 -35.03 61.95 -34.86
N VAL A 389 -34.94 61.03 -33.89
CA VAL A 389 -35.70 61.10 -32.64
C VAL A 389 -34.69 61.68 -31.69
N PRO A 390 -34.91 62.93 -31.25
CA PRO A 390 -33.97 63.57 -30.34
C PRO A 390 -33.64 62.78 -29.10
N GLY A 391 -32.33 62.61 -28.83
CA GLY A 391 -31.86 61.90 -27.64
C GLY A 391 -31.95 60.38 -27.56
N LEU A 392 -32.27 59.72 -28.67
CA LEU A 392 -32.39 58.27 -28.66
C LEU A 392 -31.46 57.60 -29.66
N TYR A 393 -30.66 56.64 -29.17
CA TYR A 393 -29.72 55.89 -29.99
C TYR A 393 -29.96 54.38 -29.80
N ALA A 394 -29.47 53.57 -30.74
CA ALA A 394 -29.61 52.11 -30.68
C ALA A 394 -28.42 51.50 -31.43
N CYS A 395 -27.91 50.40 -30.90
CA CYS A 395 -26.78 49.71 -31.54
C CYS A 395 -26.85 48.23 -31.15
N GLY A 396 -26.19 47.39 -31.93
CA GLY A 396 -26.19 45.97 -31.64
C GLY A 396 -27.33 45.29 -32.33
N GLU A 397 -27.60 44.06 -31.92
CA GLU A 397 -28.67 43.30 -32.55
C GLU A 397 -30.03 43.98 -32.40
N ALA A 398 -30.16 44.85 -31.42
CA ALA A 398 -31.45 45.53 -31.23
C ALA A 398 -31.73 46.59 -32.31
N ALA A 399 -30.69 47.06 -32.99
CA ALA A 399 -30.86 48.10 -34.00
C ALA A 399 -30.92 47.59 -35.43
N SER A 400 -31.44 48.43 -36.34
CA SER A 400 -31.45 48.11 -37.77
C SER A 400 -30.81 49.32 -38.42
N ALA A 401 -29.48 49.27 -38.57
CA ALA A 401 -28.74 50.41 -39.15
C ALA A 401 -29.00 50.87 -40.61
N SER A 402 -29.29 49.97 -41.57
CA SER A 402 -29.34 48.52 -41.42
C SER A 402 -28.11 47.98 -42.16
N VAL A 403 -27.14 47.38 -41.46
CA VAL A 403 -25.98 46.85 -42.18
C VAL A 403 -26.21 45.44 -42.70
N HIS A 404 -27.26 44.76 -42.21
CA HIS A 404 -27.46 43.38 -42.61
C HIS A 404 -28.60 43.12 -43.58
N GLY A 405 -29.44 44.14 -43.80
CA GLY A 405 -30.54 43.96 -44.72
C GLY A 405 -31.38 42.72 -44.52
N ALA A 406 -31.51 41.90 -45.57
CA ALA A 406 -32.33 40.71 -45.48
C ALA A 406 -31.56 39.45 -45.10
N ASN A 407 -30.26 39.58 -44.85
CA ASN A 407 -29.44 38.44 -44.43
C ASN A 407 -28.03 38.84 -43.94
N ARG A 408 -27.77 38.60 -42.67
CA ARG A 408 -26.47 38.93 -42.10
C ARG A 408 -25.39 37.88 -42.40
N LEU A 409 -24.18 38.35 -42.68
CA LEU A 409 -23.04 37.48 -42.95
C LEU A 409 -22.46 37.08 -41.60
N GLY A 410 -22.12 35.80 -41.48
CA GLY A 410 -21.49 35.36 -40.24
C GLY A 410 -20.28 36.25 -39.95
N ALA A 411 -20.07 36.49 -38.65
CA ALA A 411 -18.99 37.30 -38.13
C ALA A 411 -19.13 38.80 -38.35
N ASN A 412 -20.23 39.23 -38.93
CA ASN A 412 -20.44 40.69 -39.07
C ASN A 412 -21.22 41.27 -37.85
N SER A 413 -21.75 40.42 -36.98
CA SER A 413 -22.51 41.00 -35.85
C SER A 413 -21.62 41.55 -34.71
N LEU A 414 -20.60 40.78 -34.32
CA LEU A 414 -19.66 41.20 -33.29
C LEU A 414 -18.97 42.47 -33.79
N LEU A 415 -18.78 42.57 -35.10
CA LEU A 415 -18.17 43.73 -35.71
C LEU A 415 -19.13 44.93 -35.54
N ASP A 416 -20.37 44.68 -35.88
CA ASP A 416 -21.44 45.63 -35.77
C ASP A 416 -21.51 46.18 -34.32
N LEU A 417 -21.34 45.32 -33.31
CA LEU A 417 -21.44 45.77 -31.93
C LEU A 417 -20.39 46.79 -31.52
N VAL A 418 -19.13 46.51 -31.85
CA VAL A 418 -18.12 47.43 -31.42
C VAL A 418 -18.07 48.66 -32.30
N VAL A 419 -18.36 48.51 -33.58
CA VAL A 419 -18.34 49.67 -34.45
C VAL A 419 -19.43 50.68 -34.14
N PHE A 420 -20.67 50.22 -34.02
CA PHE A 420 -21.77 51.15 -33.75
C PHE A 420 -21.95 51.49 -32.29
N GLY A 421 -21.42 50.64 -31.40
CA GLY A 421 -21.45 50.97 -29.98
C GLY A 421 -20.55 52.20 -29.89
N ARG A 422 -19.39 52.12 -30.54
CA ARG A 422 -18.48 53.23 -30.56
C ARG A 422 -19.08 54.45 -31.30
N ALA A 423 -19.75 54.24 -32.42
CA ALA A 423 -20.32 55.37 -33.17
C ALA A 423 -21.36 56.13 -32.37
N CYS A 424 -22.21 55.43 -31.64
CA CYS A 424 -23.20 56.14 -30.81
C CYS A 424 -22.44 57.09 -29.88
N ALA A 425 -21.41 56.59 -29.22
CA ALA A 425 -20.63 57.40 -28.29
C ALA A 425 -20.03 58.61 -29.00
N LEU A 426 -19.36 58.38 -30.12
CA LEU A 426 -18.76 59.46 -30.88
C LEU A 426 -19.75 60.53 -31.28
N THR A 427 -20.88 60.08 -31.82
CA THR A 427 -21.95 60.96 -32.26
C THR A 427 -22.50 61.84 -31.12
N ILE A 428 -22.68 61.25 -29.95
CA ILE A 428 -23.17 62.00 -28.79
C ILE A 428 -22.11 63.04 -28.37
N ALA A 429 -20.84 62.63 -28.34
CA ALA A 429 -19.74 63.52 -27.99
C ALA A 429 -19.51 64.63 -29.02
N GLU A 430 -19.91 64.44 -30.27
CA GLU A 430 -19.70 65.51 -31.24
C GLU A 430 -20.99 66.30 -31.39
N THR A 431 -21.95 66.02 -30.52
CA THR A 431 -23.27 66.62 -30.55
C THR A 431 -23.63 67.36 -29.27
N CYS A 432 -23.16 66.85 -28.14
CA CYS A 432 -23.46 67.40 -26.83
C CYS A 432 -22.20 67.55 -26.00
N LYS A 433 -22.36 68.11 -24.82
CA LYS A 433 -21.24 68.31 -23.92
C LYS A 433 -21.57 67.74 -22.55
N PRO A 434 -20.58 67.12 -21.90
CA PRO A 434 -20.93 66.57 -20.59
C PRO A 434 -21.37 67.71 -19.70
N GLY A 435 -22.22 67.43 -18.73
CA GLY A 435 -22.65 68.47 -17.81
C GLY A 435 -23.79 69.36 -18.25
N GLU A 436 -24.16 69.34 -19.52
CA GLU A 436 -25.27 70.18 -19.92
C GLU A 436 -26.46 69.80 -19.07
N PRO A 437 -27.42 70.72 -18.88
CA PRO A 437 -28.59 70.42 -18.05
C PRO A 437 -29.42 69.20 -18.47
N VAL A 438 -29.90 68.48 -17.47
CA VAL A 438 -30.69 67.29 -17.73
C VAL A 438 -32.14 67.67 -18.05
N PRO A 439 -32.69 67.10 -19.13
CA PRO A 439 -34.07 67.39 -19.53
C PRO A 439 -35.08 67.02 -18.47
N SER A 440 -36.17 67.75 -18.42
CA SER A 440 -37.22 67.52 -17.44
C SER A 440 -38.28 66.54 -17.90
N ILE A 441 -38.92 65.91 -16.92
CA ILE A 441 -39.99 64.95 -17.14
C ILE A 441 -41.10 65.28 -16.13
N LYS A 442 -42.35 65.05 -16.50
CA LYS A 442 -43.46 65.28 -15.59
C LYS A 442 -43.23 64.41 -14.35
N PRO A 443 -43.67 64.87 -13.18
CA PRO A 443 -43.50 64.15 -11.89
C PRO A 443 -44.02 62.73 -11.84
N ASN A 444 -45.00 62.42 -12.68
CA ASN A 444 -45.61 61.10 -12.73
C ASN A 444 -45.14 60.34 -13.98
N ALA A 445 -44.07 60.82 -14.61
CA ALA A 445 -43.58 60.14 -15.80
C ALA A 445 -43.24 58.73 -15.44
N GLY A 446 -43.69 57.81 -16.28
CA GLY A 446 -43.44 56.40 -16.08
C GLY A 446 -44.48 55.67 -15.27
N GLU A 447 -45.50 56.38 -14.81
CA GLU A 447 -46.51 55.75 -13.98
C GLU A 447 -47.24 54.60 -14.65
N GLU A 448 -47.47 54.69 -15.94
CA GLU A 448 -48.16 53.60 -16.62
C GLU A 448 -47.26 52.34 -16.70
N SER A 449 -45.95 52.49 -16.59
CA SER A 449 -45.07 51.32 -16.61
C SER A 449 -45.23 50.62 -15.27
N VAL A 450 -45.31 51.41 -14.21
CA VAL A 450 -45.47 50.87 -12.86
C VAL A 450 -46.83 50.23 -12.68
N ALA A 451 -47.85 50.82 -13.30
CA ALA A 451 -49.18 50.25 -13.15
C ALA A 451 -49.26 48.91 -13.90
N ASN A 452 -48.63 48.82 -15.08
CA ASN A 452 -48.66 47.57 -15.84
C ASN A 452 -47.88 46.53 -15.02
N LEU A 453 -46.79 46.98 -14.42
CA LEU A 453 -45.98 46.07 -13.62
C LEU A 453 -46.83 45.55 -12.44
N ASP A 454 -47.63 46.43 -11.87
CA ASP A 454 -48.44 46.01 -10.72
C ASP A 454 -49.56 45.10 -11.16
N LYS A 455 -50.09 45.37 -12.35
CA LYS A 455 -51.13 44.51 -12.91
C LYS A 455 -50.60 43.05 -13.09
N LEU A 456 -49.39 42.85 -13.62
CA LEU A 456 -48.88 41.48 -13.79
C LEU A 456 -48.49 40.80 -12.47
N ARG A 457 -48.03 41.60 -11.52
CA ARG A 457 -47.61 41.07 -10.23
C ARG A 457 -48.72 40.31 -9.50
N PHE A 458 -49.95 40.86 -9.59
CA PHE A 458 -51.14 40.29 -8.94
C PHE A 458 -52.11 39.60 -9.89
N ALA A 459 -51.72 39.39 -11.16
CA ALA A 459 -52.61 38.76 -12.15
C ALA A 459 -53.15 37.43 -11.66
N ASP A 460 -54.46 37.29 -11.75
CA ASP A 460 -55.11 36.08 -11.26
C ASP A 460 -56.07 35.52 -12.28
N GLY A 461 -55.66 35.58 -13.53
CA GLY A 461 -56.47 35.09 -14.61
C GLY A 461 -56.54 33.57 -14.71
N THR A 462 -56.63 33.13 -15.96
CA THR A 462 -56.79 31.72 -16.29
C THR A 462 -55.67 31.10 -17.16
N ILE A 463 -54.83 31.94 -17.74
CA ILE A 463 -53.75 31.46 -18.61
C ILE A 463 -52.44 31.89 -18.01
N ARG A 464 -51.68 30.94 -17.47
CA ARG A 464 -50.40 31.29 -16.89
C ARG A 464 -49.38 31.63 -18.00
N THR A 465 -48.42 32.47 -17.61
CA THR A 465 -47.40 32.93 -18.49
C THR A 465 -46.72 31.86 -19.35
N SER A 466 -46.28 30.78 -18.73
CA SER A 466 -45.61 29.74 -19.51
C SER A 466 -46.50 29.12 -20.56
N GLU A 467 -47.81 29.12 -20.31
CA GLU A 467 -48.75 28.56 -21.27
C GLU A 467 -48.87 29.46 -22.48
N ALA A 468 -49.02 30.75 -22.24
CA ALA A 468 -49.15 31.68 -23.36
C ALA A 468 -47.82 31.80 -24.12
N ARG A 469 -46.69 31.74 -23.41
CA ARG A 469 -45.40 31.85 -24.11
C ARG A 469 -45.21 30.62 -25.01
N LEU A 470 -45.49 29.45 -24.49
CA LEU A 470 -45.36 28.26 -25.32
C LEU A 470 -46.25 28.38 -26.57
N ASN A 471 -47.48 28.86 -26.40
CA ASN A 471 -48.39 29.07 -27.55
C ASN A 471 -47.76 29.98 -28.59
N MET A 472 -47.19 31.09 -28.12
CA MET A 472 -46.55 32.02 -29.02
C MET A 472 -45.38 31.36 -29.76
N GLN A 473 -44.52 30.66 -29.02
CA GLN A 473 -43.35 30.03 -29.63
C GLN A 473 -43.70 28.96 -30.64
N LYS A 474 -44.74 28.17 -30.36
CA LYS A 474 -45.13 27.14 -31.32
C LYS A 474 -45.77 27.74 -32.55
N THR A 475 -46.53 28.82 -32.40
CA THR A 475 -47.15 29.46 -33.55
C THR A 475 -46.07 29.96 -34.50
N MET A 476 -45.12 30.73 -33.96
CA MET A 476 -44.02 31.26 -34.77
C MET A 476 -43.20 30.13 -35.41
N GLN A 477 -42.95 29.08 -34.67
CA GLN A 477 -42.14 28.01 -35.22
C GLN A 477 -42.82 27.36 -36.40
N SER A 478 -44.11 27.17 -36.30
CA SER A 478 -44.79 26.51 -37.40
C SER A 478 -45.49 27.41 -38.42
N HIS A 479 -45.49 28.72 -38.21
CA HIS A 479 -46.11 29.61 -39.20
C HIS A 479 -45.18 30.65 -39.81
N ALA A 480 -43.93 30.75 -39.33
CA ALA A 480 -42.99 31.74 -39.87
C ALA A 480 -41.57 31.19 -39.86
N ALA A 481 -41.41 30.00 -40.42
CA ALA A 481 -40.11 29.30 -40.48
C ALA A 481 -39.30 29.58 -41.75
N VAL A 482 -38.39 28.67 -42.10
CA VAL A 482 -37.54 28.88 -43.27
C VAL A 482 -38.28 29.16 -44.57
N PHE A 483 -39.32 28.39 -44.88
CA PHE A 483 -40.14 28.61 -46.08
C PHE A 483 -41.49 29.07 -45.55
N ARG A 484 -42.09 30.06 -46.21
CA ARG A 484 -43.35 30.62 -45.77
C ARG A 484 -44.34 30.74 -46.92
N THR A 485 -45.62 30.84 -46.59
CA THR A 485 -46.64 31.01 -47.60
C THR A 485 -47.78 31.83 -47.03
N GLY A 486 -48.46 32.52 -47.94
CA GLY A 486 -49.55 33.40 -47.58
C GLY A 486 -50.61 32.90 -46.63
N SER A 487 -51.15 31.72 -46.89
CA SER A 487 -52.19 31.22 -46.03
C SER A 487 -51.68 30.77 -44.66
N ILE A 488 -50.47 30.25 -44.59
CA ILE A 488 -49.94 29.83 -43.29
C ILE A 488 -49.59 31.06 -42.47
N LEU A 489 -49.00 32.07 -43.12
CA LEU A 489 -48.69 33.34 -42.43
C LEU A 489 -49.98 33.94 -41.84
N GLN A 490 -51.06 33.93 -42.64
CA GLN A 490 -52.33 34.49 -42.20
C GLN A 490 -52.93 33.77 -41.04
N GLU A 491 -52.85 32.44 -41.04
CA GLU A 491 -53.40 31.75 -39.89
C GLU A 491 -52.52 32.05 -38.67
N GLY A 492 -51.22 32.18 -38.90
CA GLY A 492 -50.32 32.49 -37.79
C GLY A 492 -50.64 33.86 -37.23
N CYS A 493 -50.92 34.82 -38.11
CA CYS A 493 -51.25 36.18 -37.67
C CYS A 493 -52.49 36.17 -36.77
N GLU A 494 -53.49 35.42 -37.18
CA GLU A 494 -54.72 35.40 -36.41
C GLU A 494 -54.51 34.68 -35.10
N LYS A 495 -53.69 33.65 -35.13
CA LYS A 495 -53.37 32.91 -33.91
C LYS A 495 -52.66 33.84 -32.92
N LEU A 496 -51.67 34.60 -33.39
CA LEU A 496 -50.93 35.52 -32.49
C LEU A 496 -51.82 36.64 -31.95
N SER A 497 -52.71 37.15 -32.79
CA SER A 497 -53.61 38.21 -32.39
C SER A 497 -54.51 37.74 -31.27
N GLN A 498 -54.98 36.50 -31.35
CA GLN A 498 -55.83 35.93 -30.31
C GLN A 498 -54.99 35.74 -29.02
N ILE A 499 -53.77 35.21 -29.17
CA ILE A 499 -52.92 35.00 -28.01
C ILE A 499 -52.65 36.36 -27.39
N TYR A 500 -52.45 37.37 -28.22
CA TYR A 500 -52.21 38.71 -27.67
C TYR A 500 -53.45 39.18 -26.87
N ARG A 501 -54.64 39.04 -27.44
CA ARG A 501 -55.86 39.44 -26.72
C ARG A 501 -55.99 38.65 -25.44
N ASP A 502 -55.60 37.38 -25.48
CA ASP A 502 -55.71 36.56 -24.27
C ASP A 502 -54.74 36.88 -23.13
N LEU A 503 -53.81 37.79 -23.35
CA LEU A 503 -52.90 38.17 -22.28
C LEU A 503 -53.77 38.83 -21.17
N ALA A 504 -55.00 39.19 -21.51
CA ALA A 504 -55.90 39.82 -20.52
C ALA A 504 -56.22 38.81 -19.43
N HIS A 505 -56.06 37.54 -19.77
CA HIS A 505 -56.35 36.47 -18.85
C HIS A 505 -55.12 35.84 -18.19
N LEU A 506 -54.01 36.57 -18.14
CA LEU A 506 -52.78 36.05 -17.53
C LEU A 506 -52.91 35.71 -16.06
N LYS A 507 -52.16 34.70 -15.64
CA LYS A 507 -52.15 34.26 -14.25
C LYS A 507 -50.71 34.12 -13.75
N THR A 508 -50.35 34.84 -12.69
CA THR A 508 -49.03 34.68 -12.11
C THR A 508 -49.25 34.16 -10.70
N PHE A 509 -48.20 33.73 -10.04
CA PHE A 509 -48.30 33.17 -8.72
C PHE A 509 -47.43 33.85 -7.67
N ASP A 510 -46.22 34.26 -8.05
CA ASP A 510 -45.32 34.87 -7.07
C ASP A 510 -45.84 36.26 -6.81
N ARG A 511 -46.10 36.59 -5.56
CA ARG A 511 -46.61 37.92 -5.20
C ARG A 511 -45.54 38.81 -4.60
N GLY A 512 -44.31 38.29 -4.53
CA GLY A 512 -43.21 39.07 -4.01
C GLY A 512 -42.69 40.10 -5.00
N ILE A 513 -41.71 40.89 -4.57
CA ILE A 513 -41.13 41.91 -5.46
C ILE A 513 -39.62 41.67 -5.63
N VAL A 514 -38.98 41.11 -4.62
CA VAL A 514 -37.55 40.81 -4.68
C VAL A 514 -37.30 39.55 -5.52
N TRP A 515 -36.57 39.68 -6.62
CA TRP A 515 -36.27 38.54 -7.47
C TRP A 515 -37.50 37.72 -7.85
N ASN A 516 -38.53 38.42 -8.31
CA ASN A 516 -39.73 37.73 -8.70
C ASN A 516 -39.57 37.48 -10.19
N THR A 517 -38.96 36.35 -10.53
CA THR A 517 -38.72 35.99 -11.91
C THR A 517 -40.01 35.56 -12.60
N ASP A 518 -41.05 35.25 -11.82
CA ASP A 518 -42.35 34.85 -12.37
C ASP A 518 -42.85 36.14 -13.04
N LEU A 519 -42.72 37.25 -12.32
CA LEU A 519 -43.13 38.56 -12.84
C LEU A 519 -42.23 39.04 -14.03
N VAL A 520 -40.92 39.03 -13.87
CA VAL A 520 -40.02 39.45 -14.92
C VAL A 520 -40.24 38.64 -16.20
N GLU A 521 -40.49 37.34 -16.08
CA GLU A 521 -40.73 36.59 -17.32
C GLU A 521 -42.08 36.96 -17.94
N THR A 522 -43.04 37.51 -17.17
CA THR A 522 -44.33 37.93 -17.75
C THR A 522 -44.12 39.24 -18.49
N LEU A 523 -43.28 40.12 -17.94
CA LEU A 523 -42.93 41.34 -18.63
C LEU A 523 -42.21 40.96 -19.97
N GLU A 524 -41.25 40.02 -19.90
CA GLU A 524 -40.53 39.60 -21.12
C GLU A 524 -41.52 39.01 -22.13
N LEU A 525 -42.57 38.32 -21.65
CA LEU A 525 -43.59 37.78 -22.57
C LEU A 525 -44.33 38.89 -23.33
N GLN A 526 -44.71 39.95 -22.63
CA GLN A 526 -45.36 41.10 -23.28
C GLN A 526 -44.41 41.69 -24.37
N ASN A 527 -43.12 41.75 -24.06
CA ASN A 527 -42.13 42.28 -24.99
C ASN A 527 -42.00 41.32 -26.18
N LEU A 528 -41.81 40.03 -25.92
CA LEU A 528 -41.71 39.02 -26.98
C LEU A 528 -42.91 39.07 -27.96
N MET A 529 -44.12 39.14 -27.41
CA MET A 529 -45.36 39.18 -28.20
C MET A 529 -45.43 40.40 -29.11
N LEU A 530 -44.94 41.55 -28.66
CA LEU A 530 -45.00 42.72 -29.53
C LEU A 530 -44.05 42.52 -30.69
N CYS A 531 -42.90 41.89 -30.42
CA CYS A 531 -41.91 41.61 -31.47
C CYS A 531 -42.50 40.58 -32.43
N ALA A 532 -43.06 39.52 -31.89
CA ALA A 532 -43.65 38.48 -32.74
C ALA A 532 -44.78 38.99 -33.65
N LEU A 533 -45.69 39.80 -33.10
CA LEU A 533 -46.78 40.31 -33.92
C LEU A 533 -46.25 41.02 -35.15
N GLN A 534 -45.32 41.94 -34.93
CA GLN A 534 -44.74 42.71 -36.01
C GLN A 534 -44.01 41.85 -37.03
N THR A 535 -43.31 40.84 -36.55
CA THR A 535 -42.58 39.92 -37.42
C THR A 535 -43.50 39.19 -38.39
N ILE A 536 -44.54 38.58 -37.85
CA ILE A 536 -45.47 37.81 -38.65
C ILE A 536 -46.39 38.68 -39.52
N TYR A 537 -46.84 39.84 -39.04
CA TYR A 537 -47.68 40.67 -39.91
C TYR A 537 -46.84 41.22 -41.07
N GLY A 538 -45.63 41.67 -40.74
CA GLY A 538 -44.73 42.17 -41.75
C GLY A 538 -44.44 41.08 -42.79
N ALA A 539 -44.21 39.84 -42.35
CA ALA A 539 -43.97 38.72 -43.28
C ALA A 539 -45.14 38.48 -44.24
N GLU A 540 -46.35 38.48 -43.71
CA GLU A 540 -47.57 38.26 -44.49
C GLU A 540 -47.74 39.34 -45.56
N ALA A 541 -47.36 40.57 -45.26
CA ALA A 541 -47.48 41.66 -46.23
C ALA A 541 -46.38 41.65 -47.31
N ARG A 542 -45.16 41.22 -46.94
CA ARG A 542 -44.09 41.18 -47.91
C ARG A 542 -44.28 40.03 -48.90
N LYS A 543 -44.84 40.36 -50.06
CA LYS A 543 -45.10 39.35 -51.06
C LYS A 543 -43.98 39.24 -52.09
N GLU A 544 -42.83 38.72 -51.65
CA GLU A 544 -41.66 38.54 -52.51
C GLU A 544 -40.76 37.67 -51.67
N SER A 545 -39.67 37.17 -52.26
CA SER A 545 -38.68 36.40 -51.52
C SER A 545 -37.39 37.24 -51.56
N ARG A 546 -36.80 37.54 -50.39
CA ARG A 546 -35.57 38.33 -50.36
C ARG A 546 -34.76 37.84 -49.17
N GLY A 547 -33.52 37.45 -49.44
CA GLY A 547 -32.67 36.96 -48.38
C GLY A 547 -33.34 35.88 -47.52
N ALA A 548 -33.35 36.06 -46.21
CA ALA A 548 -33.94 35.08 -45.30
C ALA A 548 -35.46 34.89 -45.39
N HIS A 549 -36.16 35.80 -46.04
CA HIS A 549 -37.62 35.72 -46.15
C HIS A 549 -37.92 35.05 -47.48
N ALA A 550 -38.43 33.82 -47.40
CA ALA A 550 -38.74 33.04 -48.60
C ALA A 550 -40.22 32.73 -48.66
N ARG A 551 -40.87 33.17 -49.74
CA ARG A 551 -42.29 32.93 -49.96
C ARG A 551 -42.44 31.89 -51.08
N GLU A 552 -43.09 30.77 -50.82
CA GLU A 552 -43.22 29.81 -51.90
C GLU A 552 -44.33 30.23 -52.87
N ASP A 553 -45.08 31.26 -52.50
CA ASP A 553 -46.17 31.79 -53.33
C ASP A 553 -45.71 33.05 -54.07
N TYR A 554 -44.54 33.57 -53.67
CA TYR A 554 -43.94 34.77 -54.27
C TYR A 554 -42.44 34.54 -54.21
N LYS A 555 -41.99 33.68 -55.12
CA LYS A 555 -40.60 33.25 -55.19
C LYS A 555 -39.56 34.22 -55.73
N LEU A 556 -39.95 35.30 -56.37
CA LEU A 556 -38.95 36.21 -56.90
C LEU A 556 -38.71 37.44 -56.06
N ARG A 557 -37.50 37.97 -56.13
CA ARG A 557 -37.16 39.20 -55.43
C ARG A 557 -37.71 40.31 -56.33
N ILE A 558 -38.50 41.23 -55.79
CA ILE A 558 -39.12 42.30 -56.60
C ILE A 558 -38.54 43.69 -56.36
N ASP A 559 -37.71 44.13 -57.28
CA ASP A 559 -37.03 45.40 -57.18
C ASP A 559 -37.73 46.50 -58.01
N GLU A 560 -37.18 47.72 -57.99
CA GLU A 560 -37.75 48.85 -58.71
C GLU A 560 -37.55 48.65 -60.24
N PHE A 561 -36.61 47.76 -60.59
CA PHE A 561 -36.34 47.39 -61.97
C PHE A 561 -36.16 45.88 -61.94
N ASP A 562 -36.11 45.27 -63.10
CA ASP A 562 -35.86 43.83 -63.19
C ASP A 562 -34.35 43.81 -63.45
N TYR A 563 -33.55 43.63 -62.41
CA TYR A 563 -32.12 43.66 -62.61
C TYR A 563 -31.50 42.42 -63.25
N SER A 564 -32.33 41.50 -63.71
CA SER A 564 -31.80 40.30 -64.37
C SER A 564 -31.74 40.58 -65.87
N LYS A 565 -32.30 41.72 -66.29
CA LYS A 565 -32.31 42.13 -67.69
C LYS A 565 -31.65 43.50 -67.82
N PRO A 566 -31.37 43.94 -69.06
CA PRO A 566 -30.74 45.25 -69.26
C PRO A 566 -31.71 46.35 -68.86
N LEU A 567 -31.23 47.36 -68.16
CA LEU A 567 -32.10 48.45 -67.73
C LEU A 567 -32.54 49.36 -68.86
N GLN A 568 -31.78 49.34 -69.96
CA GLN A 568 -32.05 50.14 -71.14
C GLN A 568 -33.49 50.00 -71.61
N GLY A 569 -34.25 51.09 -71.54
CA GLY A 569 -35.64 51.07 -71.98
C GLY A 569 -36.64 50.53 -70.97
N GLN A 570 -36.18 50.16 -69.78
CA GLN A 570 -37.07 49.64 -68.76
C GLN A 570 -37.89 50.74 -68.12
N GLN A 571 -39.08 50.38 -67.65
CA GLN A 571 -39.96 51.32 -66.98
C GLN A 571 -39.84 51.13 -65.45
N LYS A 572 -39.29 52.12 -64.76
CA LYS A 572 -39.13 52.03 -63.32
C LYS A 572 -40.47 51.85 -62.59
N ARG A 573 -40.54 50.92 -61.65
CA ARG A 573 -41.77 50.67 -60.91
C ARG A 573 -41.93 51.67 -59.78
N PRO A 574 -43.17 52.17 -59.57
CA PRO A 574 -43.50 53.14 -58.52
C PRO A 574 -43.18 52.51 -57.17
N PHE A 575 -42.81 53.34 -56.19
CA PHE A 575 -42.45 52.87 -54.86
C PHE A 575 -43.46 51.87 -54.29
N GLU A 576 -44.74 52.16 -54.48
CA GLU A 576 -45.80 51.29 -53.99
C GLU A 576 -45.91 50.01 -54.79
N GLU A 577 -45.16 49.87 -55.88
CA GLU A 577 -45.29 48.66 -56.67
C GLU A 577 -44.11 47.70 -56.67
N HIS A 578 -43.15 47.92 -55.79
CA HIS A 578 -42.07 46.95 -55.68
C HIS A 578 -41.77 46.75 -54.21
N TRP A 579 -40.84 45.85 -53.91
CA TRP A 579 -40.53 45.54 -52.53
C TRP A 579 -39.13 45.86 -52.04
N ARG A 580 -38.33 46.54 -52.84
CA ARG A 580 -37.02 46.84 -52.32
C ARG A 580 -37.15 48.09 -51.45
N LYS A 581 -37.63 47.85 -50.24
CA LYS A 581 -37.85 48.93 -49.30
C LYS A 581 -37.98 48.29 -47.93
N HIS A 582 -37.66 49.07 -46.90
CA HIS A 582 -37.74 48.60 -45.53
C HIS A 582 -39.17 48.65 -45.03
N THR A 583 -39.53 47.66 -44.23
CA THR A 583 -40.86 47.61 -43.61
C THR A 583 -40.74 48.37 -42.30
N LEU A 584 -41.70 49.23 -42.00
CA LEU A 584 -41.75 49.96 -40.75
C LEU A 584 -43.02 49.45 -40.11
N SER A 585 -42.94 49.02 -38.85
CA SER A 585 -44.11 48.45 -38.18
C SER A 585 -44.44 49.22 -36.90
N TYR A 586 -45.74 49.28 -36.58
CA TYR A 586 -46.21 49.98 -35.39
C TYR A 586 -47.27 49.10 -34.76
N VAL A 587 -47.46 49.23 -33.46
CA VAL A 587 -48.46 48.43 -32.81
C VAL A 587 -49.25 49.32 -31.85
N ASP A 588 -50.57 49.17 -31.87
CA ASP A 588 -51.45 49.89 -30.95
C ASP A 588 -51.44 48.90 -29.83
N VAL A 589 -50.75 49.24 -28.77
CA VAL A 589 -50.56 48.32 -27.67
C VAL A 589 -51.80 47.81 -26.94
N LYS A 590 -52.85 48.61 -26.86
CA LYS A 590 -54.04 48.15 -26.16
C LYS A 590 -54.80 47.14 -26.99
N SER A 591 -54.84 47.34 -28.30
CA SER A 591 -55.58 46.45 -29.17
C SER A 591 -54.74 45.37 -29.77
N GLY A 592 -53.49 45.70 -30.08
CA GLY A 592 -52.63 44.72 -30.69
C GLY A 592 -52.66 44.91 -32.21
N LYS A 593 -53.39 45.91 -32.66
CA LYS A 593 -53.44 46.17 -34.10
C LYS A 593 -52.06 46.57 -34.65
N VAL A 594 -51.62 45.92 -35.71
CA VAL A 594 -50.34 46.24 -36.34
C VAL A 594 -50.53 47.11 -37.56
N THR A 595 -49.75 48.18 -37.70
CA THR A 595 -49.84 49.04 -38.87
C THR A 595 -48.49 49.01 -39.61
N LEU A 596 -48.50 48.83 -40.93
CA LEU A 596 -47.28 48.77 -41.71
C LEU A 596 -47.11 49.95 -42.69
N LYS A 597 -45.90 50.50 -42.75
CA LYS A 597 -45.54 51.57 -43.67
C LYS A 597 -44.19 51.20 -44.27
N TYR A 598 -43.74 51.97 -45.26
CA TYR A 598 -42.46 51.67 -45.88
C TYR A 598 -41.56 52.88 -46.10
N ARG A 599 -40.26 52.65 -46.10
CA ARG A 599 -39.28 53.70 -46.32
C ARG A 599 -38.24 53.14 -47.28
N PRO A 600 -37.62 54.01 -48.08
CA PRO A 600 -36.61 53.58 -49.04
C PRO A 600 -35.29 53.09 -48.46
N VAL A 601 -34.66 52.16 -49.18
CA VAL A 601 -33.35 51.66 -48.82
C VAL A 601 -32.35 52.75 -49.26
N ILE A 602 -31.30 52.95 -48.49
CA ILE A 602 -30.28 53.93 -48.86
C ILE A 602 -29.19 53.25 -49.69
N ASP A 603 -29.04 53.65 -50.95
CA ASP A 603 -28.03 53.06 -51.83
C ASP A 603 -26.73 53.83 -51.90
N ARG A 604 -26.76 55.12 -51.57
CA ARG A 604 -25.54 55.91 -51.62
C ARG A 604 -24.55 55.49 -50.52
N THR A 605 -23.27 55.54 -50.81
CA THR A 605 -22.28 55.18 -49.81
C THR A 605 -21.89 56.50 -49.13
N LEU A 606 -20.83 56.48 -48.32
CA LEU A 606 -20.42 57.70 -47.66
C LEU A 606 -19.48 58.51 -48.54
N ASN A 607 -19.08 57.94 -49.67
CA ASN A 607 -18.17 58.62 -50.58
C ASN A 607 -18.04 57.80 -51.88
N GLU A 608 -18.88 58.11 -52.85
CA GLU A 608 -18.93 57.40 -54.11
C GLU A 608 -17.55 57.25 -54.72
N GLU A 609 -16.72 58.26 -54.53
CA GLU A 609 -15.39 58.22 -55.09
C GLU A 609 -14.44 57.21 -54.43
N ASP A 610 -14.59 57.00 -53.12
CA ASP A 610 -13.73 56.04 -52.42
C ASP A 610 -14.32 54.62 -52.41
N CYS A 611 -15.65 54.53 -52.35
CA CYS A 611 -16.34 53.23 -52.32
C CYS A 611 -17.62 53.46 -53.08
N SER A 612 -17.73 52.91 -54.28
CA SER A 612 -18.92 53.15 -55.09
C SER A 612 -20.08 52.23 -54.75
N SER A 613 -21.29 52.78 -54.91
CA SER A 613 -22.51 52.08 -54.61
C SER A 613 -22.63 50.80 -55.45
N VAL A 614 -23.18 49.73 -54.87
CA VAL A 614 -23.34 48.48 -55.58
C VAL A 614 -24.80 48.32 -55.95
N PRO A 615 -25.13 48.48 -57.24
CA PRO A 615 -26.52 48.33 -57.69
C PRO A 615 -27.01 46.90 -57.56
N PRO A 616 -28.31 46.72 -57.37
CA PRO A 616 -28.90 45.38 -57.22
C PRO A 616 -28.50 44.48 -58.38
N ALA A 617 -28.33 43.18 -58.10
CA ALA A 617 -27.96 42.21 -59.14
C ALA A 617 -28.50 40.84 -58.75
N ILE A 618 -28.44 39.87 -59.64
CA ILE A 618 -28.93 38.55 -59.25
C ILE A 618 -27.96 38.06 -58.16
N ARG A 619 -28.51 37.45 -57.12
CA ARG A 619 -27.71 36.99 -55.99
C ARG A 619 -27.53 35.48 -55.99
N SER A 620 -26.31 35.02 -56.21
CA SER A 620 -26.07 33.58 -56.24
C SER A 620 -24.71 33.20 -55.64
N TYR A 621 -24.71 32.04 -54.99
CA TYR A 621 -23.52 31.50 -54.38
C TYR A 621 -23.30 30.10 -54.99
N THR B 8 -46.23 5.23 -19.03
CA THR B 8 -44.85 4.71 -18.75
C THR B 8 -43.94 5.88 -18.37
N SER B 9 -44.33 6.62 -17.33
CA SER B 9 -43.52 7.75 -16.93
C SER B 9 -42.37 7.34 -16.04
N ARG B 10 -41.38 8.22 -15.89
CA ARG B 10 -40.22 7.96 -15.05
C ARG B 10 -40.11 9.16 -14.12
N ILE B 11 -40.75 9.05 -12.97
CA ILE B 11 -40.81 10.12 -11.98
C ILE B 11 -39.55 10.23 -11.16
N LYS B 12 -38.89 11.37 -11.29
CA LYS B 12 -37.65 11.65 -10.59
C LYS B 12 -37.96 12.70 -9.56
N LYS B 13 -37.34 12.57 -8.39
CA LYS B 13 -37.55 13.52 -7.32
C LYS B 13 -36.36 14.43 -7.11
N PHE B 14 -36.65 15.71 -6.91
CA PHE B 14 -35.67 16.74 -6.65
C PHE B 14 -36.07 17.45 -5.35
N SER B 15 -35.12 17.61 -4.43
CA SER B 15 -35.33 18.29 -3.17
C SER B 15 -34.51 19.56 -3.33
N ILE B 16 -35.21 20.71 -3.33
CA ILE B 16 -34.57 21.98 -3.57
C ILE B 16 -34.68 23.01 -2.43
N TYR B 17 -33.56 23.66 -2.12
CA TYR B 17 -33.48 24.69 -1.09
C TYR B 17 -34.39 25.88 -1.42
N ARG B 18 -35.16 26.34 -0.44
CA ARG B 18 -36.08 27.46 -0.62
C ARG B 18 -35.94 28.49 0.48
N TRP B 19 -36.05 29.76 0.11
CA TRP B 19 -36.03 30.86 1.05
C TRP B 19 -36.55 32.10 0.35
N ASP B 20 -37.58 32.70 0.92
CA ASP B 20 -38.21 33.89 0.33
C ASP B 20 -37.92 35.16 1.11
N PRO B 21 -37.14 36.09 0.52
CA PRO B 21 -36.82 37.33 1.21
C PRO B 21 -38.06 38.13 1.62
N ASP B 22 -39.14 38.00 0.85
CA ASP B 22 -40.34 38.75 1.18
C ASP B 22 -41.15 38.13 2.34
N LYS B 23 -40.75 36.95 2.83
CA LYS B 23 -41.41 36.32 3.99
C LYS B 23 -40.21 35.84 4.75
N PRO B 24 -39.34 36.76 5.11
CA PRO B 24 -38.10 36.47 5.83
C PRO B 24 -38.20 35.45 6.96
N GLY B 25 -39.24 35.58 7.78
CA GLY B 25 -39.43 34.71 8.92
C GLY B 25 -39.47 33.24 8.64
N ASP B 26 -39.96 32.83 7.47
CA ASP B 26 -39.98 31.41 7.15
C ASP B 26 -38.56 30.93 6.91
N LYS B 27 -38.11 30.03 7.77
CA LYS B 27 -36.76 29.50 7.68
C LYS B 27 -36.52 28.71 6.40
N PRO B 28 -35.28 28.70 5.94
CA PRO B 28 -34.88 27.98 4.73
C PRO B 28 -35.38 26.56 4.90
N ARG B 29 -35.91 25.97 3.84
CA ARG B 29 -36.44 24.61 3.92
C ARG B 29 -36.15 23.94 2.60
N MET B 30 -36.40 22.64 2.50
CA MET B 30 -36.20 21.95 1.24
C MET B 30 -37.57 21.57 0.73
N GLN B 31 -37.80 21.72 -0.56
CA GLN B 31 -39.07 21.35 -1.16
C GLN B 31 -38.82 20.29 -2.24
N THR B 32 -39.64 19.26 -2.22
CA THR B 32 -39.53 18.15 -3.16
C THR B 32 -40.45 18.34 -4.35
N TYR B 33 -39.94 18.01 -5.52
CA TYR B 33 -40.75 18.14 -6.73
C TYR B 33 -40.60 16.85 -7.47
N GLU B 34 -41.69 16.41 -8.09
CA GLU B 34 -41.66 15.18 -8.87
C GLU B 34 -41.71 15.52 -10.35
N VAL B 35 -40.71 15.05 -11.10
CA VAL B 35 -40.62 15.34 -12.52
C VAL B 35 -40.55 14.08 -13.40
N ASP B 36 -41.38 14.04 -14.43
CA ASP B 36 -41.40 12.91 -15.34
C ASP B 36 -40.32 13.13 -16.38
N LEU B 37 -39.25 12.35 -16.28
CA LEU B 37 -38.11 12.45 -17.16
C LEU B 37 -38.41 12.22 -18.63
N ASN B 38 -39.52 11.57 -18.96
CA ASN B 38 -39.84 11.34 -20.35
C ASN B 38 -40.37 12.59 -21.00
N LYS B 39 -40.65 13.60 -20.19
CA LYS B 39 -41.17 14.84 -20.73
C LYS B 39 -40.28 15.98 -20.29
N CYS B 40 -39.00 15.69 -20.15
CA CYS B 40 -38.03 16.70 -19.71
C CYS B 40 -36.70 16.52 -20.44
N GLY B 41 -36.00 17.64 -20.68
CA GLY B 41 -34.68 17.55 -21.31
C GLY B 41 -33.74 16.77 -20.37
N PRO B 42 -32.52 16.46 -20.81
CA PRO B 42 -31.56 15.70 -20.00
C PRO B 42 -30.77 16.37 -18.88
N MET B 43 -30.73 17.71 -18.86
CA MET B 43 -29.97 18.42 -17.85
C MET B 43 -30.78 18.91 -16.66
N VAL B 44 -30.13 19.07 -15.51
CA VAL B 44 -30.80 19.57 -14.30
C VAL B 44 -31.51 20.92 -14.57
N LEU B 45 -30.90 21.81 -15.35
CA LEU B 45 -31.57 23.09 -15.66
C LEU B 45 -32.91 22.83 -16.39
N ASP B 46 -32.96 21.80 -17.23
CA ASP B 46 -34.20 21.48 -17.96
C ASP B 46 -35.32 21.20 -16.95
N ALA B 47 -35.01 20.39 -15.95
CA ALA B 47 -35.95 20.07 -14.86
C ALA B 47 -36.33 21.30 -14.05
N LEU B 48 -35.34 22.17 -13.77
CA LEU B 48 -35.62 23.37 -13.01
C LEU B 48 -36.61 24.24 -13.79
N ILE B 49 -36.36 24.41 -15.10
CA ILE B 49 -37.25 25.25 -15.90
C ILE B 49 -38.62 24.59 -16.06
N LYS B 50 -38.63 23.27 -16.18
CA LYS B 50 -39.89 22.56 -16.30
C LYS B 50 -40.71 22.76 -15.00
N ILE B 51 -40.04 22.70 -13.84
CA ILE B 51 -40.74 22.88 -12.54
C ILE B 51 -41.36 24.28 -12.46
N LYS B 52 -40.55 25.30 -12.74
CA LYS B 52 -41.03 26.66 -12.71
C LYS B 52 -42.19 26.89 -13.75
N ASN B 53 -42.12 26.26 -14.92
CA ASN B 53 -43.19 26.45 -15.90
C ASN B 53 -44.45 25.65 -15.65
N GLU B 54 -44.35 24.53 -14.94
CA GLU B 54 -45.51 23.70 -14.74
C GLU B 54 -45.90 23.37 -13.32
N LEU B 55 -45.00 23.52 -12.37
CA LEU B 55 -45.34 23.14 -11.01
C LEU B 55 -45.29 24.21 -9.94
N ASP B 56 -44.36 25.16 -10.06
CA ASP B 56 -44.24 26.21 -9.06
C ASP B 56 -43.48 27.37 -9.68
N SER B 57 -44.20 28.37 -10.15
CA SER B 57 -43.54 29.46 -10.82
C SER B 57 -42.83 30.40 -9.86
N THR B 58 -42.91 30.11 -8.55
CA THR B 58 -42.22 30.91 -7.56
C THR B 58 -40.76 30.45 -7.40
N LEU B 59 -40.46 29.23 -7.84
CA LEU B 59 -39.08 28.73 -7.74
C LEU B 59 -38.16 29.68 -8.52
N THR B 60 -37.09 30.14 -7.88
CA THR B 60 -36.20 31.12 -8.47
C THR B 60 -34.70 30.74 -8.61
N PHE B 61 -34.12 31.00 -9.78
CA PHE B 61 -32.72 30.68 -10.05
C PHE B 61 -32.21 31.53 -11.22
N ARG B 62 -30.89 31.68 -11.36
CA ARG B 62 -30.37 32.43 -12.47
C ARG B 62 -30.07 31.45 -13.58
N ARG B 63 -30.18 31.91 -14.84
CA ARG B 63 -29.84 31.08 -15.99
C ARG B 63 -29.91 31.99 -17.18
N SER B 64 -29.19 31.65 -18.24
CA SER B 64 -29.28 32.46 -19.44
C SER B 64 -28.96 31.67 -20.70
N CYS B 65 -27.74 31.14 -20.81
CA CYS B 65 -27.31 30.43 -22.03
C CYS B 65 -27.70 28.98 -22.33
N ARG B 66 -28.16 28.19 -21.39
CA ARG B 66 -28.33 26.76 -21.75
C ARG B 66 -27.10 25.93 -22.37
N GLU B 67 -25.90 26.48 -22.62
CA GLU B 67 -24.81 25.58 -23.08
C GLU B 67 -23.53 25.62 -22.24
N GLY B 68 -23.66 26.04 -20.99
CA GLY B 68 -22.53 26.07 -20.09
C GLY B 68 -21.44 27.07 -20.43
N ILE B 69 -21.77 28.17 -21.06
CA ILE B 69 -20.78 29.16 -21.42
C ILE B 69 -20.96 30.49 -20.65
N CYS B 70 -22.16 30.78 -20.22
CA CYS B 70 -22.37 32.08 -19.56
C CYS B 70 -22.00 32.14 -18.10
N GLY B 71 -22.08 31.01 -17.43
CA GLY B 71 -21.71 30.97 -16.02
C GLY B 71 -22.82 31.24 -15.03
N SER B 72 -24.01 31.59 -15.55
CA SER B 72 -25.16 31.95 -14.73
C SER B 72 -25.75 30.96 -13.73
N CYS B 73 -25.98 29.73 -14.18
CA CYS B 73 -26.65 28.74 -13.34
C CYS B 73 -25.85 27.92 -12.31
N ALA B 74 -24.68 28.38 -11.90
CA ALA B 74 -23.88 27.63 -10.91
C ALA B 74 -24.64 27.38 -9.64
N MET B 75 -24.57 26.14 -9.12
CA MET B 75 -25.25 25.77 -7.88
C MET B 75 -24.69 24.44 -7.39
N ASN B 76 -25.14 23.99 -6.23
CA ASN B 76 -24.63 22.74 -5.67
C ASN B 76 -25.64 21.62 -5.88
N ILE B 77 -25.26 20.68 -6.72
CA ILE B 77 -26.13 19.56 -7.09
C ILE B 77 -25.43 18.24 -6.66
N ALA B 78 -26.15 17.47 -5.84
CA ALA B 78 -25.66 16.20 -5.34
C ALA B 78 -24.31 16.39 -4.62
N GLY B 79 -24.22 17.47 -3.86
CA GLY B 79 -23.01 17.72 -3.12
C GLY B 79 -21.90 18.46 -3.81
N GLY B 80 -21.94 18.58 -5.13
CA GLY B 80 -20.85 19.26 -5.81
C GLY B 80 -21.28 20.51 -6.57
N ASN B 81 -20.42 21.52 -6.62
CA ASN B 81 -20.73 22.73 -7.36
C ASN B 81 -20.57 22.49 -8.84
N THR B 82 -21.55 22.94 -9.62
CA THR B 82 -21.44 22.71 -11.04
C THR B 82 -22.47 23.58 -11.76
N LEU B 83 -22.48 23.55 -13.10
CA LEU B 83 -23.47 24.32 -13.89
C LEU B 83 -24.68 23.42 -14.13
N ALA B 84 -25.87 23.88 -13.75
CA ALA B 84 -27.09 23.08 -13.95
C ALA B 84 -27.38 22.74 -15.42
N CYS B 85 -27.01 23.65 -16.32
CA CYS B 85 -27.31 23.46 -17.74
C CYS B 85 -26.51 22.38 -18.46
N THR B 86 -25.43 21.90 -17.85
CA THR B 86 -24.58 20.85 -18.41
C THR B 86 -24.50 19.65 -17.47
N LYS B 87 -25.26 19.67 -16.39
CA LYS B 87 -25.24 18.55 -15.42
C LYS B 87 -26.36 17.54 -15.73
N LYS B 88 -25.99 16.36 -16.21
CA LYS B 88 -26.99 15.32 -16.52
C LYS B 88 -27.82 14.99 -15.30
N ILE B 89 -29.13 14.88 -15.46
CA ILE B 89 -30.00 14.47 -14.34
C ILE B 89 -29.63 13.00 -14.07
N ASP B 90 -29.64 12.56 -12.81
CA ASP B 90 -29.32 11.16 -12.49
C ASP B 90 -30.63 10.36 -12.67
N PRO B 91 -30.68 9.50 -13.69
CA PRO B 91 -31.89 8.69 -13.96
C PRO B 91 -32.25 7.57 -12.97
N ASP B 92 -31.50 7.46 -11.87
CA ASP B 92 -31.85 6.45 -10.86
C ASP B 92 -33.07 7.02 -10.09
N LEU B 93 -34.26 6.48 -10.36
CA LEU B 93 -35.46 6.98 -9.70
C LEU B 93 -35.56 6.69 -8.22
N SER B 94 -34.67 5.89 -7.68
CA SER B 94 -34.77 5.60 -6.28
C SER B 94 -34.00 6.66 -5.49
N LYS B 95 -33.17 7.46 -6.18
CA LYS B 95 -32.39 8.50 -5.53
C LYS B 95 -32.98 9.89 -5.75
N THR B 96 -32.99 10.68 -4.69
CA THR B 96 -33.50 12.04 -4.75
C THR B 96 -32.31 12.94 -4.88
N THR B 97 -32.35 13.82 -5.87
CA THR B 97 -31.24 14.75 -6.08
C THR B 97 -31.47 16.02 -5.29
N LYS B 98 -30.49 16.36 -4.46
CA LYS B 98 -30.56 17.55 -3.64
C LYS B 98 -29.83 18.72 -4.33
N ILE B 99 -30.52 19.86 -4.37
CA ILE B 99 -30.00 21.06 -5.01
C ILE B 99 -29.97 22.22 -4.02
N TYR B 100 -28.79 22.80 -3.84
CA TYR B 100 -28.55 23.92 -2.95
C TYR B 100 -27.86 25.07 -3.67
N PRO B 101 -27.89 26.26 -3.08
CA PRO B 101 -27.22 27.43 -3.66
C PRO B 101 -25.69 27.17 -3.56
N LEU B 102 -24.89 27.99 -4.22
CA LEU B 102 -23.44 27.82 -4.09
C LEU B 102 -23.19 27.95 -2.57
N PRO B 103 -22.35 27.08 -1.99
CA PRO B 103 -22.03 27.07 -0.55
C PRO B 103 -21.41 28.28 0.14
N HIS B 104 -21.84 28.46 1.38
CA HIS B 104 -21.32 29.52 2.24
C HIS B 104 -21.43 30.90 1.61
N MET B 105 -22.59 31.16 1.03
CA MET B 105 -22.85 32.44 0.40
C MET B 105 -24.16 32.99 0.98
N TYR B 106 -24.34 34.31 0.88
CA TYR B 106 -25.58 34.94 1.31
C TYR B 106 -26.63 34.73 0.24
N VAL B 107 -27.75 34.16 0.66
CA VAL B 107 -28.83 33.87 -0.25
C VAL B 107 -29.77 35.05 -0.48
N VAL B 108 -29.93 35.46 -1.75
CA VAL B 108 -30.88 36.54 -2.11
C VAL B 108 -32.29 35.93 -2.08
N LYS B 109 -32.42 34.77 -2.70
CA LYS B 109 -33.69 34.08 -2.74
C LYS B 109 -33.43 32.75 -3.33
N ASP B 110 -34.08 31.73 -2.80
CA ASP B 110 -33.94 30.36 -3.29
C ASP B 110 -32.51 29.97 -3.68
N LEU B 111 -32.26 29.73 -4.96
CA LEU B 111 -30.94 29.31 -5.42
C LEU B 111 -30.04 30.43 -5.92
N VAL B 112 -30.37 31.66 -5.59
CA VAL B 112 -29.64 32.84 -6.05
C VAL B 112 -28.76 33.43 -4.97
N PRO B 113 -27.43 33.31 -5.12
CA PRO B 113 -26.49 33.84 -4.15
C PRO B 113 -26.03 35.26 -4.46
N ASP B 114 -25.54 35.97 -3.45
CA ASP B 114 -25.03 37.33 -3.71
C ASP B 114 -23.58 37.18 -4.09
N LEU B 115 -23.27 37.48 -5.35
CA LEU B 115 -21.91 37.34 -5.88
C LEU B 115 -21.15 38.66 -5.89
N SER B 116 -21.70 39.70 -5.27
CA SER B 116 -21.02 40.99 -5.35
C SER B 116 -19.61 41.04 -4.72
N ASN B 117 -19.35 40.29 -3.67
CA ASN B 117 -17.97 40.34 -3.15
C ASN B 117 -17.05 39.67 -4.18
N PHE B 118 -17.53 38.56 -4.73
CA PHE B 118 -16.78 37.81 -5.74
C PHE B 118 -16.37 38.71 -6.91
N TYR B 119 -17.30 39.52 -7.43
CA TYR B 119 -16.99 40.41 -8.57
C TYR B 119 -16.04 41.52 -8.16
N ALA B 120 -16.18 42.00 -6.92
CA ALA B 120 -15.33 43.08 -6.45
C ALA B 120 -13.91 42.57 -6.29
N GLN B 121 -13.75 41.31 -5.87
CA GLN B 121 -12.41 40.74 -5.72
C GLN B 121 -11.82 40.66 -7.12
N TYR B 122 -12.63 40.27 -8.11
CA TYR B 122 -12.17 40.16 -9.48
C TYR B 122 -11.74 41.55 -9.97
N LYS B 123 -12.53 42.56 -9.64
CA LYS B 123 -12.17 43.94 -10.03
C LYS B 123 -10.84 44.36 -9.37
N SER B 124 -10.65 43.97 -8.13
CA SER B 124 -9.44 44.38 -7.41
C SER B 124 -8.11 43.95 -8.01
N ILE B 125 -8.10 42.94 -8.88
CA ILE B 125 -6.83 42.52 -9.47
C ILE B 125 -6.54 43.10 -10.85
N GLU B 126 -7.38 44.04 -11.28
CA GLU B 126 -7.24 44.74 -12.56
C GLU B 126 -7.11 43.80 -13.74
N PRO B 127 -8.19 43.08 -14.05
CA PRO B 127 -8.15 42.14 -15.15
C PRO B 127 -8.18 42.79 -16.50
N TYR B 128 -7.16 43.56 -16.83
CA TYR B 128 -7.09 44.18 -18.14
C TYR B 128 -5.65 44.38 -18.57
N LEU B 129 -5.41 44.48 -19.86
CA LEU B 129 -4.04 44.65 -20.36
C LEU B 129 -3.47 46.02 -20.01
N LYS B 130 -2.27 46.01 -19.40
CA LYS B 130 -1.58 47.24 -19.03
C LYS B 130 -0.17 47.21 -19.62
N LYS B 131 0.20 48.24 -20.36
CA LYS B 131 1.51 48.35 -20.92
C LYS B 131 2.11 49.62 -20.33
N LYS B 132 3.44 49.70 -20.28
CA LYS B 132 4.11 50.88 -19.73
C LYS B 132 3.74 52.14 -20.54
N ASP B 133 3.54 52.00 -21.85
CA ASP B 133 3.12 53.14 -22.69
C ASP B 133 1.91 52.75 -23.52
N GLU B 134 0.73 53.23 -23.13
CA GLU B 134 -0.52 52.93 -23.79
C GLU B 134 -0.92 53.97 -24.86
N SER B 135 -0.10 54.99 -25.06
CA SER B 135 -0.50 56.00 -26.05
C SER B 135 -0.61 55.54 -27.52
N LYS B 136 -0.02 54.40 -27.88
CA LYS B 136 -0.17 53.93 -29.28
C LYS B 136 -1.34 52.96 -29.42
N GLN B 137 -2.13 52.83 -28.36
CA GLN B 137 -3.26 51.92 -28.38
C GLN B 137 -4.18 52.17 -29.58
N GLY B 138 -4.60 51.09 -30.24
CA GLY B 138 -5.49 51.23 -31.38
C GLY B 138 -4.86 51.39 -32.76
N LYS B 139 -3.55 51.56 -32.83
CA LYS B 139 -2.85 51.77 -34.10
C LYS B 139 -2.43 50.53 -34.87
N GLU B 140 -1.85 49.56 -34.17
CA GLU B 140 -1.45 48.33 -34.80
C GLU B 140 -1.64 47.16 -33.87
N GLN B 141 -1.73 45.96 -34.45
CA GLN B 141 -1.87 44.77 -33.64
C GLN B 141 -0.56 44.58 -32.86
N TYR B 142 -0.65 44.19 -31.60
CA TYR B 142 0.53 43.86 -30.78
C TYR B 142 0.89 42.46 -31.26
N LEU B 143 2.18 42.15 -31.34
CA LEU B 143 2.58 40.83 -31.80
C LEU B 143 2.68 39.84 -30.67
N GLN B 144 2.23 38.62 -30.91
CA GLN B 144 2.32 37.58 -29.90
C GLN B 144 2.60 36.26 -30.61
N SER B 145 3.64 35.56 -30.19
CA SER B 145 3.97 34.30 -30.83
C SER B 145 2.99 33.21 -30.46
N ILE B 146 2.93 32.22 -31.32
CA ILE B 146 2.08 31.09 -31.06
C ILE B 146 2.45 30.49 -29.70
N GLU B 147 3.75 30.32 -29.47
CA GLU B 147 4.18 29.74 -28.21
C GLU B 147 3.75 30.57 -27.00
N ASP B 148 3.86 31.89 -27.08
CA ASP B 148 3.44 32.72 -25.93
C ASP B 148 1.91 32.71 -25.76
N ARG B 149 1.18 32.66 -26.87
CA ARG B 149 -0.27 32.62 -26.82
C ARG B 149 -0.75 31.31 -26.16
N GLN B 150 -0.02 30.25 -26.41
CA GLN B 150 -0.39 28.95 -25.88
C GLN B 150 -0.34 28.93 -24.36
N LYS B 151 0.49 29.77 -23.78
CA LYS B 151 0.56 29.83 -22.32
C LYS B 151 -0.77 30.26 -21.71
N LEU B 152 -1.64 30.90 -22.48
CA LEU B 152 -2.92 31.33 -21.94
C LEU B 152 -3.96 30.23 -21.97
N ASP B 153 -3.70 29.16 -22.72
CA ASP B 153 -4.67 28.07 -22.75
C ASP B 153 -4.88 27.49 -21.34
N GLY B 154 -6.13 27.22 -20.98
CA GLY B 154 -6.41 26.70 -19.67
C GLY B 154 -6.64 27.79 -18.65
N LEU B 155 -6.39 29.05 -19.03
CA LEU B 155 -6.58 30.19 -18.13
C LEU B 155 -7.69 31.13 -18.66
N TYR B 156 -7.66 31.45 -19.95
CA TYR B 156 -8.63 32.41 -20.48
C TYR B 156 -10.03 31.87 -20.67
N GLU B 157 -10.22 30.56 -20.53
CA GLU B 157 -11.54 29.97 -20.74
C GLU B 157 -12.49 30.13 -19.55
N CYS B 158 -11.99 30.61 -18.40
CA CYS B 158 -12.84 30.75 -17.18
C CYS B 158 -14.09 31.56 -17.49
N ILE B 159 -15.24 31.04 -17.07
CA ILE B 159 -16.49 31.77 -17.29
C ILE B 159 -16.97 32.50 -16.01
N LEU B 160 -16.12 32.61 -14.99
CA LEU B 160 -16.45 33.30 -13.73
C LEU B 160 -17.76 32.86 -13.10
N CYS B 161 -17.97 31.54 -13.02
CA CYS B 161 -19.18 30.97 -12.47
C CYS B 161 -19.13 30.93 -10.93
N ALA B 162 -17.91 30.87 -10.39
CA ALA B 162 -17.62 30.84 -8.95
C ALA B 162 -17.81 29.48 -8.28
N CYS B 163 -17.93 28.44 -9.09
CA CYS B 163 -18.06 27.09 -8.58
C CYS B 163 -16.82 26.69 -7.77
N CYS B 164 -15.63 27.08 -8.25
CA CYS B 164 -14.38 26.74 -7.59
C CYS B 164 -14.18 27.46 -6.28
N SER B 165 -14.31 28.79 -6.29
CA SER B 165 -14.14 29.55 -5.07
C SER B 165 -15.12 29.11 -3.99
N THR B 166 -16.38 28.92 -4.33
CA THR B 166 -17.34 28.53 -3.30
C THR B 166 -17.22 27.07 -2.90
N SER B 167 -16.22 26.36 -3.43
CA SER B 167 -15.98 24.95 -3.04
C SER B 167 -14.73 24.87 -2.15
N CYS B 168 -14.00 25.98 -2.05
CA CYS B 168 -12.75 26.07 -1.29
C CYS B 168 -12.98 26.37 0.17
N PRO B 169 -12.61 25.44 1.08
CA PRO B 169 -12.79 25.65 2.52
C PRO B 169 -12.15 26.92 2.97
N SER B 170 -10.99 27.25 2.39
CA SER B 170 -10.33 28.50 2.80
C SER B 170 -11.17 29.74 2.44
N TYR B 171 -11.90 29.65 1.31
CA TYR B 171 -12.73 30.77 0.87
C TYR B 171 -13.96 30.85 1.78
N TRP B 172 -14.38 29.70 2.30
CA TRP B 172 -15.50 29.70 3.24
C TRP B 172 -15.13 30.45 4.51
N TRP B 173 -13.96 30.16 5.06
CA TRP B 173 -13.52 30.77 6.30
C TRP B 173 -12.95 32.15 6.14
N ASN B 174 -12.35 32.43 4.99
CA ASN B 174 -11.74 33.73 4.83
C ASN B 174 -12.08 34.45 3.54
N GLY B 175 -13.27 34.19 3.01
CA GLY B 175 -13.65 34.85 1.77
C GLY B 175 -13.61 36.38 1.80
N ASP B 176 -13.51 36.99 2.98
CA ASP B 176 -13.44 38.44 3.01
C ASP B 176 -12.06 38.94 2.55
N LYS B 177 -11.03 38.14 2.79
CA LYS B 177 -9.68 38.55 2.43
C LYS B 177 -8.92 37.67 1.47
N TYR B 178 -9.34 36.41 1.38
CA TYR B 178 -8.70 35.48 0.46
C TYR B 178 -9.33 35.69 -0.92
N LEU B 179 -8.54 36.01 -1.94
CA LEU B 179 -9.15 36.29 -3.25
C LEU B 179 -9.87 35.07 -3.83
N GLY B 180 -9.39 33.88 -3.51
CA GLY B 180 -10.05 32.68 -3.97
C GLY B 180 -9.50 32.20 -5.31
N PRO B 181 -9.68 30.92 -5.66
CA PRO B 181 -9.18 30.35 -6.90
C PRO B 181 -9.55 31.02 -8.22
N ALA B 182 -10.82 31.37 -8.43
CA ALA B 182 -11.17 32.00 -9.71
C ALA B 182 -10.40 33.31 -9.93
N VAL B 183 -10.35 34.14 -8.91
CA VAL B 183 -9.68 35.43 -9.07
C VAL B 183 -8.17 35.27 -9.19
N LEU B 184 -7.58 34.43 -8.33
CA LEU B 184 -6.13 34.23 -8.42
C LEU B 184 -5.74 33.66 -9.78
N MET B 185 -6.54 32.74 -10.34
CA MET B 185 -6.14 32.21 -11.64
C MET B 185 -6.22 33.31 -12.72
N GLN B 186 -7.22 34.19 -12.65
CA GLN B 186 -7.27 35.28 -13.62
C GLN B 186 -6.07 36.20 -13.35
N ALA B 187 -5.67 36.38 -12.09
CA ALA B 187 -4.47 37.20 -11.85
C ALA B 187 -3.25 36.55 -12.56
N TYR B 188 -3.14 35.22 -12.49
CA TYR B 188 -2.03 34.54 -13.13
C TYR B 188 -2.10 34.76 -14.65
N ARG B 189 -3.32 34.71 -15.21
CA ARG B 189 -3.59 34.91 -16.65
C ARG B 189 -3.05 36.24 -17.17
N TRP B 190 -3.07 37.28 -16.33
CA TRP B 190 -2.52 38.56 -16.77
C TRP B 190 -1.02 38.61 -16.49
N MET B 191 -0.59 37.87 -15.47
CA MET B 191 0.82 37.82 -15.12
C MET B 191 1.62 37.20 -16.27
N ILE B 192 1.10 36.14 -16.90
CA ILE B 192 1.89 35.55 -17.96
C ILE B 192 1.51 35.96 -19.36
N ASP B 193 0.63 36.95 -19.50
CA ASP B 193 0.31 37.38 -20.86
C ASP B 193 1.58 38.12 -21.31
N SER B 194 2.19 37.68 -22.41
CA SER B 194 3.41 38.33 -22.87
C SER B 194 3.23 39.82 -23.19
N ARG B 195 2.02 40.24 -23.47
CA ARG B 195 1.75 41.63 -23.81
C ARG B 195 1.60 42.55 -22.58
N ASP B 196 1.45 41.98 -21.39
CA ASP B 196 1.27 42.80 -20.18
C ASP B 196 2.61 43.17 -19.55
N ASP B 197 2.79 44.42 -19.16
CA ASP B 197 4.06 44.85 -18.58
C ASP B 197 4.05 45.04 -17.08
N TYR B 198 3.00 44.61 -16.39
CA TYR B 198 2.92 44.82 -14.94
C TYR B 198 3.03 43.59 -14.06
N THR B 199 3.78 42.60 -14.53
CA THR B 199 3.91 41.37 -13.77
C THR B 199 4.37 41.56 -12.32
N GLU B 200 5.46 42.30 -12.13
CA GLU B 200 5.97 42.47 -10.78
C GLU B 200 4.94 43.10 -9.87
N GLU B 201 4.24 44.10 -10.38
CA GLU B 201 3.20 44.77 -9.60
C GLU B 201 2.05 43.80 -9.32
N ARG B 202 1.70 42.97 -10.28
CA ARG B 202 0.63 42.04 -10.04
C ARG B 202 1.07 41.12 -8.90
N LEU B 203 2.33 40.72 -8.90
CA LEU B 203 2.81 39.85 -7.83
C LEU B 203 2.86 40.60 -6.50
N ALA B 204 3.34 41.85 -6.52
CA ALA B 204 3.42 42.64 -5.29
C ALA B 204 2.10 42.78 -4.58
N GLN B 205 1.02 42.78 -5.36
CA GLN B 205 -0.28 42.95 -4.74
C GLN B 205 -0.65 41.80 -3.78
N LEU B 206 -0.04 40.64 -3.97
CA LEU B 206 -0.36 39.47 -3.15
C LEU B 206 0.58 39.29 -1.95
N GLN B 207 1.40 40.31 -1.68
CA GLN B 207 2.33 40.22 -0.57
C GLN B 207 1.66 40.57 0.75
N ASP B 208 0.83 39.65 1.24
CA ASP B 208 0.15 39.82 2.52
C ASP B 208 -0.26 38.39 2.91
N PRO B 209 -0.71 38.21 4.15
CA PRO B 209 -1.09 36.85 4.58
C PRO B 209 -2.33 36.21 3.98
N PHE B 210 -3.22 36.99 3.36
CA PHE B 210 -4.48 36.43 2.92
C PHE B 210 -4.80 36.26 1.45
N SER B 211 -4.58 37.32 0.67
CA SER B 211 -4.95 37.36 -0.73
C SER B 211 -4.70 36.05 -1.47
N LEU B 212 -3.46 35.60 -1.39
CA LEU B 212 -3.00 34.39 -2.03
C LEU B 212 -2.70 33.29 -1.05
N TYR B 213 -2.10 33.67 0.09
CA TYR B 213 -1.64 32.64 1.01
C TYR B 213 -2.58 31.86 1.89
N ARG B 214 -3.91 32.04 1.76
CA ARG B 214 -4.82 31.20 2.55
C ARG B 214 -4.97 29.86 1.80
N CYS B 215 -4.51 29.81 0.55
CA CYS B 215 -4.58 28.56 -0.21
C CYS B 215 -3.65 27.51 0.46
N HIS B 216 -4.19 26.35 0.83
CA HIS B 216 -3.40 25.27 1.43
C HIS B 216 -3.43 24.01 0.59
N THR B 217 -3.56 24.21 -0.72
CA THR B 217 -3.54 23.15 -1.72
C THR B 217 -4.55 22.00 -1.51
N ILE B 218 -5.74 22.35 -1.01
CA ILE B 218 -6.83 21.39 -0.76
C ILE B 218 -7.34 20.76 -2.07
N MET B 219 -7.27 21.54 -3.15
CA MET B 219 -7.63 21.07 -4.49
C MET B 219 -9.10 20.75 -4.86
N ASN B 220 -10.03 21.33 -4.10
CA ASN B 220 -11.46 21.17 -4.37
C ASN B 220 -11.81 21.98 -5.60
N CYS B 221 -11.13 23.11 -5.74
CA CYS B 221 -11.35 24.02 -6.87
C CYS B 221 -11.17 23.31 -8.21
N THR B 222 -10.03 22.66 -8.40
CA THR B 222 -9.78 21.97 -9.66
C THR B 222 -10.75 20.80 -9.89
N ARG B 223 -11.14 20.13 -8.82
CA ARG B 223 -12.04 19.00 -8.94
C ARG B 223 -13.44 19.43 -9.38
N THR B 224 -13.84 20.63 -8.98
CA THR B 224 -15.20 21.06 -9.28
C THR B 224 -15.39 21.91 -10.53
N CYS B 225 -14.31 22.41 -11.14
CA CYS B 225 -14.49 23.25 -12.32
C CYS B 225 -15.24 22.59 -13.48
N PRO B 226 -16.39 23.13 -13.89
CA PRO B 226 -17.19 22.59 -15.00
C PRO B 226 -16.52 22.79 -16.34
N LYS B 227 -15.50 23.64 -16.38
CA LYS B 227 -14.79 23.87 -17.63
C LYS B 227 -13.50 23.06 -17.71
N GLY B 228 -13.26 22.20 -16.72
CA GLY B 228 -12.06 21.35 -16.70
C GLY B 228 -10.74 22.09 -16.52
N LEU B 229 -10.78 23.27 -15.90
CA LEU B 229 -9.56 24.06 -15.70
C LEU B 229 -8.85 23.66 -14.40
N ASN B 230 -7.68 24.23 -14.14
CA ASN B 230 -6.95 23.85 -12.94
C ASN B 230 -6.41 25.06 -12.17
N PRO B 231 -7.29 25.73 -11.42
CA PRO B 231 -6.81 26.89 -10.69
C PRO B 231 -5.80 26.54 -9.57
N GLY B 232 -5.86 25.33 -9.03
CA GLY B 232 -4.92 24.95 -8.00
C GLY B 232 -3.52 25.03 -8.58
N LYS B 233 -3.35 24.49 -9.78
CA LYS B 233 -2.07 24.53 -10.44
C LYS B 233 -1.64 25.98 -10.70
N ALA B 234 -2.60 26.80 -11.12
CA ALA B 234 -2.28 28.20 -11.38
C ALA B 234 -1.83 28.90 -10.11
N ILE B 235 -2.45 28.56 -9.00
CA ILE B 235 -2.10 29.17 -7.73
C ILE B 235 -0.69 28.71 -7.36
N ALA B 236 -0.37 27.44 -7.63
CA ALA B 236 0.99 26.96 -7.31
C ALA B 236 2.02 27.71 -8.15
N GLU B 237 1.70 28.02 -9.40
CA GLU B 237 2.64 28.76 -10.24
C GLU B 237 2.85 30.19 -9.73
N ILE B 238 1.83 30.79 -9.13
CA ILE B 238 2.01 32.13 -8.59
C ILE B 238 2.94 32.06 -7.38
N LYS B 239 2.72 31.08 -6.50
CA LYS B 239 3.57 30.91 -5.32
C LYS B 239 5.04 30.78 -5.77
N LYS B 240 5.28 30.01 -6.83
CA LYS B 240 6.67 29.88 -7.32
C LYS B 240 7.25 31.21 -7.80
N MET B 241 6.44 31.99 -8.51
CA MET B 241 6.88 33.31 -8.98
C MET B 241 7.07 34.27 -7.79
N MET B 242 6.18 34.17 -6.79
CA MET B 242 6.28 35.04 -5.62
C MET B 242 7.59 34.77 -4.88
N ALA B 243 8.02 33.52 -4.91
CA ALA B 243 9.22 33.11 -4.21
C ALA B 243 10.49 33.46 -4.96
N THR B 244 10.41 33.61 -6.28
CA THR B 244 11.63 33.89 -7.02
C THR B 244 11.81 35.24 -7.72
N TYR B 245 10.77 36.07 -7.78
CA TYR B 245 10.86 37.37 -8.46
C TYR B 245 11.70 38.43 -7.74
N LYS B 246 12.21 39.36 -8.54
CA LYS B 246 13.02 40.48 -8.05
C LYS B 246 12.27 41.81 -8.25
N ALA C 2 -19.54 55.56 -9.98
CA ALA C 2 -18.57 54.42 -10.03
C ALA C 2 -18.04 54.15 -8.62
N THR C 3 -17.86 52.88 -8.29
CA THR C 3 -17.34 52.53 -6.97
C THR C 3 -16.10 51.67 -7.12
N THR C 4 -15.14 51.86 -6.21
CA THR C 4 -13.92 51.08 -6.23
C THR C 4 -14.19 49.70 -5.68
N ALA C 5 -13.29 48.77 -5.96
CA ALA C 5 -13.44 47.41 -5.48
C ALA C 5 -13.54 47.40 -3.95
N LYS C 6 -12.72 48.24 -3.30
CA LYS C 6 -12.73 48.30 -1.84
C LYS C 6 -14.05 48.79 -1.28
N GLU C 7 -14.63 49.82 -1.91
CA GLU C 7 -15.93 50.33 -1.45
C GLU C 7 -17.00 49.26 -1.69
N GLU C 8 -16.90 48.54 -2.81
CA GLU C 8 -17.91 47.50 -3.09
C GLU C 8 -17.85 46.42 -2.05
N MET C 9 -16.63 45.98 -1.69
CA MET C 9 -16.50 44.95 -0.67
C MET C 9 -17.09 45.43 0.66
N ALA C 10 -16.81 46.65 1.07
CA ALA C 10 -17.36 47.15 2.33
C ALA C 10 -18.88 47.23 2.28
N ARG C 11 -19.47 47.68 1.17
CA ARG C 11 -20.93 47.74 1.16
C ARG C 11 -21.49 46.34 1.15
N PHE C 12 -20.80 45.43 0.47
CA PHE C 12 -21.26 44.04 0.45
C PHE C 12 -21.45 43.55 1.90
N TRP C 13 -20.42 43.73 2.75
CA TRP C 13 -20.53 43.25 4.14
C TRP C 13 -21.50 44.02 5.01
N GLU C 14 -21.58 45.33 4.79
CA GLU C 14 -22.49 46.15 5.57
C GLU C 14 -23.92 45.71 5.23
N LYS C 15 -24.19 45.54 3.94
CA LYS C 15 -25.51 45.11 3.50
C LYS C 15 -25.90 43.74 4.05
N ASN C 16 -25.09 42.72 3.77
CA ASN C 16 -25.43 41.37 4.23
C ASN C 16 -25.41 41.10 5.74
N THR C 17 -24.40 41.59 6.45
CA THR C 17 -24.39 41.32 7.89
C THR C 17 -25.62 41.92 8.57
N LYS C 18 -26.18 42.98 8.02
CA LYS C 18 -27.36 43.57 8.64
C LYS C 18 -28.68 43.13 7.99
N SER C 19 -28.60 42.20 7.03
CA SER C 19 -29.79 41.70 6.34
C SER C 19 -30.31 40.47 7.06
N SER C 20 -31.42 39.94 6.56
CA SER C 20 -32.00 38.74 7.13
C SER C 20 -31.63 37.57 6.22
N ARG C 21 -30.70 37.78 5.29
CA ARG C 21 -30.32 36.71 4.39
C ARG C 21 -29.57 35.60 5.12
N PRO C 22 -29.96 34.37 4.86
CA PRO C 22 -29.25 33.27 5.53
C PRO C 22 -27.96 32.93 4.76
N LEU C 23 -27.04 32.21 5.42
CA LEU C 23 -25.81 31.76 4.81
C LEU C 23 -26.17 30.34 4.29
N SER C 24 -25.84 30.05 3.03
CA SER C 24 -26.18 28.76 2.48
C SER C 24 -25.29 27.72 3.12
N PRO C 25 -25.83 26.51 3.31
CA PRO C 25 -25.05 25.43 3.93
C PRO C 25 -23.79 25.11 3.16
N HIS C 26 -22.77 24.62 3.85
CA HIS C 26 -21.52 24.31 3.20
C HIS C 26 -20.98 22.96 3.67
N ILE C 27 -20.43 22.98 4.88
CA ILE C 27 -19.85 21.79 5.49
C ILE C 27 -20.86 20.61 5.58
N SER C 28 -22.12 20.90 5.89
CA SER C 28 -23.11 19.85 6.02
C SER C 28 -23.66 19.27 4.74
N ILE C 29 -23.38 19.88 3.60
CA ILE C 29 -23.89 19.35 2.34
C ILE C 29 -22.84 19.07 1.27
N TYR C 30 -21.59 19.52 1.46
CA TYR C 30 -20.59 19.27 0.42
C TYR C 30 -20.15 17.83 0.41
N LYS C 31 -20.03 17.25 -0.79
CA LYS C 31 -19.60 15.88 -0.93
C LYS C 31 -18.12 15.74 -0.62
N TRP C 32 -17.74 14.71 0.13
CA TRP C 32 -16.34 14.49 0.47
C TRP C 32 -15.56 13.79 -0.62
N SER C 33 -14.25 13.90 -0.55
CA SER C 33 -13.36 13.22 -1.49
C SER C 33 -12.12 12.83 -0.68
N LEU C 34 -11.34 11.88 -1.16
CA LEU C 34 -10.15 11.45 -0.45
C LEU C 34 -9.17 12.62 -0.30
N PRO C 35 -8.99 13.40 -1.36
CA PRO C 35 -8.05 14.51 -1.20
C PRO C 35 -8.48 15.50 -0.13
N MET C 36 -9.78 15.77 -0.05
CA MET C 36 -10.27 16.70 0.95
C MET C 36 -10.07 16.11 2.35
N ALA C 37 -10.35 14.82 2.53
CA ALA C 37 -10.18 14.17 3.82
C ALA C 37 -8.72 14.11 4.24
N MET C 38 -7.84 13.84 3.28
CA MET C 38 -6.42 13.78 3.60
C MET C 38 -5.90 15.14 4.03
N SER C 39 -6.51 16.18 3.46
CA SER C 39 -6.13 17.56 3.77
C SER C 39 -6.46 17.86 5.23
N ILE C 40 -7.66 17.51 5.69
CA ILE C 40 -7.98 17.77 7.07
C ILE C 40 -7.09 16.91 7.97
N THR C 41 -6.82 15.70 7.54
CA THR C 41 -5.99 14.77 8.29
C THR C 41 -4.56 15.25 8.41
N HIS C 42 -4.04 15.89 7.38
CA HIS C 42 -2.68 16.40 7.47
C HIS C 42 -2.62 17.49 8.54
N ARG C 43 -3.69 18.30 8.64
CA ARG C 43 -3.75 19.35 9.63
C ARG C 43 -3.93 18.70 11.00
N GLY C 44 -4.81 17.71 11.08
CA GLY C 44 -5.04 17.03 12.34
C GLY C 44 -3.78 16.38 12.90
N THR C 45 -3.00 15.71 12.04
CA THR C 45 -1.79 15.07 12.53
C THR C 45 -0.76 16.10 12.94
N GLY C 46 -0.65 17.19 12.17
CA GLY C 46 0.31 18.23 12.53
C GLY C 46 0.04 18.83 13.90
N VAL C 47 -1.23 19.10 14.19
CA VAL C 47 -1.59 19.66 15.47
C VAL C 47 -1.36 18.64 16.57
N ALA C 48 -1.70 17.39 16.30
CA ALA C 48 -1.50 16.35 17.31
C ALA C 48 -0.01 16.22 17.61
N LEU C 49 0.80 16.23 16.57
CA LEU C 49 2.23 16.08 16.74
C LEU C 49 2.77 17.23 17.56
N SER C 50 2.23 18.41 17.32
CA SER C 50 2.69 19.59 18.02
C SER C 50 2.32 19.58 19.48
N LEU C 51 1.11 19.14 19.78
CA LEU C 51 0.65 19.09 21.15
C LEU C 51 1.44 18.00 21.87
N GLY C 52 1.90 17.02 21.11
CA GLY C 52 2.67 15.92 21.66
C GLY C 52 4.03 16.45 22.11
N VAL C 53 4.70 17.16 21.22
CA VAL C 53 5.99 17.73 21.54
C VAL C 53 5.90 18.71 22.71
N SER C 54 4.83 19.51 22.74
CA SER C 54 4.67 20.47 23.83
C SER C 54 4.46 19.76 25.18
N LEU C 55 3.62 18.72 25.18
CA LEU C 55 3.34 17.94 26.38
C LEU C 55 4.58 17.26 26.94
N PHE C 56 5.41 16.75 26.05
CA PHE C 56 6.62 16.08 26.45
C PHE C 56 7.58 17.10 27.04
N SER C 57 7.67 18.24 26.37
CA SER C 57 8.56 19.31 26.78
C SER C 57 8.19 19.78 28.18
N VAL C 58 6.90 19.89 28.43
CA VAL C 58 6.39 20.33 29.73
C VAL C 58 6.56 19.22 30.80
N ALA C 59 6.52 17.97 30.39
CA ALA C 59 6.70 16.85 31.31
C ALA C 59 8.17 16.79 31.75
N ALA C 60 9.07 17.08 30.82
CA ALA C 60 10.50 17.07 31.11
C ALA C 60 10.87 18.15 32.11
N LEU C 61 10.14 19.26 32.07
CA LEU C 61 10.40 20.39 32.97
C LEU C 61 9.68 20.25 34.28
N LEU C 62 8.65 19.42 34.33
CA LEU C 62 7.87 19.29 35.55
C LEU C 62 7.95 17.98 36.31
N LEU C 63 8.17 16.87 35.61
CA LEU C 63 8.23 15.59 36.31
C LEU C 63 9.43 15.48 37.25
N PRO C 64 9.26 14.75 38.36
CA PRO C 64 10.27 14.52 39.40
C PRO C 64 11.48 13.75 38.91
N GLU C 65 11.23 12.58 38.32
CA GLU C 65 12.30 11.71 37.84
C GLU C 65 12.78 11.99 36.44
N GLN C 66 13.88 11.36 36.05
CA GLN C 66 14.44 11.51 34.70
C GLN C 66 13.84 10.42 33.81
N PHE C 67 14.09 10.54 32.51
CA PHE C 67 13.51 9.61 31.54
C PHE C 67 13.76 8.11 31.75
N PRO C 68 15.03 7.70 31.93
CA PRO C 68 15.30 6.27 32.13
C PRO C 68 14.46 5.65 33.24
N HIS C 69 14.19 6.43 34.28
CA HIS C 69 13.37 5.96 35.39
C HIS C 69 12.00 5.48 34.95
N TYR C 70 11.28 6.31 34.20
CA TYR C 70 9.95 5.95 33.73
C TYR C 70 10.00 4.81 32.71
N VAL C 71 11.09 4.74 31.95
CA VAL C 71 11.23 3.67 30.99
C VAL C 71 11.32 2.35 31.77
N ALA C 72 12.17 2.35 32.81
CA ALA C 72 12.33 1.15 33.64
C ALA C 72 11.01 0.74 34.29
N VAL C 73 10.32 1.71 34.86
CA VAL C 73 9.05 1.44 35.51
C VAL C 73 8.14 0.70 34.55
N VAL C 74 8.09 1.18 33.31
CA VAL C 74 7.24 0.54 32.31
C VAL C 74 7.70 -0.89 32.00
N LYS C 75 9.00 -1.07 31.78
CA LYS C 75 9.53 -2.38 31.50
C LYS C 75 9.23 -3.37 32.62
N SER C 76 9.27 -2.87 33.85
CA SER C 76 9.04 -3.72 35.02
C SER C 76 7.61 -4.26 35.07
N LEU C 77 6.65 -3.57 34.45
CA LEU C 77 5.28 -4.08 34.48
C LEU C 77 5.06 -5.32 33.60
N SER C 78 6.04 -5.67 32.79
CA SER C 78 5.92 -6.83 31.91
C SER C 78 4.59 -6.84 31.15
N LEU C 79 4.32 -5.77 30.39
CA LEU C 79 3.09 -5.68 29.61
C LEU C 79 3.16 -6.58 28.39
N SER C 80 1.99 -7.00 27.91
CA SER C 80 1.93 -7.87 26.74
C SER C 80 2.61 -7.24 25.54
N PRO C 81 3.50 -7.99 24.88
CA PRO C 81 4.18 -7.40 23.71
C PRO C 81 3.21 -6.98 22.60
N ALA C 82 2.07 -7.66 22.48
CA ALA C 82 1.05 -7.29 21.49
C ALA C 82 0.54 -5.89 21.80
N LEU C 83 0.22 -5.64 23.07
CA LEU C 83 -0.27 -4.34 23.50
C LEU C 83 0.81 -3.31 23.27
N ILE C 84 2.04 -3.65 23.57
CA ILE C 84 3.08 -2.69 23.35
C ILE C 84 3.27 -2.41 21.86
N TYR C 85 3.11 -3.43 21.03
CA TYR C 85 3.24 -3.26 19.60
C TYR C 85 2.15 -2.32 19.10
N SER C 86 0.94 -2.52 19.61
CA SER C 86 -0.18 -1.69 19.24
C SER C 86 0.10 -0.24 19.56
N ALA C 87 0.61 0.00 20.76
CA ALA C 87 0.92 1.35 21.21
C ALA C 87 1.99 1.99 20.34
N LYS C 88 2.95 1.18 19.89
CA LYS C 88 4.02 1.69 19.03
C LYS C 88 3.39 2.12 17.71
N PHE C 89 2.44 1.34 17.21
CA PHE C 89 1.78 1.64 15.96
C PHE C 89 1.05 2.98 16.10
N ALA C 90 0.25 3.13 17.15
CA ALA C 90 -0.52 4.36 17.36
C ALA C 90 0.40 5.55 17.50
N LEU C 91 1.59 5.35 18.06
CA LEU C 91 2.48 6.48 18.19
C LEU C 91 3.11 6.91 16.90
N VAL C 92 3.58 5.95 16.10
CA VAL C 92 4.25 6.29 14.86
C VAL C 92 3.26 6.63 13.70
N PHE C 93 2.03 6.17 13.77
CA PHE C 93 1.08 6.43 12.68
C PHE C 93 0.92 7.92 12.28
N PRO C 94 0.50 8.79 13.22
CA PRO C 94 0.35 10.19 12.84
C PRO C 94 1.60 10.83 12.28
N LEU C 95 2.76 10.45 12.81
CA LEU C 95 4.02 11.04 12.36
C LEU C 95 4.41 10.55 10.98
N SER C 96 4.05 9.31 10.68
CA SER C 96 4.35 8.70 9.40
C SER C 96 3.44 9.32 8.35
N TYR C 97 2.17 9.45 8.71
CA TYR C 97 1.20 10.03 7.80
C TYR C 97 1.64 11.44 7.43
N HIS C 98 1.85 12.27 8.45
CA HIS C 98 2.24 13.64 8.24
C HIS C 98 3.50 13.81 7.44
N THR C 99 4.48 12.92 7.67
CA THR C 99 5.77 12.95 6.99
C THR C 99 5.62 12.66 5.51
N TRP C 100 4.95 11.56 5.17
CA TRP C 100 4.76 11.23 3.77
C TRP C 100 3.88 12.25 3.04
N ASN C 101 2.79 12.66 3.69
CA ASN C 101 1.87 13.62 3.06
C ASN C 101 2.58 14.94 2.94
N GLY C 102 3.44 15.23 3.93
CA GLY C 102 4.18 16.46 3.91
C GLY C 102 5.06 16.51 2.67
N ILE C 103 5.67 15.38 2.34
CA ILE C 103 6.53 15.33 1.15
C ILE C 103 5.62 15.57 -0.06
N ARG C 104 4.41 15.04 -0.02
CA ARG C 104 3.46 15.21 -1.12
C ARG C 104 3.21 16.72 -1.30
N HIS C 105 3.03 17.43 -0.20
CA HIS C 105 2.86 18.89 -0.26
C HIS C 105 4.08 19.60 -0.83
N LEU C 106 5.28 19.19 -0.44
CA LEU C 106 6.48 19.85 -0.94
C LEU C 106 6.65 19.64 -2.45
N VAL C 107 6.20 18.48 -2.95
CA VAL C 107 6.28 18.23 -4.38
C VAL C 107 5.26 19.19 -5.09
N TRP C 108 4.11 19.48 -4.46
CA TRP C 108 3.12 20.40 -5.04
C TRP C 108 3.71 21.81 -5.06
N ASP C 109 4.44 22.14 -4.01
CA ASP C 109 5.02 23.46 -3.96
C ASP C 109 6.09 23.62 -5.05
N MET C 110 6.58 22.51 -5.60
CA MET C 110 7.57 22.60 -6.69
C MET C 110 6.77 22.65 -7.98
N GLY C 111 5.45 22.67 -7.82
CA GLY C 111 4.54 22.76 -8.95
C GLY C 111 4.30 21.45 -9.67
N LYS C 112 4.51 20.32 -9.00
CA LYS C 112 4.32 19.03 -9.65
C LYS C 112 3.17 18.21 -9.08
N GLY C 113 2.58 17.38 -9.93
CA GLY C 113 1.50 16.51 -9.50
C GLY C 113 0.12 17.13 -9.36
N PHE C 114 -0.22 18.13 -10.19
CA PHE C 114 -1.53 18.80 -10.11
C PHE C 114 -2.71 18.27 -10.91
N LYS C 115 -2.47 17.32 -11.81
CA LYS C 115 -3.58 16.75 -12.56
C LYS C 115 -4.46 15.98 -11.58
N LEU C 116 -5.77 16.06 -11.75
CA LEU C 116 -6.67 15.36 -10.84
C LEU C 116 -6.29 13.88 -10.66
N SER C 117 -5.85 13.23 -11.72
CA SER C 117 -5.47 11.82 -11.60
C SER C 117 -4.23 11.66 -10.72
N GLN C 118 -3.28 12.58 -10.82
CA GLN C 118 -2.08 12.49 -9.98
C GLN C 118 -2.40 12.80 -8.54
N VAL C 119 -3.31 13.74 -8.31
CA VAL C 119 -3.70 14.10 -6.97
C VAL C 119 -4.29 12.90 -6.26
N GLU C 120 -5.17 12.17 -6.94
CA GLU C 120 -5.79 11.00 -6.34
C GLU C 120 -4.74 9.91 -6.16
N GLN C 121 -3.91 9.69 -7.16
CA GLN C 121 -2.89 8.65 -7.05
C GLN C 121 -1.88 8.88 -5.95
N SER C 122 -1.32 10.09 -5.90
CA SER C 122 -0.33 10.41 -4.88
C SER C 122 -0.91 10.24 -3.47
N GLY C 123 -2.19 10.56 -3.31
CA GLY C 123 -2.83 10.43 -2.01
C GLY C 123 -2.94 8.96 -1.60
N VAL C 124 -3.22 8.08 -2.56
CA VAL C 124 -3.31 6.67 -2.25
C VAL C 124 -1.91 6.11 -1.96
N VAL C 125 -0.90 6.60 -2.67
CA VAL C 125 0.45 6.14 -2.41
C VAL C 125 0.85 6.55 -1.00
N VAL C 126 0.51 7.78 -0.61
CA VAL C 126 0.83 8.25 0.74
C VAL C 126 0.16 7.36 1.83
N LEU C 127 -1.04 6.86 1.56
CA LEU C 127 -1.72 6.01 2.53
C LEU C 127 -1.06 4.62 2.67
N ILE C 128 -0.57 4.09 1.57
CA ILE C 128 0.09 2.80 1.60
C ILE C 128 1.45 2.92 2.29
N LEU C 129 2.23 3.94 1.92
CA LEU C 129 3.53 4.16 2.53
C LEU C 129 3.38 4.37 4.03
N THR C 130 2.28 5.01 4.42
CA THR C 130 2.04 5.25 5.84
C THR C 130 1.80 3.96 6.57
N LEU C 131 0.98 3.08 6.00
CA LEU C 131 0.71 1.81 6.64
C LEU C 131 1.90 0.85 6.66
N LEU C 132 2.69 0.81 5.60
CA LEU C 132 3.86 -0.06 5.55
C LEU C 132 4.91 0.37 6.56
N SER C 133 5.35 1.62 6.45
CA SER C 133 6.36 2.13 7.34
C SER C 133 5.92 2.03 8.80
N SER C 134 4.64 2.31 9.07
CA SER C 134 4.15 2.24 10.44
C SER C 134 4.16 0.81 10.99
N ALA C 135 3.83 -0.16 10.14
CA ALA C 135 3.82 -1.55 10.58
C ALA C 135 5.27 -2.04 10.72
N GLY C 136 6.15 -1.56 9.85
CA GLY C 136 7.55 -1.96 9.90
C GLY C 136 8.22 -1.40 11.16
N ILE C 137 7.92 -0.15 11.47
CA ILE C 137 8.52 0.49 12.62
C ILE C 137 7.97 -0.02 13.95
N ALA C 138 6.67 -0.32 14.00
CA ALA C 138 6.07 -0.81 15.23
C ALA C 138 6.72 -2.15 15.69
N ALA C 139 7.22 -2.91 14.73
CA ALA C 139 7.86 -4.18 15.06
C ALA C 139 9.33 -3.88 15.33
N ILE C 140 9.59 -2.61 15.63
CA ILE C 140 10.90 -2.01 15.94
C ILE C 140 11.74 -1.71 14.71
N SER C 141 11.84 -0.42 14.37
CA SER C 141 12.58 0.08 13.20
C SER C 141 12.01 -0.45 11.89
N SER D 3 8.70 44.41 2.16
CA SER D 3 7.93 44.38 0.87
C SER D 3 7.66 42.94 0.38
N LYS D 4 8.55 42.02 0.71
CA LYS D 4 8.36 40.64 0.30
C LYS D 4 8.26 39.74 1.50
N ALA D 5 7.84 40.30 2.62
CA ALA D 5 7.73 39.53 3.83
C ALA D 5 6.85 38.29 3.65
N ALA D 6 5.76 38.42 2.92
CA ALA D 6 4.88 37.27 2.74
C ALA D 6 5.55 36.10 1.99
N SER D 7 6.13 36.36 0.84
CA SER D 7 6.76 35.27 0.11
C SER D 7 7.98 34.75 0.88
N LEU D 8 8.69 35.63 1.56
CA LEU D 8 9.84 35.19 2.34
C LEU D 8 9.41 34.19 3.40
N HIS D 9 8.34 34.52 4.14
CA HIS D 9 7.87 33.62 5.16
C HIS D 9 7.47 32.26 4.57
N TRP D 10 6.71 32.31 3.50
CA TRP D 10 6.31 31.09 2.82
C TRP D 10 7.56 30.26 2.46
N THR D 11 8.59 30.93 1.93
CA THR D 11 9.81 30.23 1.57
C THR D 11 10.50 29.62 2.81
N SER D 12 10.58 30.40 3.88
CA SER D 12 11.19 29.92 5.12
C SER D 12 10.51 28.65 5.63
N GLU D 13 9.18 28.65 5.63
CA GLU D 13 8.38 27.51 6.08
C GLU D 13 8.70 26.23 5.34
N ARG D 14 8.90 26.34 4.04
CA ARG D 14 9.23 25.16 3.28
C ARG D 14 10.65 24.69 3.62
N ALA D 15 11.58 25.64 3.69
CA ALA D 15 12.97 25.30 4.01
C ALA D 15 12.99 24.53 5.35
N VAL D 16 12.36 25.10 6.38
CA VAL D 16 12.33 24.41 7.66
C VAL D 16 11.68 23.03 7.53
N SER D 17 10.62 22.91 6.72
CA SER D 17 9.99 21.59 6.56
C SER D 17 10.98 20.60 5.97
N ALA D 18 11.75 21.06 5.00
CA ALA D 18 12.74 20.22 4.35
C ALA D 18 13.78 19.75 5.39
N LEU D 19 14.31 20.70 6.17
CA LEU D 19 15.27 20.43 7.21
C LEU D 19 14.76 19.28 8.09
N LEU D 20 13.59 19.46 8.70
CA LEU D 20 13.02 18.40 9.53
C LEU D 20 13.12 17.06 8.82
N LEU D 21 12.76 17.06 7.55
CA LEU D 21 12.80 15.83 6.79
C LEU D 21 14.20 15.22 6.86
N GLY D 22 15.21 16.03 6.59
CA GLY D 22 16.58 15.53 6.65
C GLY D 22 17.03 15.12 8.04
N LEU D 23 16.49 15.75 9.08
CA LEU D 23 16.87 15.40 10.44
C LEU D 23 16.38 14.03 10.87
N LEU D 24 15.33 13.53 10.22
CA LEU D 24 14.83 12.21 10.57
C LEU D 24 15.94 11.17 10.34
N PRO D 25 16.44 11.07 9.09
CA PRO D 25 17.51 10.11 8.76
C PRO D 25 18.75 10.38 9.61
N ALA D 26 19.05 11.67 9.77
CA ALA D 26 20.20 12.08 10.54
C ALA D 26 20.13 11.57 11.97
N ALA D 27 18.95 11.62 12.58
CA ALA D 27 18.75 11.17 13.95
C ALA D 27 19.04 9.69 14.07
N TYR D 28 18.76 8.96 13.00
CA TYR D 28 18.98 7.54 12.98
C TYR D 28 20.44 7.21 12.73
N LEU D 29 21.09 7.97 11.85
CA LEU D 29 22.47 7.70 11.51
C LEU D 29 23.51 8.36 12.40
N TYR D 30 23.16 9.50 13.00
CA TYR D 30 24.10 10.21 13.85
C TYR D 30 23.48 10.79 15.12
N PRO D 31 22.93 9.94 15.99
CA PRO D 31 22.32 10.42 17.24
C PRO D 31 23.31 11.33 17.95
N GLY D 32 22.83 12.10 18.93
CA GLY D 32 23.73 12.97 19.63
C GLY D 32 23.32 14.43 19.69
N PRO D 33 24.04 15.24 20.47
CA PRO D 33 23.79 16.68 20.66
C PRO D 33 23.47 17.49 19.41
N ALA D 34 24.32 17.39 18.39
CA ALA D 34 24.08 18.15 17.17
C ALA D 34 22.65 17.95 16.69
N VAL D 35 22.31 16.71 16.40
CA VAL D 35 20.97 16.40 15.94
C VAL D 35 19.93 16.72 17.01
N ASP D 36 20.23 16.38 18.26
CA ASP D 36 19.27 16.63 19.35
C ASP D 36 18.83 18.08 19.46
N TYR D 37 19.77 19.02 19.31
CA TYR D 37 19.45 20.43 19.39
C TYR D 37 18.83 20.95 18.10
N SER D 38 19.25 20.39 16.97
CA SER D 38 18.69 20.82 15.70
C SER D 38 17.21 20.46 15.68
N LEU D 39 16.89 19.24 16.09
CA LEU D 39 15.50 18.81 16.15
C LEU D 39 14.73 19.72 17.09
N ALA D 40 15.31 20.05 18.23
CA ALA D 40 14.64 20.92 19.19
C ALA D 40 14.27 22.26 18.52
N ALA D 41 15.19 22.80 17.73
CA ALA D 41 14.96 24.06 17.05
C ALA D 41 13.95 23.92 15.88
N ALA D 42 14.18 22.95 15.00
CA ALA D 42 13.30 22.72 13.85
C ALA D 42 11.89 22.34 14.28
N LEU D 43 11.77 21.42 15.22
CA LEU D 43 10.45 21.02 15.70
C LEU D 43 9.68 22.20 16.30
N THR D 44 10.40 23.08 16.99
CA THR D 44 9.72 24.20 17.59
C THR D 44 9.27 25.20 16.53
N LEU D 45 10.18 25.55 15.62
CA LEU D 45 9.91 26.51 14.56
C LEU D 45 8.82 26.02 13.58
N HIS D 46 8.97 24.82 13.03
CA HIS D 46 7.99 24.25 12.11
C HIS D 46 6.63 24.24 12.80
N GLY D 47 6.62 23.82 14.07
CA GLY D 47 5.37 23.77 14.81
C GLY D 47 4.77 25.14 15.07
N HIS D 48 5.60 26.13 15.40
CA HIS D 48 5.10 27.48 15.70
C HIS D 48 4.40 28.05 14.49
N TRP D 49 5.07 27.96 13.33
CA TRP D 49 4.50 28.48 12.10
C TRP D 49 3.25 27.75 11.67
N GLY D 50 3.24 26.44 11.90
CA GLY D 50 2.09 25.63 11.52
C GLY D 50 0.83 25.98 12.29
N LEU D 51 0.98 26.10 13.60
CA LEU D 51 -0.17 26.45 14.43
C LEU D 51 -0.51 27.88 14.08
N GLY D 52 0.51 28.63 13.66
CA GLY D 52 0.29 30.02 13.26
C GLY D 52 -0.66 30.07 12.06
N GLN D 53 -0.46 29.16 11.11
CA GLN D 53 -1.33 29.11 9.95
C GLN D 53 -2.72 28.67 10.38
N VAL D 54 -2.80 27.81 11.38
CA VAL D 54 -4.11 27.34 11.82
C VAL D 54 -4.88 28.48 12.45
N ILE D 55 -4.17 29.35 13.17
CA ILE D 55 -4.77 30.50 13.82
C ILE D 55 -5.29 31.51 12.79
N THR D 56 -4.46 31.79 11.80
CA THR D 56 -4.84 32.76 10.77
C THR D 56 -6.09 32.33 10.03
N ASP D 57 -6.25 31.02 9.84
CA ASP D 57 -7.42 30.49 9.15
C ASP D 57 -8.70 30.55 9.95
N TYR D 58 -8.65 30.17 11.21
CA TYR D 58 -9.85 30.09 12.00
C TYR D 58 -10.19 31.17 13.02
N VAL D 59 -9.22 31.95 13.45
CA VAL D 59 -9.48 32.99 14.43
C VAL D 59 -9.67 34.33 13.73
N HIS D 60 -10.77 35.03 14.03
CA HIS D 60 -10.98 36.34 13.41
C HIS D 60 -11.38 37.34 14.48
N GLY D 61 -11.19 38.62 14.18
CA GLY D 61 -11.48 39.66 15.14
C GLY D 61 -10.09 40.05 15.65
N ASP D 62 -9.78 41.32 15.53
CA ASP D 62 -8.47 41.82 15.93
C ASP D 62 -7.99 41.41 17.32
N THR D 63 -8.86 41.46 18.31
CA THR D 63 -8.43 41.09 19.65
C THR D 63 -8.23 39.59 19.76
N PRO D 64 -9.24 38.80 19.39
CA PRO D 64 -9.07 37.34 19.48
C PRO D 64 -7.77 36.88 18.77
N ILE D 65 -7.43 37.47 17.62
CA ILE D 65 -6.22 37.10 16.90
C ILE D 65 -4.94 37.46 17.67
N LYS D 66 -4.90 38.65 18.24
CA LYS D 66 -3.72 39.06 19.00
C LYS D 66 -3.57 38.14 20.21
N VAL D 67 -4.67 37.87 20.87
CA VAL D 67 -4.64 37.00 22.03
C VAL D 67 -4.12 35.61 21.65
N ALA D 68 -4.69 35.04 20.59
CA ALA D 68 -4.28 33.71 20.14
C ALA D 68 -2.81 33.65 19.78
N ASN D 69 -2.32 34.69 19.13
CA ASN D 69 -0.92 34.69 18.76
C ASN D 69 0.01 34.91 19.93
N THR D 70 -0.45 35.61 20.96
CA THR D 70 0.42 35.83 22.12
C THR D 70 0.58 34.47 22.80
N GLY D 71 -0.55 33.77 22.97
CA GLY D 71 -0.53 32.46 23.58
C GLY D 71 0.39 31.50 22.85
N LEU D 72 0.24 31.39 21.54
CA LEU D 72 1.09 30.49 20.75
C LEU D 72 2.55 30.78 21.05
N TYR D 73 2.95 32.04 20.98
CA TYR D 73 4.33 32.43 21.24
C TYR D 73 4.82 31.94 22.62
N VAL D 74 3.93 31.95 23.59
CA VAL D 74 4.24 31.50 24.94
C VAL D 74 4.47 29.99 24.96
N LEU D 75 3.63 29.27 24.22
CA LEU D 75 3.73 27.82 24.15
C LEU D 75 5.03 27.42 23.45
N SER D 76 5.36 28.09 22.35
CA SER D 76 6.59 27.78 21.62
C SER D 76 7.84 27.97 22.46
N ALA D 77 7.87 29.06 23.23
CA ALA D 77 9.01 29.37 24.09
C ALA D 77 9.18 28.25 25.12
N ILE D 78 8.12 27.97 25.87
CA ILE D 78 8.16 26.90 26.85
C ILE D 78 8.60 25.58 26.22
N THR D 79 8.07 25.29 25.03
CA THR D 79 8.39 24.06 24.34
C THR D 79 9.86 23.99 23.97
N PHE D 80 10.39 25.03 23.35
CA PHE D 80 11.79 25.00 22.99
C PHE D 80 12.66 24.87 24.26
N THR D 81 12.26 25.56 25.32
CA THR D 81 13.02 25.51 26.56
C THR D 81 13.06 24.11 27.15
N GLY D 82 11.88 23.47 27.24
CA GLY D 82 11.82 22.13 27.78
C GLY D 82 12.69 21.14 27.00
N LEU D 83 12.65 21.22 25.67
CA LEU D 83 13.43 20.31 24.84
C LEU D 83 14.93 20.48 25.01
N CYS D 84 15.37 21.74 25.10
CA CYS D 84 16.78 22.03 25.29
C CYS D 84 17.21 21.54 26.68
N TYR D 85 16.34 21.77 27.67
CA TYR D 85 16.54 21.34 29.05
C TYR D 85 16.73 19.82 29.06
N PHE D 86 15.82 19.11 28.39
CA PHE D 86 15.88 17.66 28.30
C PHE D 86 17.16 17.20 27.60
N ASN D 87 17.58 17.93 26.57
CA ASN D 87 18.79 17.56 25.84
C ASN D 87 20.01 17.79 26.73
N TYR D 88 19.90 18.77 27.62
CA TYR D 88 20.98 19.14 28.52
C TYR D 88 21.10 18.29 29.78
N TYR D 89 20.03 18.24 30.57
CA TYR D 89 20.01 17.49 31.82
C TYR D 89 19.54 16.04 31.78
N ASP D 90 19.10 15.57 30.62
CA ASP D 90 18.64 14.19 30.54
C ASP D 90 19.31 13.53 29.36
N VAL D 91 18.83 12.35 28.96
CA VAL D 91 19.42 11.59 27.86
C VAL D 91 19.39 12.21 26.47
N GLY D 92 18.48 13.16 26.24
CA GLY D 92 18.39 13.80 24.93
C GLY D 92 17.35 13.14 24.04
N ILE D 93 16.80 13.91 23.10
CA ILE D 93 15.76 13.38 22.20
C ILE D 93 16.05 12.07 21.47
N CYS D 94 17.16 12.00 20.75
CA CYS D 94 17.51 10.77 20.02
C CYS D 94 17.53 9.54 20.92
N LYS D 95 18.25 9.64 22.03
CA LYS D 95 18.38 8.56 22.99
C LYS D 95 17.05 8.23 23.67
N ALA D 96 16.25 9.25 23.96
CA ALA D 96 14.96 9.01 24.59
C ALA D 96 14.08 8.15 23.66
N VAL D 97 14.17 8.40 22.36
CA VAL D 97 13.36 7.66 21.42
C VAL D 97 13.79 6.20 21.32
N ALA D 98 15.11 5.96 21.30
CA ALA D 98 15.63 4.59 21.25
C ALA D 98 15.21 3.85 22.52
N MET D 99 15.36 4.50 23.67
CA MET D 99 14.98 3.91 24.95
C MET D 99 13.50 3.59 25.00
N LEU D 100 12.69 4.52 24.52
CA LEU D 100 11.25 4.33 24.49
C LEU D 100 10.92 3.11 23.60
N TRP D 101 11.64 2.96 22.50
CA TRP D 101 11.40 1.86 21.58
C TRP D 101 12.00 0.52 22.02
N SER D 102 12.69 0.53 23.17
CA SER D 102 13.27 -0.71 23.67
C SER D 102 12.30 -1.38 24.63
N ILE D 103 11.18 -0.73 24.90
CA ILE D 103 10.19 -1.28 25.82
C ILE D 103 9.45 -2.45 25.17
N THR E 10 15.33 -52.76 50.54
CA THR E 10 13.86 -52.95 50.60
C THR E 10 13.03 -51.66 50.40
N GLN E 11 13.59 -50.51 50.79
CA GLN E 11 12.90 -49.24 50.61
C GLN E 11 12.81 -48.82 49.15
N TYR E 12 13.63 -49.42 48.30
CA TYR E 12 13.55 -49.09 46.88
C TYR E 12 12.91 -50.25 46.13
N PRO E 13 11.88 -49.96 45.34
CA PRO E 13 11.26 -51.06 44.58
C PRO E 13 12.28 -51.52 43.53
N VAL E 14 12.46 -52.84 43.40
CA VAL E 14 13.41 -53.42 42.46
C VAL E 14 12.73 -54.23 41.36
N VAL E 15 13.05 -53.92 40.10
CA VAL E 15 12.50 -54.62 38.96
C VAL E 15 13.61 -55.42 38.26
N ASP E 16 13.33 -56.69 38.00
CA ASP E 16 14.31 -57.55 37.36
C ASP E 16 13.91 -57.86 35.92
N HIS E 17 14.91 -57.84 35.04
CA HIS E 17 14.71 -58.12 33.62
C HIS E 17 15.71 -59.21 33.23
N GLU E 18 15.35 -60.03 32.24
CA GLU E 18 16.24 -61.08 31.76
C GLU E 18 16.34 -60.86 30.28
N PHE E 19 17.55 -60.72 29.75
CA PHE E 19 17.76 -60.51 28.31
C PHE E 19 18.91 -61.40 27.89
N ASP E 20 19.14 -61.59 26.59
CA ASP E 20 20.31 -62.35 26.16
C ASP E 20 21.54 -61.45 26.33
N ALA E 21 21.30 -60.17 26.03
CA ALA E 21 22.36 -59.16 26.09
C ALA E 21 21.89 -57.79 26.52
N VAL E 22 22.78 -57.05 27.18
CA VAL E 22 22.50 -55.71 27.65
C VAL E 22 23.56 -54.78 27.12
N VAL E 23 23.15 -53.69 26.48
CA VAL E 23 24.14 -52.73 26.00
C VAL E 23 23.96 -51.44 26.81
N VAL E 24 25.01 -50.90 27.43
CA VAL E 24 24.84 -49.66 28.19
C VAL E 24 25.44 -48.57 27.31
N GLY E 25 24.58 -47.73 26.72
CA GLY E 25 25.00 -46.65 25.85
C GLY E 25 24.24 -46.69 24.54
N ALA E 26 23.82 -45.52 24.06
CA ALA E 26 23.08 -45.38 22.81
C ALA E 26 23.69 -44.32 21.90
N GLY E 27 25.01 -44.29 21.88
CA GLY E 27 25.72 -43.36 21.02
C GLY E 27 25.95 -44.14 19.76
N GLY E 28 26.94 -43.79 18.96
CA GLY E 28 27.17 -44.53 17.73
C GLY E 28 27.52 -45.97 18.02
N ALA E 29 28.37 -46.18 19.03
CA ALA E 29 28.77 -47.55 19.35
C ALA E 29 27.66 -48.37 19.94
N GLY E 30 27.05 -47.87 21.01
CA GLY E 30 25.97 -48.63 21.64
C GLY E 30 24.83 -49.00 20.71
N LEU E 31 24.40 -48.05 19.89
CA LEU E 31 23.33 -48.34 18.96
C LEU E 31 23.79 -49.39 17.95
N ARG E 32 24.99 -49.25 17.39
CA ARG E 32 25.43 -50.25 16.40
C ARG E 32 25.53 -51.65 17.02
N ALA E 33 26.02 -51.74 18.25
CA ALA E 33 26.13 -53.02 18.95
C ALA E 33 24.74 -53.55 19.26
N ALA E 34 23.88 -52.67 19.77
CA ALA E 34 22.53 -53.06 20.16
C ALA E 34 21.72 -53.61 18.99
N PHE E 35 21.57 -52.89 17.87
CA PHE E 35 20.77 -53.51 16.83
C PHE E 35 21.54 -54.60 16.11
N GLY E 36 22.85 -54.60 16.26
CA GLY E 36 23.64 -55.67 15.66
C GLY E 36 23.29 -56.96 16.38
N LEU E 37 23.15 -56.90 17.70
CA LEU E 37 22.80 -58.06 18.48
C LEU E 37 21.38 -58.47 18.08
N SER E 38 20.45 -57.52 18.02
CA SER E 38 19.08 -57.83 17.63
C SER E 38 18.99 -58.43 16.23
N GLU E 39 19.77 -57.93 15.28
CA GLU E 39 19.71 -58.48 13.94
C GLU E 39 20.29 -59.89 13.90
N ALA E 40 21.05 -60.28 14.92
CA ALA E 40 21.60 -61.63 14.98
C ALA E 40 20.66 -62.58 15.74
N GLY E 41 19.50 -62.08 16.13
CA GLY E 41 18.58 -62.93 16.85
C GLY E 41 18.61 -62.84 18.37
N PHE E 42 19.47 -62.00 18.95
CA PHE E 42 19.51 -61.89 20.40
C PHE E 42 18.46 -60.95 20.97
N ASN E 43 17.82 -61.34 22.08
CA ASN E 43 16.82 -60.50 22.81
C ASN E 43 17.72 -59.51 23.57
N THR E 44 17.80 -58.30 23.06
CA THR E 44 18.70 -57.25 23.58
C THR E 44 18.07 -56.01 24.23
N ALA E 45 18.72 -55.53 25.28
CA ALA E 45 18.30 -54.32 25.97
C ALA E 45 19.35 -53.23 25.78
N CYS E 46 18.91 -52.01 25.53
CA CYS E 46 19.84 -50.88 25.38
C CYS E 46 19.40 -49.88 26.43
N VAL E 47 20.23 -49.70 27.44
CA VAL E 47 19.99 -48.86 28.59
C VAL E 47 20.79 -47.57 28.38
N THR E 48 20.12 -46.42 28.37
CA THR E 48 20.81 -45.17 28.14
C THR E 48 20.29 -44.03 29.02
N LYS E 49 21.20 -43.21 29.54
CA LYS E 49 20.74 -42.11 30.39
C LYS E 49 20.15 -40.97 29.59
N LEU E 50 20.35 -40.98 28.28
CA LEU E 50 19.79 -39.94 27.40
C LEU E 50 18.96 -40.54 26.28
N PHE E 51 18.10 -39.74 25.67
CA PHE E 51 17.35 -40.18 24.49
C PHE E 51 18.55 -40.33 23.52
N PRO E 52 18.60 -41.41 22.73
CA PRO E 52 19.73 -41.63 21.82
C PRO E 52 20.38 -40.52 21.02
N THR E 53 19.57 -39.76 20.29
CA THR E 53 20.08 -38.75 19.41
C THR E 53 20.65 -37.55 20.14
N ARG E 54 20.61 -37.57 21.48
CA ARG E 54 21.18 -36.49 22.28
C ARG E 54 22.65 -36.81 22.66
N SER E 55 23.11 -38.05 22.38
CA SER E 55 24.47 -38.49 22.72
C SER E 55 25.56 -37.64 22.06
N HIS E 56 26.72 -37.54 22.70
CA HIS E 56 27.80 -36.72 22.17
C HIS E 56 28.14 -36.96 20.69
N THR E 57 27.92 -38.19 20.20
CA THR E 57 28.20 -38.58 18.83
C THR E 57 27.49 -37.60 17.87
N VAL E 58 26.34 -37.11 18.31
CA VAL E 58 25.47 -36.20 17.54
C VAL E 58 26.24 -34.91 17.28
N ALA E 59 27.25 -34.66 18.11
CA ALA E 59 27.97 -33.41 17.91
C ALA E 59 29.19 -33.57 17.02
N ALA E 60 29.50 -34.79 16.59
CA ALA E 60 30.69 -34.97 15.74
C ALA E 60 30.51 -34.23 14.38
N GLN E 61 31.62 -33.69 13.86
CA GLN E 61 31.59 -32.88 12.65
C GLN E 61 32.33 -33.31 11.41
N GLY E 62 33.65 -33.33 11.55
CA GLY E 62 34.56 -33.62 10.46
C GLY E 62 34.32 -34.80 9.55
N GLY E 63 34.14 -35.98 10.13
CA GLY E 63 33.88 -37.13 9.28
C GLY E 63 34.32 -38.47 9.81
N ILE E 64 34.33 -39.47 8.93
CA ILE E 64 34.71 -40.80 9.32
C ILE E 64 35.65 -41.34 8.23
N ASN E 65 36.79 -41.89 8.64
CA ASN E 65 37.80 -42.41 7.71
C ASN E 65 37.58 -43.77 7.10
N ALA E 66 37.87 -43.85 5.79
CA ALA E 66 37.76 -45.10 5.07
C ALA E 66 38.49 -44.97 3.73
N ALA E 67 39.33 -45.96 3.42
CA ALA E 67 40.04 -45.91 2.15
C ALA E 67 39.11 -46.34 1.02
N LEU E 68 38.08 -45.57 0.71
CA LEU E 68 37.16 -45.94 -0.38
C LEU E 68 37.81 -45.63 -1.73
N GLY E 69 38.70 -44.65 -1.77
CA GLY E 69 39.34 -44.30 -3.02
C GLY E 69 38.43 -43.48 -3.91
N ASN E 70 37.49 -42.73 -3.34
CA ASN E 70 36.61 -41.90 -4.17
C ASN E 70 37.22 -40.62 -4.77
N MET E 71 38.31 -40.12 -4.17
CA MET E 71 38.91 -38.87 -4.60
C MET E 71 40.21 -39.07 -5.37
N GLU E 72 40.95 -40.09 -4.99
CA GLU E 72 42.22 -40.48 -5.62
C GLU E 72 42.36 -41.94 -5.18
N ASP E 73 43.31 -42.65 -5.77
CA ASP E 73 43.49 -44.05 -5.37
C ASP E 73 43.99 -44.22 -3.93
N ASP E 74 43.48 -45.25 -3.26
CA ASP E 74 43.85 -45.42 -1.85
C ASP E 74 44.10 -46.85 -1.53
N ASN E 75 44.50 -47.09 -0.29
CA ASN E 75 44.76 -48.42 0.17
C ASN E 75 44.56 -48.42 1.68
N TRP E 76 43.78 -49.35 2.18
CA TRP E 76 43.52 -49.41 3.62
C TRP E 76 44.80 -49.63 4.41
N ARG E 77 45.81 -50.29 3.81
CA ARG E 77 47.03 -50.52 4.57
C ARG E 77 47.77 -49.20 4.80
N TRP E 78 47.46 -48.17 3.99
CA TRP E 78 48.11 -46.86 4.19
C TRP E 78 47.44 -46.19 5.43
N HIS E 79 46.14 -46.44 5.58
CA HIS E 79 45.35 -45.90 6.69
C HIS E 79 45.81 -46.64 7.96
N PHE E 80 46.10 -47.94 7.81
CA PHE E 80 46.65 -48.77 8.89
C PHE E 80 47.93 -48.12 9.39
N TYR E 81 48.83 -47.83 8.44
CA TYR E 81 50.09 -47.24 8.76
C TYR E 81 49.94 -45.87 9.43
N ASP E 82 49.06 -45.00 8.92
CA ASP E 82 48.90 -43.66 9.50
C ASP E 82 48.43 -43.75 10.95
N THR E 83 47.57 -44.73 11.22
CA THR E 83 47.00 -44.90 12.57
C THR E 83 48.06 -45.48 13.54
N VAL E 84 48.89 -46.39 13.06
CA VAL E 84 49.95 -46.98 13.89
C VAL E 84 50.95 -45.88 14.27
N LYS E 85 51.38 -45.11 13.27
CA LYS E 85 52.30 -44.03 13.54
C LYS E 85 51.64 -42.95 14.38
N GLY E 86 50.41 -42.62 14.03
CA GLY E 86 49.75 -41.59 14.80
C GLY E 86 49.66 -41.96 16.28
N SER E 87 49.51 -43.24 16.59
CA SER E 87 49.39 -43.67 18.00
C SER E 87 50.71 -43.69 18.73
N ASP E 88 51.79 -43.39 18.01
CA ASP E 88 53.15 -43.36 18.58
C ASP E 88 53.55 -44.68 19.21
N TRP E 89 53.16 -45.75 18.53
CA TRP E 89 53.44 -47.14 18.86
C TRP E 89 52.95 -47.66 20.20
N LEU E 90 51.85 -47.07 20.66
CA LEU E 90 51.25 -47.57 21.87
C LEU E 90 49.99 -48.29 21.44
N GLY E 91 49.69 -48.20 20.15
CA GLY E 91 48.49 -48.83 19.60
C GLY E 91 48.66 -50.31 19.33
N ASP E 92 47.62 -51.10 19.55
CA ASP E 92 47.72 -52.53 19.29
C ASP E 92 47.43 -52.74 17.82
N GLN E 93 48.46 -53.22 17.13
CA GLN E 93 48.38 -53.41 15.69
C GLN E 93 47.38 -54.44 15.22
N ASP E 94 47.03 -55.40 16.07
CA ASP E 94 46.02 -56.34 15.63
C ASP E 94 44.65 -55.61 15.54
N ALA E 95 44.37 -54.72 16.47
CA ALA E 95 43.09 -54.03 16.41
C ALA E 95 43.08 -52.96 15.33
N ILE E 96 44.19 -52.28 15.16
CA ILE E 96 44.28 -51.26 14.13
C ILE E 96 44.07 -51.90 12.74
N HIS E 97 44.63 -53.08 12.62
CA HIS E 97 44.50 -53.84 11.38
C HIS E 97 43.00 -54.13 11.13
N TYR E 98 42.32 -54.66 12.13
CA TYR E 98 40.89 -54.96 11.97
C TYR E 98 40.12 -53.68 11.62
N MET E 99 40.37 -52.60 12.33
CA MET E 99 39.62 -51.36 12.09
C MET E 99 39.81 -50.74 10.70
N THR E 100 41.06 -50.56 10.27
CA THR E 100 41.27 -49.95 8.97
C THR E 100 40.81 -50.87 7.85
N GLU E 101 41.07 -52.17 7.95
CA GLU E 101 40.61 -53.06 6.88
C GLU E 101 39.08 -53.11 6.76
N GLN E 102 38.40 -53.04 7.89
CA GLN E 102 36.95 -53.07 7.88
C GLN E 102 36.32 -51.72 7.51
N ALA E 103 37.11 -50.66 7.50
CA ALA E 103 36.56 -49.32 7.25
C ALA E 103 35.75 -49.10 6.00
N PRO E 104 36.26 -49.55 4.84
CA PRO E 104 35.41 -49.30 3.67
C PRO E 104 34.03 -49.93 3.82
N ALA E 105 34.00 -51.17 4.29
CA ALA E 105 32.72 -51.89 4.46
C ALA E 105 31.81 -51.15 5.42
N ALA E 106 32.39 -50.64 6.48
CA ALA E 106 31.61 -49.95 7.50
C ALA E 106 30.95 -48.66 6.99
N VAL E 107 31.66 -47.90 6.15
CA VAL E 107 31.09 -46.64 5.66
C VAL E 107 30.02 -46.96 4.63
N ILE E 108 30.29 -47.93 3.77
CA ILE E 108 29.26 -48.32 2.78
C ILE E 108 27.96 -48.72 3.52
N GLU E 109 28.10 -49.51 4.59
CA GLU E 109 26.90 -49.90 5.35
C GLU E 109 26.09 -48.67 5.79
N LEU E 110 26.76 -47.66 6.36
CA LEU E 110 26.06 -46.46 6.83
C LEU E 110 25.38 -45.71 5.71
N GLU E 111 26.06 -45.59 4.59
CA GLU E 111 25.43 -44.91 3.45
C GLU E 111 24.25 -45.75 2.97
N ASN E 112 24.40 -47.06 2.93
CA ASN E 112 23.26 -47.84 2.49
C ASN E 112 22.10 -47.76 3.51
N TYR E 113 22.36 -47.24 4.72
CA TYR E 113 21.29 -47.07 5.71
C TYR E 113 20.64 -45.72 5.39
N GLY E 114 21.24 -44.95 4.49
CA GLY E 114 20.62 -43.67 4.18
C GLY E 114 21.38 -42.43 4.70
N MET E 115 22.53 -42.63 5.32
CA MET E 115 23.31 -41.48 5.80
C MET E 115 23.53 -40.59 4.56
N PRO E 116 23.08 -39.33 4.63
CA PRO E 116 23.20 -38.35 3.54
C PRO E 116 24.55 -37.75 3.27
N PHE E 117 25.53 -38.61 3.03
CA PHE E 117 26.86 -38.14 2.69
C PHE E 117 26.83 -37.10 1.56
N SER E 118 27.79 -36.17 1.61
CA SER E 118 27.95 -35.13 0.58
C SER E 118 28.45 -35.93 -0.62
N ARG E 119 28.28 -35.40 -1.82
CA ARG E 119 28.62 -36.17 -3.02
C ARG E 119 29.65 -35.59 -3.98
N THR E 120 30.30 -36.47 -4.73
CA THR E 120 31.26 -36.03 -5.74
C THR E 120 30.48 -35.97 -7.09
N GLU E 121 31.19 -35.56 -8.14
CA GLU E 121 30.63 -35.43 -9.48
C GLU E 121 30.21 -36.79 -10.02
N GLU E 122 30.78 -37.88 -9.48
CA GLU E 122 30.40 -39.22 -9.93
C GLU E 122 29.25 -39.75 -9.11
N GLY E 123 28.81 -39.01 -8.10
CA GLY E 123 27.70 -39.48 -7.30
C GLY E 123 28.12 -40.34 -6.13
N LYS E 124 29.43 -40.43 -5.90
CA LYS E 124 29.99 -41.20 -4.79
C LYS E 124 30.18 -40.34 -3.55
N ILE E 125 30.62 -40.95 -2.46
CA ILE E 125 30.82 -40.25 -1.20
C ILE E 125 32.02 -39.30 -1.25
N TYR E 126 31.77 -38.03 -0.94
CA TYR E 126 32.82 -37.00 -0.90
C TYR E 126 33.74 -37.25 0.31
N GLN E 127 35.05 -37.26 0.08
CA GLN E 127 36.02 -37.44 1.14
C GLN E 127 36.95 -36.19 1.25
N ARG E 128 37.28 -35.74 2.46
CA ARG E 128 38.19 -34.59 2.62
C ARG E 128 39.53 -34.98 3.26
N ALA E 129 40.47 -34.03 3.20
CA ALA E 129 41.77 -34.22 3.83
C ALA E 129 41.52 -34.05 5.31
N PHE E 130 42.38 -34.66 6.13
CA PHE E 130 42.26 -34.56 7.58
C PHE E 130 43.67 -34.71 8.16
N GLY E 131 43.83 -34.32 9.41
CA GLY E 131 45.13 -34.35 10.03
C GLY E 131 45.83 -35.67 10.23
N GLY E 132 47.09 -35.73 9.80
CA GLY E 132 47.90 -36.93 9.96
C GLY E 132 47.68 -38.11 9.04
N GLN E 133 47.03 -37.91 7.89
CA GLN E 133 46.80 -39.01 6.94
C GLN E 133 47.51 -38.77 5.61
N SER E 134 48.21 -39.81 5.14
CA SER E 134 48.99 -39.77 3.93
C SER E 134 48.76 -40.98 3.04
N LEU E 135 49.33 -40.89 1.84
CA LEU E 135 49.27 -41.98 0.84
C LEU E 135 50.66 -42.62 0.81
N GLN E 136 50.74 -43.86 0.35
CA GLN E 136 52.02 -44.56 0.23
C GLN E 136 52.84 -44.69 1.48
N PHE E 137 52.20 -45.14 2.57
CA PHE E 137 52.91 -45.34 3.84
C PHE E 137 53.71 -44.15 4.32
N GLY E 138 53.08 -42.98 4.22
CA GLY E 138 53.71 -41.76 4.66
C GLY E 138 54.65 -41.09 3.68
N LYS E 139 54.82 -41.66 2.49
CA LYS E 139 55.76 -41.08 1.55
C LYS E 139 55.08 -40.32 0.42
N GLY E 140 53.78 -40.54 0.22
CA GLY E 140 53.11 -39.90 -0.89
C GLY E 140 52.18 -38.71 -0.83
N GLY E 141 52.30 -37.86 0.16
CA GLY E 141 51.39 -36.73 0.22
C GLY E 141 50.08 -37.01 0.95
N GLN E 142 49.29 -35.96 1.08
CA GLN E 142 48.01 -35.96 1.78
C GLN E 142 46.89 -36.87 1.24
N ALA E 143 46.34 -37.70 2.10
CA ALA E 143 45.22 -38.53 1.69
C ALA E 143 43.92 -37.71 1.88
N HIS E 144 42.88 -38.11 1.15
CA HIS E 144 41.57 -37.46 1.23
C HIS E 144 40.62 -38.65 1.44
N ARG E 145 40.53 -39.12 2.68
CA ARG E 145 39.71 -40.28 2.95
C ARG E 145 38.69 -40.10 4.10
N CYS E 146 38.51 -38.87 4.52
CA CYS E 146 37.56 -38.53 5.59
C CYS E 146 36.19 -38.30 4.97
N CYS E 147 35.32 -39.31 5.00
CA CYS E 147 33.98 -39.18 4.44
C CYS E 147 33.11 -38.29 5.32
N CYS E 148 32.27 -37.45 4.72
CA CYS E 148 31.52 -36.56 5.55
C CYS E 148 30.18 -36.13 5.03
N VAL E 149 29.40 -35.56 5.95
CA VAL E 149 28.09 -34.96 5.63
C VAL E 149 28.35 -33.48 5.98
N ALA E 150 28.95 -32.77 5.04
CA ALA E 150 29.37 -31.38 5.25
C ALA E 150 30.14 -31.41 6.55
N ASP E 151 29.78 -30.57 7.54
CA ASP E 151 30.46 -30.61 8.84
C ASP E 151 29.51 -31.01 9.98
N ARG E 152 28.56 -31.87 9.67
CA ARG E 152 27.61 -32.41 10.65
C ARG E 152 27.57 -33.93 10.52
N THR E 153 28.72 -34.55 10.30
CA THR E 153 28.76 -36.00 10.08
C THR E 153 28.22 -36.81 11.29
N GLY E 154 28.56 -36.36 12.51
CA GLY E 154 28.11 -37.05 13.70
C GLY E 154 26.61 -36.99 13.79
N HIS E 155 26.06 -35.81 13.60
CA HIS E 155 24.60 -35.65 13.64
C HIS E 155 23.95 -36.63 12.64
N SER E 156 24.49 -36.73 11.41
CA SER E 156 23.85 -37.63 10.46
C SER E 156 24.09 -39.09 10.78
N LEU E 157 25.29 -39.42 11.26
CA LEU E 157 25.59 -40.79 11.61
C LEU E 157 24.64 -41.25 12.73
N LEU E 158 24.50 -40.46 13.79
CA LEU E 158 23.62 -40.86 14.88
C LEU E 158 22.14 -40.91 14.51
N HIS E 159 21.64 -39.93 13.78
CA HIS E 159 20.24 -39.97 13.41
C HIS E 159 19.97 -41.12 12.45
N THR E 160 20.95 -41.45 11.62
CA THR E 160 20.77 -42.58 10.69
C THR E 160 20.73 -43.91 11.44
N LEU E 161 21.67 -44.10 12.35
CA LEU E 161 21.73 -45.32 13.16
C LEU E 161 20.49 -45.41 14.07
N TYR E 162 20.02 -44.31 14.59
CA TYR E 162 18.82 -44.37 15.47
C TYR E 162 17.60 -44.80 14.64
N GLY E 163 17.48 -44.24 13.42
CA GLY E 163 16.36 -44.64 12.57
C GLY E 163 16.45 -46.12 12.23
N ARG E 164 17.64 -46.60 11.92
CA ARG E 164 17.81 -48.01 11.60
C ARG E 164 17.41 -48.92 12.79
N SER E 165 17.82 -48.55 14.01
CA SER E 165 17.51 -49.34 15.21
C SER E 165 15.98 -49.48 15.36
N LEU E 166 15.24 -48.53 14.80
CA LEU E 166 13.80 -48.60 14.88
C LEU E 166 13.23 -49.80 14.11
N ARG E 167 14.05 -50.48 13.32
CA ARG E 167 13.58 -51.63 12.52
C ARG E 167 13.70 -52.97 13.25
N TYR E 168 14.32 -52.97 14.41
CA TYR E 168 14.53 -54.18 15.18
C TYR E 168 13.74 -54.18 16.49
N ASP E 169 13.65 -55.33 17.14
CA ASP E 169 12.91 -55.41 18.40
C ASP E 169 13.77 -55.16 19.64
N THR E 170 14.86 -54.42 19.48
CA THR E 170 15.70 -54.09 20.62
C THR E 170 14.81 -53.39 21.66
N SER E 171 14.95 -53.73 22.92
CA SER E 171 14.15 -53.06 23.95
C SER E 171 14.98 -51.88 24.51
N TYR E 172 14.51 -50.64 24.34
CA TYR E 172 15.21 -49.47 24.86
C TYR E 172 14.70 -48.99 26.23
N PHE E 173 15.63 -48.69 27.13
CA PHE E 173 15.29 -48.19 28.45
C PHE E 173 15.96 -46.83 28.48
N VAL E 174 15.19 -45.84 28.03
CA VAL E 174 15.64 -44.47 27.88
C VAL E 174 15.57 -43.67 29.15
N GLU E 175 16.65 -42.94 29.44
CA GLU E 175 16.74 -42.15 30.65
C GLU E 175 16.78 -43.07 31.88
N TYR E 176 17.70 -44.04 31.79
CA TYR E 176 17.98 -45.02 32.86
C TYR E 176 19.48 -44.85 33.08
N PHE E 177 19.88 -44.63 34.34
CA PHE E 177 21.27 -44.41 34.68
C PHE E 177 21.94 -45.67 35.23
N ALA E 178 22.90 -46.22 34.49
CA ALA E 178 23.58 -47.44 34.97
C ALA E 178 24.49 -47.10 36.15
N LEU E 179 24.39 -47.91 37.21
CA LEU E 179 25.16 -47.68 38.44
C LEU E 179 26.37 -48.59 38.64
N ASP E 180 26.23 -49.87 38.30
CA ASP E 180 27.31 -50.82 38.48
C ASP E 180 27.05 -52.10 37.71
N LEU E 181 28.12 -52.88 37.54
CA LEU E 181 28.06 -54.20 36.90
C LEU E 181 27.66 -55.20 38.00
N LEU E 182 26.96 -56.26 37.63
CA LEU E 182 26.58 -57.34 38.53
C LEU E 182 27.62 -58.42 38.26
N MET E 183 28.66 -58.44 39.08
CA MET E 183 29.76 -59.39 38.92
C MET E 183 29.61 -60.60 39.84
N GLU E 184 30.06 -61.74 39.35
CA GLU E 184 29.98 -62.97 40.12
C GLU E 184 31.08 -63.90 39.60
N ASN E 185 32.01 -64.30 40.46
CA ASN E 185 33.10 -65.19 40.09
C ASN E 185 33.99 -64.61 39.03
N GLY E 186 34.14 -63.28 38.98
CA GLY E 186 34.97 -62.68 37.93
C GLY E 186 34.26 -62.60 36.58
N GLU E 187 32.97 -62.92 36.56
CA GLU E 187 32.17 -62.88 35.37
C GLU E 187 31.14 -61.78 35.49
N CYS E 188 30.80 -61.11 34.39
CA CYS E 188 29.76 -60.08 34.49
C CYS E 188 28.42 -60.73 34.13
N ARG E 189 27.38 -60.44 34.91
CA ARG E 189 26.07 -61.03 34.66
C ARG E 189 24.96 -59.99 34.44
N GLY E 190 25.35 -58.75 34.20
CA GLY E 190 24.35 -57.71 33.98
C GLY E 190 24.73 -56.40 34.61
N VAL E 191 23.74 -55.52 34.75
CA VAL E 191 23.98 -54.22 35.32
C VAL E 191 22.77 -53.82 36.12
N ILE E 192 22.97 -52.93 37.10
CA ILE E 192 21.88 -52.42 37.89
C ILE E 192 21.77 -50.94 37.55
N ALA E 193 20.55 -50.43 37.43
CA ALA E 193 20.37 -49.05 37.08
C ALA E 193 19.18 -48.38 37.71
N LEU E 194 19.16 -47.06 37.66
CA LEU E 194 18.08 -46.26 38.20
C LEU E 194 17.22 -45.70 37.03
N CYS E 195 15.89 -45.86 37.11
CA CYS E 195 14.95 -45.30 36.12
C CYS E 195 14.65 -43.88 36.60
N ILE E 196 15.25 -42.89 35.94
CA ILE E 196 15.10 -41.48 36.28
C ILE E 196 13.64 -40.97 36.21
N GLU E 197 12.82 -41.52 35.32
CA GLU E 197 11.43 -41.04 35.25
C GLU E 197 10.54 -41.38 36.43
N ASP E 198 10.81 -42.49 37.10
CA ASP E 198 9.95 -42.88 38.21
C ASP E 198 10.64 -43.31 39.48
N GLY E 199 11.96 -43.22 39.48
CA GLY E 199 12.71 -43.55 40.67
C GLY E 199 12.94 -44.97 41.07
N THR E 200 12.53 -45.92 40.24
CA THR E 200 12.70 -47.33 40.58
C THR E 200 14.09 -47.88 40.20
N ILE E 201 14.48 -48.98 40.85
CA ILE E 201 15.76 -49.62 40.61
C ILE E 201 15.51 -50.88 39.72
N HIS E 202 16.34 -51.06 38.70
CA HIS E 202 16.19 -52.20 37.79
C HIS E 202 17.48 -52.96 37.64
N ARG E 203 17.36 -54.28 37.59
CA ARG E 203 18.49 -55.14 37.39
C ARG E 203 18.33 -55.83 36.05
N PHE E 204 19.29 -55.65 35.17
CA PHE E 204 19.24 -56.26 33.88
C PHE E 204 20.21 -57.43 33.91
N ARG E 205 19.67 -58.65 33.94
CA ARG E 205 20.50 -59.84 33.95
C ARG E 205 20.73 -60.31 32.50
N ALA E 206 21.94 -60.73 32.17
CA ALA E 206 22.23 -61.17 30.81
C ALA E 206 23.52 -61.90 30.75
N LYS E 207 23.63 -62.82 29.82
CA LYS E 207 24.85 -63.57 29.67
C LYS E 207 25.97 -62.67 29.18
N ASN E 208 25.63 -61.58 28.46
CA ASN E 208 26.65 -60.66 27.93
C ASN E 208 26.29 -59.20 28.06
N THR E 209 27.26 -58.41 28.49
CA THR E 209 27.06 -57.00 28.72
C THR E 209 28.07 -56.22 27.93
N VAL E 210 27.58 -55.20 27.22
CA VAL E 210 28.42 -54.35 26.40
C VAL E 210 28.43 -52.92 26.97
N ILE E 211 29.61 -52.42 27.32
CA ILE E 211 29.75 -51.07 27.84
C ILE E 211 30.13 -50.12 26.70
N ALA E 212 29.23 -49.15 26.42
CA ALA E 212 29.46 -48.19 25.32
C ALA E 212 29.09 -46.79 25.82
N THR E 213 29.59 -46.45 27.00
CA THR E 213 29.25 -45.22 27.67
C THR E 213 29.99 -43.94 27.32
N GLY E 214 30.89 -43.96 26.33
CA GLY E 214 31.58 -42.71 26.04
C GLY E 214 32.78 -42.38 26.90
N GLY E 215 33.24 -41.14 26.77
CA GLY E 215 34.41 -40.68 27.51
C GLY E 215 34.10 -39.88 28.77
N TYR E 216 35.14 -39.20 29.26
CA TYR E 216 35.05 -38.43 30.48
C TYR E 216 35.73 -37.07 30.40
N GLY E 217 35.53 -36.38 29.27
CA GLY E 217 36.13 -35.07 29.09
C GLY E 217 35.72 -34.04 30.11
N ARG E 218 34.56 -34.25 30.72
CA ARG E 218 34.06 -33.33 31.72
C ARG E 218 34.85 -33.27 33.00
N THR E 219 35.87 -34.09 33.13
CA THR E 219 36.70 -34.02 34.32
C THR E 219 37.53 -32.71 34.27
N TYR E 220 37.61 -32.08 33.08
CA TYR E 220 38.35 -30.84 32.87
C TYR E 220 37.47 -29.60 32.95
N PHE E 221 38.09 -28.42 33.09
CA PHE E 221 37.35 -27.18 33.23
C PHE E 221 36.87 -26.70 31.86
N SER E 222 37.69 -26.92 30.87
CA SER E 222 37.33 -26.54 29.51
C SER E 222 37.41 -27.78 28.62
N CYS E 223 36.34 -28.08 27.89
CA CYS E 223 36.27 -29.25 27.00
C CYS E 223 35.23 -29.09 25.90
N THR E 224 35.40 -29.81 24.80
CA THR E 224 34.42 -29.76 23.69
C THR E 224 33.31 -30.73 24.05
N SER E 225 33.61 -31.57 25.03
CA SER E 225 32.67 -32.58 25.50
C SER E 225 31.31 -32.10 26.05
N ALA E 226 30.29 -32.95 25.91
CA ALA E 226 28.95 -32.68 26.44
C ALA E 226 29.00 -32.70 27.95
N HIS E 227 28.00 -32.09 28.57
CA HIS E 227 27.90 -32.11 30.03
C HIS E 227 27.71 -33.54 30.48
N THR E 228 27.25 -34.39 29.57
CA THR E 228 27.00 -35.79 29.89
C THR E 228 28.17 -36.78 29.72
N SER E 229 29.35 -36.32 29.34
CA SER E 229 30.52 -37.22 29.14
C SER E 229 31.23 -37.32 30.46
N THR E 230 30.71 -38.19 31.32
CA THR E 230 31.21 -38.32 32.68
C THR E 230 31.88 -39.63 33.06
N GLY E 231 32.31 -40.38 32.05
CA GLY E 231 32.98 -41.65 32.29
C GLY E 231 32.27 -42.68 33.19
N ASP E 232 30.94 -42.73 33.15
CA ASP E 232 30.16 -43.64 33.99
C ASP E 232 30.48 -45.13 33.81
N GLY E 233 30.80 -45.55 32.59
CA GLY E 233 31.12 -46.94 32.33
C GLY E 233 32.51 -47.33 32.82
N THR E 234 33.47 -46.43 32.64
CA THR E 234 34.85 -46.62 33.09
C THR E 234 34.86 -46.78 34.63
N ALA E 235 34.03 -45.98 35.30
CA ALA E 235 33.90 -46.03 36.76
C ALA E 235 33.27 -47.36 37.22
N MET E 236 32.30 -47.88 36.47
CA MET E 236 31.69 -49.14 36.84
C MET E 236 32.74 -50.24 36.78
N VAL E 237 33.60 -50.22 35.76
CA VAL E 237 34.67 -51.20 35.62
C VAL E 237 35.63 -51.03 36.78
N THR E 238 36.01 -49.80 37.07
CA THR E 238 36.90 -49.58 38.22
C THR E 238 36.28 -50.10 39.55
N ARG E 239 35.01 -49.86 39.76
CA ARG E 239 34.37 -50.30 41.00
C ARG E 239 34.30 -51.82 41.09
N ALA E 240 34.32 -52.51 39.96
CA ALA E 240 34.25 -53.96 39.99
C ALA E 240 35.65 -54.52 40.25
N GLY E 241 36.62 -53.64 40.46
CA GLY E 241 37.97 -54.09 40.73
C GLY E 241 38.76 -54.45 39.48
N LEU E 242 38.24 -54.07 38.32
CA LEU E 242 38.95 -54.35 37.07
C LEU E 242 39.87 -53.19 36.65
N PRO E 243 40.87 -53.45 35.80
CA PRO E 243 41.70 -52.30 35.43
C PRO E 243 41.16 -51.45 34.25
N CYS E 244 41.54 -50.18 34.24
CA CYS E 244 41.29 -49.29 33.13
C CYS E 244 42.68 -49.18 32.51
N GLN E 245 42.77 -48.64 31.30
CA GLN E 245 44.07 -48.59 30.61
C GLN E 245 44.39 -47.26 29.91
N ASP E 246 45.63 -46.78 30.07
CA ASP E 246 46.11 -45.58 29.39
C ASP E 246 45.30 -44.31 29.59
N LEU E 247 44.67 -44.21 30.75
CA LEU E 247 43.86 -43.06 31.07
C LEU E 247 44.65 -41.77 31.05
N GLU E 248 45.97 -41.80 31.24
CA GLU E 248 46.73 -40.53 31.20
C GLU E 248 46.82 -39.93 29.81
N PHE E 249 46.40 -40.68 28.79
CA PHE E 249 46.47 -40.14 27.43
C PHE E 249 45.20 -39.40 27.04
N VAL E 250 45.27 -38.08 27.22
CA VAL E 250 44.13 -37.20 26.96
C VAL E 250 44.33 -36.33 25.72
N GLN E 251 43.41 -36.41 24.78
CA GLN E 251 43.55 -35.62 23.59
C GLN E 251 43.02 -34.20 23.68
N PHE E 252 43.90 -33.23 23.40
CA PHE E 252 43.52 -31.84 23.32
C PHE E 252 43.33 -31.57 21.82
N HIS E 253 42.12 -31.17 21.42
CA HIS E 253 41.83 -30.84 20.04
C HIS E 253 42.39 -29.43 19.84
N PRO E 254 43.11 -29.19 18.74
CA PRO E 254 43.71 -27.89 18.43
C PRO E 254 42.71 -26.72 18.40
N THR E 255 41.51 -26.95 17.89
CA THR E 255 40.60 -25.84 17.76
C THR E 255 39.23 -25.82 18.43
N GLY E 256 39.20 -25.56 19.73
CA GLY E 256 37.93 -25.42 20.38
C GLY E 256 37.78 -23.91 20.30
N ILE E 257 36.57 -23.39 20.12
CA ILE E 257 36.41 -21.95 20.02
C ILE E 257 36.70 -21.25 21.37
N TYR E 258 37.43 -20.14 21.31
CA TYR E 258 37.80 -19.39 22.53
C TYR E 258 36.59 -18.97 23.36
N GLY E 259 36.61 -19.26 24.65
CA GLY E 259 35.47 -18.90 25.47
C GLY E 259 34.55 -20.08 25.67
N ALA E 260 33.58 -20.21 24.78
CA ALA E 260 32.61 -21.31 24.82
C ALA E 260 33.25 -22.69 24.83
N GLY E 261 34.33 -22.89 24.08
CA GLY E 261 34.93 -24.23 24.06
C GLY E 261 34.40 -25.15 22.94
N CYS E 262 33.33 -24.76 22.27
CA CYS E 262 32.70 -25.53 21.19
C CYS E 262 33.71 -25.89 20.11
N LEU E 263 33.66 -27.12 19.64
CA LEU E 263 34.57 -27.54 18.62
C LEU E 263 34.40 -26.87 17.25
N ILE E 264 35.51 -26.52 16.62
CA ILE E 264 35.52 -25.98 15.27
C ILE E 264 36.27 -27.08 14.51
N THR E 265 35.57 -27.76 13.62
CA THR E 265 36.20 -28.90 12.99
C THR E 265 37.53 -28.73 12.31
N GLU E 266 38.30 -29.81 12.43
CA GLU E 266 39.60 -29.95 11.78
C GLU E 266 39.32 -30.01 10.25
N GLY E 267 38.05 -30.22 9.88
CA GLY E 267 37.67 -30.22 8.48
C GLY E 267 37.98 -28.83 7.92
N CYS E 268 37.98 -27.82 8.79
CA CYS E 268 38.31 -26.44 8.34
C CYS E 268 39.69 -26.42 7.72
N ARG E 269 40.66 -27.00 8.43
CA ARG E 269 42.01 -27.10 7.91
C ARG E 269 42.05 -28.09 6.75
N GLY E 270 41.24 -29.15 6.80
CA GLY E 270 41.25 -30.10 5.68
C GLY E 270 40.83 -29.43 4.36
N GLU E 271 39.91 -28.47 4.44
CA GLU E 271 39.45 -27.74 3.27
C GLU E 271 40.34 -26.54 2.88
N GLY E 272 41.45 -26.31 3.60
CA GLY E 272 42.32 -25.18 3.25
C GLY E 272 42.51 -24.07 4.27
N GLY E 273 41.78 -24.13 5.39
CA GLY E 273 41.94 -23.10 6.40
C GLY E 273 43.33 -23.19 7.02
N ILE E 274 43.80 -22.12 7.63
CA ILE E 274 45.12 -22.11 8.26
C ILE E 274 45.13 -21.46 9.63
N LEU E 275 46.08 -21.85 10.48
CA LEU E 275 46.23 -21.24 11.79
C LEU E 275 47.23 -20.09 11.72
N ILE E 276 46.90 -18.95 12.30
CA ILE E 276 47.86 -17.86 12.31
C ILE E 276 47.98 -17.29 13.73
N ASN E 277 49.11 -16.67 14.04
CA ASN E 277 49.32 -16.08 15.35
C ASN E 277 49.10 -14.57 15.27
N SER E 278 49.51 -13.83 16.29
CA SER E 278 49.24 -12.39 16.28
C SER E 278 50.07 -11.61 15.30
N GLN E 279 51.11 -12.22 14.74
CA GLN E 279 51.92 -11.54 13.77
C GLN E 279 51.43 -11.94 12.37
N GLY E 280 50.33 -12.67 12.30
CA GLY E 280 49.85 -13.07 10.99
C GLY E 280 50.64 -14.23 10.42
N GLU E 281 51.59 -14.78 11.18
CA GLU E 281 52.37 -15.89 10.64
C GLU E 281 51.64 -17.24 10.67
N ARG E 282 51.76 -17.99 9.57
CA ARG E 282 51.20 -19.32 9.46
C ARG E 282 52.28 -20.18 10.13
N PHE E 283 52.30 -20.18 11.46
CA PHE E 283 53.33 -20.87 12.24
C PHE E 283 53.51 -22.38 12.14
N MET E 284 52.51 -23.14 11.70
CA MET E 284 52.72 -24.56 11.59
C MET E 284 53.76 -24.83 10.48
N GLU E 285 54.01 -23.86 9.61
CA GLU E 285 54.99 -24.11 8.56
C GLU E 285 56.35 -24.33 9.19
N ARG E 286 56.49 -23.78 10.39
CA ARG E 286 57.73 -23.83 11.17
C ARG E 286 57.78 -25.06 12.08
N TYR E 287 56.64 -25.47 12.65
CA TYR E 287 56.65 -26.64 13.51
C TYR E 287 56.54 -27.96 12.77
N ALA E 288 55.85 -27.94 11.64
CA ALA E 288 55.70 -29.15 10.82
C ALA E 288 55.86 -28.72 9.35
N PRO E 289 57.11 -28.53 8.91
CA PRO E 289 57.38 -28.10 7.53
C PRO E 289 56.50 -28.81 6.48
N VAL E 290 56.39 -30.13 6.58
CA VAL E 290 55.58 -30.86 5.60
C VAL E 290 54.07 -30.86 5.86
N ALA E 291 53.64 -31.43 6.96
CA ALA E 291 52.19 -31.50 7.25
C ALA E 291 51.53 -30.16 7.54
N LYS E 292 52.29 -29.22 8.09
CA LYS E 292 51.75 -27.89 8.42
C LYS E 292 50.54 -27.96 9.38
N ASP E 293 49.41 -27.35 9.00
CA ASP E 293 48.24 -27.38 9.87
C ASP E 293 47.50 -28.73 9.85
N LEU E 294 48.02 -29.70 9.09
CA LEU E 294 47.41 -31.06 9.06
C LEU E 294 48.35 -32.09 9.70
N ALA E 295 49.17 -31.61 10.62
CA ALA E 295 50.04 -32.50 11.38
C ALA E 295 49.09 -33.17 12.40
N SER E 296 49.59 -34.13 13.17
CA SER E 296 48.76 -34.82 14.17
C SER E 296 48.32 -33.85 15.28
N ARG E 297 47.21 -34.17 15.93
CA ARG E 297 46.67 -33.29 16.95
C ARG E 297 47.60 -33.00 18.11
N ASP E 298 48.35 -34.00 18.55
CA ASP E 298 49.25 -33.77 19.66
C ASP E 298 50.28 -32.71 19.30
N VAL E 299 50.78 -32.73 18.05
CA VAL E 299 51.77 -31.78 17.61
C VAL E 299 51.21 -30.37 17.37
N VAL E 300 50.05 -30.27 16.74
CA VAL E 300 49.45 -28.94 16.49
C VAL E 300 49.08 -28.28 17.85
N SER E 301 48.47 -29.05 18.74
CA SER E 301 48.12 -28.50 20.07
C SER E 301 49.35 -27.98 20.83
N ARG E 302 50.42 -28.77 20.90
CA ARG E 302 51.64 -28.33 21.54
C ARG E 302 52.21 -27.07 20.86
N SER E 303 52.27 -27.07 19.52
CA SER E 303 52.76 -25.92 18.76
C SER E 303 51.93 -24.68 19.09
N MET E 304 50.60 -24.79 19.05
CA MET E 304 49.77 -23.62 19.41
C MET E 304 50.05 -23.14 20.84
N THR E 305 50.25 -24.10 21.74
CA THR E 305 50.51 -23.76 23.13
C THR E 305 51.85 -23.03 23.29
N ILE E 306 52.86 -23.40 22.47
CA ILE E 306 54.15 -22.75 22.54
C ILE E 306 53.98 -21.33 21.99
N GLU E 307 53.29 -21.16 20.86
CA GLU E 307 53.07 -19.82 20.31
C GLU E 307 52.48 -18.87 21.37
N ILE E 308 51.52 -19.38 22.12
CA ILE E 308 50.87 -18.59 23.17
C ILE E 308 51.85 -18.29 24.32
N ARG E 309 52.60 -19.31 24.78
CA ARG E 309 53.61 -19.19 25.86
C ARG E 309 54.68 -18.17 25.52
N GLU E 310 55.07 -18.16 24.24
CA GLU E 310 56.09 -17.27 23.72
C GLU E 310 55.60 -15.88 23.29
N GLY E 311 54.39 -15.53 23.71
CA GLY E 311 53.85 -14.20 23.45
C GLY E 311 53.18 -13.85 22.16
N ARG E 312 52.90 -14.84 21.32
CA ARG E 312 52.29 -14.55 20.03
C ARG E 312 50.81 -14.87 19.95
N GLY E 313 50.18 -14.92 21.12
CA GLY E 313 48.76 -15.19 21.22
C GLY E 313 48.00 -13.95 20.80
N CYS E 314 46.72 -14.14 20.45
CA CYS E 314 45.87 -13.07 19.97
C CYS E 314 44.83 -12.68 21.01
N GLY E 315 44.08 -11.61 20.73
CA GLY E 315 43.05 -11.13 21.64
C GLY E 315 43.59 -10.23 22.76
N PRO E 316 42.71 -9.56 23.50
CA PRO E 316 43.20 -8.69 24.59
C PRO E 316 44.04 -9.41 25.64
N GLU E 317 43.87 -10.72 25.77
CA GLU E 317 44.64 -11.48 26.76
C GLU E 317 45.73 -12.32 26.14
N LYS E 318 45.92 -12.16 24.83
CA LYS E 318 46.94 -12.93 24.11
C LYS E 318 46.95 -14.38 24.56
N ASP E 319 45.75 -14.98 24.64
CA ASP E 319 45.60 -16.34 25.13
C ASP E 319 45.05 -17.36 24.13
N HIS E 320 44.93 -16.99 22.86
CA HIS E 320 44.42 -17.94 21.88
C HIS E 320 45.04 -17.56 20.54
N VAL E 321 44.72 -18.29 19.47
CA VAL E 321 45.24 -17.94 18.16
C VAL E 321 44.06 -17.89 17.18
N TYR E 322 44.35 -17.70 15.90
CA TYR E 322 43.30 -17.61 14.89
C TYR E 322 43.27 -18.68 13.85
N LEU E 323 42.04 -19.05 13.49
CA LEU E 323 41.78 -20.02 12.46
C LEU E 323 41.22 -19.18 11.30
N GLN E 324 41.96 -19.13 10.20
CA GLN E 324 41.53 -18.31 9.05
C GLN E 324 40.91 -19.08 7.90
N LEU E 325 39.67 -18.71 7.56
CA LEU E 325 38.95 -19.34 6.45
C LEU E 325 38.54 -18.32 5.38
N HIS E 326 38.72 -17.02 5.62
CA HIS E 326 38.19 -16.08 4.64
C HIS E 326 38.83 -16.04 3.29
N HIS E 327 40.01 -16.64 3.13
CA HIS E 327 40.63 -16.66 1.80
C HIS E 327 39.95 -17.74 0.92
N LEU E 328 39.01 -18.49 1.49
CA LEU E 328 38.35 -19.55 0.71
C LEU E 328 37.08 -19.01 0.07
N PRO E 329 36.68 -19.57 -1.09
CA PRO E 329 35.46 -19.10 -1.77
C PRO E 329 34.24 -19.29 -0.87
N PRO E 330 33.40 -18.25 -0.72
CA PRO E 330 32.22 -18.43 0.14
C PRO E 330 31.30 -19.59 -0.22
N GLN E 331 31.32 -20.04 -1.48
CA GLN E 331 30.46 -21.17 -1.82
C GLN E 331 30.96 -22.46 -1.17
N GLN E 332 32.28 -22.57 -1.05
CA GLN E 332 32.90 -23.74 -0.42
C GLN E 332 32.58 -23.74 1.09
N LEU E 333 32.64 -22.56 1.72
CA LEU E 333 32.35 -22.47 3.15
C LEU E 333 30.91 -22.92 3.42
N ALA E 334 30.00 -22.45 2.57
CA ALA E 334 28.59 -22.77 2.70
C ALA E 334 28.27 -24.21 2.37
N THR E 335 29.04 -24.80 1.45
CA THR E 335 28.79 -26.18 1.06
C THR E 335 29.54 -27.20 1.94
N ARG E 336 30.77 -26.88 2.33
CA ARG E 336 31.54 -27.83 3.15
C ARG E 336 31.54 -27.60 4.66
N LEU E 337 31.38 -26.33 5.07
CA LEU E 337 31.44 -25.96 6.49
C LEU E 337 30.31 -25.09 6.97
N PRO E 338 29.08 -25.40 6.56
CA PRO E 338 27.94 -24.58 6.99
C PRO E 338 27.72 -24.59 8.49
N GLY E 339 27.96 -25.73 9.12
CA GLY E 339 27.77 -25.86 10.56
C GLY E 339 28.64 -24.93 11.40
N ILE E 340 29.94 -24.93 11.17
CA ILE E 340 30.78 -24.07 11.94
C ILE E 340 30.58 -22.61 11.53
N SER E 341 30.09 -22.38 10.33
CA SER E 341 29.83 -20.99 9.91
C SER E 341 28.83 -20.34 10.87
N GLU E 342 27.80 -21.09 11.21
CA GLU E 342 26.75 -20.65 12.12
C GLU E 342 27.25 -20.52 13.56
N THR E 343 28.02 -21.52 13.98
CA THR E 343 28.57 -21.59 15.32
C THR E 343 29.51 -20.43 15.58
N ALA E 344 30.37 -20.14 14.60
CA ALA E 344 31.31 -19.03 14.74
C ALA E 344 30.53 -17.75 14.97
N MET E 345 29.44 -17.58 14.23
CA MET E 345 28.62 -16.38 14.36
C MET E 345 27.92 -16.34 15.72
N ILE E 346 27.31 -17.45 16.11
CA ILE E 346 26.61 -17.48 17.38
C ILE E 346 27.53 -17.33 18.62
N PHE E 347 28.67 -18.02 18.64
CA PHE E 347 29.53 -17.93 19.82
C PHE E 347 30.71 -16.99 19.86
N ALA E 348 31.06 -16.37 18.74
CA ALA E 348 32.17 -15.44 18.69
C ALA E 348 31.82 -14.20 17.89
N GLY E 349 30.61 -14.14 17.35
CA GLY E 349 30.20 -12.99 16.56
C GLY E 349 31.04 -12.85 15.31
N VAL E 350 31.59 -13.95 14.82
CA VAL E 350 32.46 -13.93 13.64
C VAL E 350 31.75 -14.35 12.36
N ASP E 351 32.05 -13.64 11.26
CA ASP E 351 31.52 -13.94 9.93
C ASP E 351 32.73 -14.56 9.24
N VAL E 352 32.75 -15.88 9.08
CA VAL E 352 33.92 -16.55 8.51
C VAL E 352 34.35 -16.12 7.12
N THR E 353 33.49 -15.45 6.35
CA THR E 353 33.93 -15.00 5.02
C THR E 353 34.72 -13.73 5.16
N LYS E 354 34.72 -13.12 6.35
CA LYS E 354 35.46 -11.87 6.55
C LYS E 354 36.54 -11.83 7.62
N GLU E 355 36.38 -12.59 8.70
CA GLU E 355 37.34 -12.57 9.79
C GLU E 355 37.68 -13.95 10.34
N PRO E 356 38.82 -14.08 11.04
CA PRO E 356 39.16 -15.41 11.57
C PRO E 356 38.43 -15.76 12.86
N ILE E 357 38.39 -17.07 13.14
CA ILE E 357 37.78 -17.59 14.37
C ILE E 357 38.85 -17.70 15.48
N PRO E 358 38.52 -17.27 16.71
CA PRO E 358 39.48 -17.36 17.82
C PRO E 358 39.41 -18.77 18.35
N VAL E 359 40.55 -19.45 18.40
CA VAL E 359 40.62 -20.86 18.84
C VAL E 359 41.79 -21.15 19.81
N LEU E 360 41.72 -22.30 20.47
CA LEU E 360 42.69 -22.71 21.48
C LEU E 360 42.57 -24.24 21.72
N PRO E 361 43.69 -24.93 22.02
CA PRO E 361 43.68 -26.37 22.27
C PRO E 361 42.69 -26.63 23.40
N THR E 362 41.84 -27.65 23.26
CA THR E 362 40.79 -27.90 24.26
C THR E 362 40.61 -29.40 24.43
N VAL E 363 40.45 -29.85 25.68
CA VAL E 363 40.27 -31.27 26.00
C VAL E 363 39.11 -31.74 25.15
N HIS E 364 39.29 -32.88 24.51
CA HIS E 364 38.34 -33.36 23.53
C HIS E 364 37.99 -34.82 23.50
N TYR E 365 38.97 -35.69 23.80
CA TYR E 365 38.69 -37.11 23.65
C TYR E 365 39.62 -37.94 24.51
N ASN E 366 39.16 -39.09 24.98
CA ASN E 366 40.02 -39.97 25.82
C ASN E 366 40.55 -41.19 25.13
N MET E 367 41.88 -41.28 24.94
CA MET E 367 42.48 -42.45 24.27
C MET E 367 42.34 -43.72 25.12
N GLY E 368 42.48 -43.56 26.44
CA GLY E 368 42.33 -44.70 27.32
C GLY E 368 40.88 -45.09 27.57
N GLY E 369 40.68 -46.13 28.36
CA GLY E 369 39.33 -46.57 28.65
C GLY E 369 39.43 -47.96 29.23
N ILE E 370 38.40 -48.78 29.01
CA ILE E 370 38.37 -50.16 29.50
C ILE E 370 39.18 -51.00 28.49
N PRO E 371 40.23 -51.72 28.94
CA PRO E 371 41.01 -52.52 28.00
C PRO E 371 40.24 -53.68 27.41
N THR E 372 40.37 -53.87 26.10
CA THR E 372 39.69 -54.95 25.41
C THR E 372 40.65 -55.60 24.41
N ASN E 373 40.28 -56.75 23.82
CA ASN E 373 41.15 -57.32 22.80
C ASN E 373 40.52 -56.79 21.52
N TYR E 374 41.02 -57.20 20.34
CA TYR E 374 40.47 -56.67 19.09
C TYR E 374 39.08 -57.19 18.79
N LYS E 375 38.58 -58.11 19.61
CA LYS E 375 37.22 -58.63 19.38
C LYS E 375 36.20 -57.87 20.21
N GLY E 376 36.68 -56.94 21.04
CA GLY E 376 35.81 -56.16 21.88
C GLY E 376 35.66 -56.72 23.28
N GLN E 377 36.29 -57.84 23.57
CA GLN E 377 36.13 -58.45 24.88
C GLN E 377 37.01 -57.76 25.88
N VAL E 378 36.43 -57.43 27.03
CA VAL E 378 37.17 -56.78 28.07
C VAL E 378 38.19 -57.75 28.67
N ILE E 379 39.39 -57.28 28.95
CA ILE E 379 40.42 -58.12 29.52
C ILE E 379 41.03 -57.58 30.82
N THR E 380 41.60 -58.50 31.57
CA THR E 380 42.34 -58.12 32.75
C THR E 380 43.74 -58.68 32.49
N HIS E 381 44.70 -58.39 33.36
CA HIS E 381 46.07 -58.87 33.16
C HIS E 381 46.59 -59.47 34.45
N VAL E 382 46.76 -60.79 34.48
CA VAL E 382 47.21 -61.51 35.68
C VAL E 382 48.45 -62.37 35.46
N ASN E 383 49.45 -62.20 36.34
CA ASN E 383 50.68 -62.99 36.22
C ASN E 383 51.21 -62.91 34.80
N GLY E 384 51.46 -61.69 34.36
CA GLY E 384 51.99 -61.47 33.02
C GLY E 384 51.14 -61.96 31.86
N GLU E 385 49.89 -62.25 32.07
CA GLU E 385 49.10 -62.69 30.93
C GLU E 385 47.72 -62.02 30.85
N ASP E 386 47.32 -61.65 29.63
CA ASP E 386 46.00 -61.03 29.43
C ASP E 386 44.95 -62.13 29.57
N LYS E 387 43.85 -61.81 30.22
CA LYS E 387 42.81 -62.79 30.42
C LYS E 387 41.44 -62.15 30.17
N VAL E 388 40.60 -62.82 29.42
CA VAL E 388 39.27 -62.31 29.11
C VAL E 388 38.37 -62.32 30.35
N VAL E 389 37.49 -61.32 30.48
CA VAL E 389 36.55 -61.25 31.59
C VAL E 389 35.28 -61.81 30.97
N PRO E 390 34.88 -62.99 31.41
CA PRO E 390 33.69 -63.62 30.86
C PRO E 390 32.45 -62.72 30.88
N GLY E 391 31.77 -62.63 29.73
CA GLY E 391 30.55 -61.85 29.59
C GLY E 391 30.60 -60.33 29.54
N LEU E 392 31.79 -59.77 29.45
CA LEU E 392 31.89 -58.30 29.44
C LEU E 392 32.58 -57.78 28.19
N TYR E 393 31.94 -56.83 27.51
CA TYR E 393 32.48 -56.21 26.29
C TYR E 393 32.49 -54.68 26.46
N ALA E 394 33.25 -54.00 25.62
CA ALA E 394 33.33 -52.54 25.64
C ALA E 394 33.69 -52.07 24.25
N CYS E 395 33.08 -50.96 23.81
CA CYS E 395 33.38 -50.39 22.49
C CYS E 395 33.14 -48.90 22.54
N GLY E 396 33.72 -48.16 21.60
CA GLY E 396 33.52 -46.72 21.58
C GLY E 396 34.58 -46.02 22.39
N GLU E 397 34.38 -44.74 22.63
CA GLU E 397 35.36 -43.97 23.39
C GLU E 397 35.58 -44.55 24.80
N ALA E 398 34.64 -45.33 25.30
CA ALA E 398 34.82 -45.90 26.65
C ALA E 398 35.87 -47.05 26.68
N ALA E 399 36.18 -47.61 25.52
CA ALA E 399 37.13 -48.74 25.44
C ALA E 399 38.52 -48.35 25.03
N SER E 400 39.47 -49.24 25.32
CA SER E 400 40.86 -49.04 24.85
C SER E 400 41.20 -50.34 24.15
N ALA E 401 40.94 -50.39 22.85
CA ALA E 401 41.18 -51.61 22.07
C ALA E 401 42.61 -52.18 21.92
N SER E 402 43.67 -51.35 21.81
CA SER E 402 43.64 -49.88 21.76
C SER E 402 43.97 -49.49 20.32
N VAL E 403 43.04 -48.88 19.60
CA VAL E 403 43.39 -48.51 18.22
C VAL E 403 44.05 -47.14 18.14
N HIS E 404 43.95 -46.37 19.22
CA HIS E 404 44.48 -45.00 19.15
C HIS E 404 45.78 -44.76 19.91
N GLY E 405 46.18 -45.73 20.73
CA GLY E 405 47.41 -45.59 21.47
C GLY E 405 47.57 -44.28 22.23
N ALA E 406 48.65 -43.53 21.97
CA ALA E 406 48.89 -42.28 22.67
C ALA E 406 48.36 -41.06 21.95
N ASN E 407 47.73 -41.25 20.80
CA ASN E 407 47.14 -40.12 20.06
C ASN E 407 46.21 -40.56 18.91
N ARG E 408 44.94 -40.24 19.03
CA ARG E 408 43.97 -40.61 17.99
C ARG E 408 43.98 -39.65 16.78
N LEU E 409 43.84 -40.22 15.59
CA LEU E 409 43.78 -39.45 14.36
C LEU E 409 42.35 -38.97 14.17
N GLY E 410 42.20 -37.71 13.79
CA GLY E 410 40.87 -37.21 13.53
C GLY E 410 40.14 -38.15 12.57
N ALA E 411 38.84 -38.28 12.77
CA ALA E 411 37.94 -39.11 11.98
C ALA E 411 38.09 -40.62 12.18
N ASN E 412 38.99 -41.04 13.08
CA ASN E 412 39.09 -42.48 13.38
C ASN E 412 38.16 -42.89 14.54
N SER E 413 37.54 -41.95 15.23
CA SER E 413 36.66 -42.39 16.35
C SER E 413 35.28 -42.88 15.91
N LEU E 414 34.65 -42.14 15.02
CA LEU E 414 33.34 -42.53 14.48
C LEU E 414 33.50 -43.89 13.79
N LEU E 415 34.68 -44.12 13.22
CA LEU E 415 34.98 -45.37 12.53
C LEU E 415 35.07 -46.47 13.60
N ASP E 416 35.80 -46.16 14.64
CA ASP E 416 35.97 -47.04 15.79
C ASP E 416 34.58 -47.46 16.35
N LEU E 417 33.63 -46.53 16.41
CA LEU E 417 32.32 -46.85 16.96
C LEU E 417 31.54 -47.89 16.20
N VAL E 418 31.47 -47.73 14.89
CA VAL E 418 30.68 -48.67 14.14
C VAL E 418 31.44 -49.96 13.93
N VAL E 419 32.76 -49.90 13.81
CA VAL E 419 33.50 -51.13 13.60
C VAL E 419 33.50 -52.05 14.81
N PHE E 420 33.79 -51.49 16.00
CA PHE E 420 33.83 -52.32 17.19
C PHE E 420 32.47 -52.54 17.84
N GLY E 421 31.51 -51.65 17.54
CA GLY E 421 30.15 -51.84 18.04
C GLY E 421 29.71 -53.11 17.32
N ARG E 422 29.98 -53.16 16.02
CA ARG E 422 29.64 -54.33 15.25
C ARG E 422 30.44 -55.57 15.69
N ALA E 423 31.73 -55.41 15.95
CA ALA E 423 32.55 -56.56 16.36
C ALA E 423 32.06 -57.18 17.67
N CYS E 424 31.68 -56.37 18.65
CA CYS E 424 31.17 -56.94 19.88
C CYS E 424 29.99 -57.86 19.54
N ALA E 425 29.06 -57.35 18.73
CA ALA E 425 27.90 -58.14 18.35
C ALA E 425 28.30 -59.44 17.67
N LEU E 426 29.19 -59.34 16.67
CA LEU E 426 29.65 -60.52 15.95
C LEU E 426 30.26 -61.56 16.86
N THR E 427 31.18 -61.11 17.71
CA THR E 427 31.86 -61.96 18.68
C THR E 427 30.91 -62.69 19.62
N ILE E 428 29.88 -61.99 20.12
CA ILE E 428 28.91 -62.60 21.00
C ILE E 428 28.11 -63.67 20.21
N ALA E 429 27.71 -63.34 18.98
CA ALA E 429 26.96 -64.25 18.14
C ALA E 429 27.79 -65.46 17.70
N GLU E 430 29.11 -65.36 17.68
CA GLU E 430 29.89 -66.53 17.27
C GLU E 430 30.41 -67.24 18.51
N THR E 431 29.90 -66.82 19.67
CA THR E 431 30.31 -67.35 20.95
C THR E 431 29.17 -67.93 21.77
N CYS E 432 27.98 -67.37 21.61
CA CYS E 432 26.79 -67.78 22.35
C CYS E 432 25.60 -67.94 21.40
N LYS E 433 24.51 -68.48 21.91
CA LYS E 433 23.34 -68.66 21.08
C LYS E 433 22.22 -67.96 21.81
N PRO E 434 21.29 -67.31 21.08
CA PRO E 434 20.19 -66.64 21.76
C PRO E 434 19.41 -67.67 22.56
N GLY E 435 18.77 -67.24 23.63
CA GLY E 435 17.98 -68.16 24.41
C GLY E 435 18.69 -69.02 25.44
N GLU E 436 20.01 -69.09 25.40
CA GLU E 436 20.70 -69.89 26.39
C GLU E 436 20.29 -69.36 27.76
N PRO E 437 20.37 -70.19 28.80
CA PRO E 437 19.97 -69.74 30.14
C PRO E 437 20.69 -68.51 30.70
N VAL E 438 19.93 -67.67 31.39
CA VAL E 438 20.49 -66.47 31.96
C VAL E 438 21.22 -66.78 33.26
N PRO E 439 22.46 -66.28 33.41
CA PRO E 439 23.25 -66.51 34.62
C PRO E 439 22.59 -65.98 35.87
N SER E 440 22.85 -66.65 36.98
CA SER E 440 22.27 -66.27 38.25
C SER E 440 23.09 -65.25 39.04
N ILE E 441 22.39 -64.51 39.88
CA ILE E 441 23.00 -63.51 40.75
C ILE E 441 22.36 -63.66 42.14
N LYS E 442 23.13 -63.41 43.19
CA LYS E 442 22.59 -63.47 44.54
C LYS E 442 21.39 -62.52 44.63
N PRO E 443 20.39 -62.85 45.44
CA PRO E 443 19.17 -62.04 45.62
C PRO E 443 19.37 -60.57 46.01
N ASN E 444 20.48 -60.29 46.65
CA ASN E 444 20.80 -58.95 47.10
C ASN E 444 21.89 -58.33 46.20
N ALA E 445 22.12 -58.93 45.04
CA ALA E 445 23.15 -58.39 44.13
C ALA E 445 22.79 -56.96 43.79
N GLY E 446 23.79 -56.09 43.89
CA GLY E 446 23.60 -54.68 43.58
C GLY E 446 23.19 -53.83 44.75
N GLU E 447 23.02 -54.43 45.93
CA GLU E 447 22.58 -53.67 47.08
C GLU E 447 23.54 -52.53 47.47
N GLU E 448 24.83 -52.72 47.30
CA GLU E 448 25.75 -51.65 47.64
C GLU E 448 25.62 -50.46 46.66
N SER E 449 25.10 -50.68 45.45
CA SER E 449 24.92 -49.57 44.52
C SER E 449 23.73 -48.76 45.02
N VAL E 450 22.71 -49.45 45.50
CA VAL E 450 21.51 -48.77 46.02
C VAL E 450 21.81 -48.04 47.32
N ALA E 451 22.66 -48.61 48.15
CA ALA E 451 22.98 -47.95 49.39
C ALA E 451 23.79 -46.69 49.13
N ASN E 452 24.71 -46.73 48.15
CA ASN E 452 25.53 -45.56 47.84
C ASN E 452 24.58 -44.50 47.27
N LEU E 453 23.64 -44.97 46.46
CA LEU E 453 22.68 -44.04 45.85
C LEU E 453 21.85 -43.39 46.96
N ASP E 454 21.51 -44.16 47.98
CA ASP E 454 20.70 -43.60 49.06
C ASP E 454 21.53 -42.64 49.91
N LYS E 455 22.79 -42.97 50.09
CA LYS E 455 23.70 -42.10 50.81
C LYS E 455 23.79 -40.70 50.13
N LEU E 456 23.93 -40.62 48.80
CA LEU E 456 24.01 -39.30 48.15
C LEU E 456 22.70 -38.54 48.12
N ARG E 457 21.60 -39.27 48.02
CA ARG E 457 20.29 -38.67 47.99
C ARG E 457 19.98 -37.79 49.22
N PHE E 458 20.43 -38.26 50.40
CA PHE E 458 20.22 -37.57 51.66
C PHE E 458 21.46 -36.89 52.24
N ALA E 459 22.56 -36.81 51.47
CA ALA E 459 23.81 -36.21 51.94
C ALA E 459 23.61 -34.82 52.49
N ASP E 460 24.12 -34.60 53.69
CA ASP E 460 23.91 -33.32 54.35
C ASP E 460 25.21 -32.80 54.91
N GLY E 461 26.28 -32.98 54.13
CA GLY E 461 27.58 -32.53 54.54
C GLY E 461 27.79 -31.03 54.44
N THR E 462 29.01 -30.68 54.09
CA THR E 462 29.47 -29.31 54.02
C THR E 462 29.97 -28.83 52.64
N ILE E 463 30.22 -29.77 51.74
CA ILE E 463 30.74 -29.43 50.39
C ILE E 463 29.73 -29.89 49.38
N ARG E 464 29.05 -28.96 48.73
CA ARG E 464 28.07 -29.34 47.73
C ARG E 464 28.78 -29.86 46.47
N THR E 465 28.07 -30.71 45.76
CA THR E 465 28.55 -31.32 44.55
C THR E 465 29.21 -30.36 43.55
N SER E 466 28.56 -29.26 43.23
CA SER E 466 29.14 -28.33 42.25
C SER E 466 30.47 -27.74 42.73
N GLU E 467 30.63 -27.64 44.05
CA GLU E 467 31.87 -27.09 44.63
C GLU E 467 33.00 -28.10 44.46
N ALA E 468 32.73 -29.37 44.72
CA ALA E 468 33.79 -30.36 44.60
C ALA E 468 34.09 -30.64 43.12
N ARG E 469 33.06 -30.58 42.26
CA ARG E 469 33.31 -30.83 40.82
C ARG E 469 34.17 -29.72 40.25
N LEU E 470 33.85 -28.47 40.59
CA LEU E 470 34.66 -27.38 40.10
C LEU E 470 36.11 -27.54 40.57
N ASN E 471 36.30 -27.94 41.83
CA ASN E 471 37.67 -28.19 42.37
C ASN E 471 38.41 -29.21 41.52
N MET E 472 37.73 -30.30 41.21
CA MET E 472 38.33 -31.35 40.42
C MET E 472 38.69 -30.83 39.03
N GLN E 473 37.75 -30.16 38.36
CA GLN E 473 38.00 -29.63 37.02
C GLN E 473 39.14 -28.62 36.95
N LYS E 474 39.25 -27.76 37.94
CA LYS E 474 40.34 -26.79 37.94
C LYS E 474 41.69 -27.45 38.22
N THR E 475 41.71 -28.46 39.10
CA THR E 475 42.97 -29.15 39.39
C THR E 475 43.49 -29.80 38.11
N MET E 476 42.64 -30.58 37.44
CA MET E 476 43.02 -31.25 36.20
C MET E 476 43.44 -30.22 35.13
N GLN E 477 42.71 -29.12 35.02
CA GLN E 477 43.05 -28.16 33.98
C GLN E 477 44.42 -27.59 34.20
N SER E 478 44.75 -27.28 35.44
CA SER E 478 46.05 -26.70 35.69
C SER E 478 47.18 -27.63 36.11
N HIS E 479 46.90 -28.92 36.30
CA HIS E 479 47.98 -29.85 36.67
C HIS E 479 48.19 -30.99 35.69
N ALA E 480 47.34 -31.13 34.66
CA ALA E 480 47.50 -32.22 33.69
C ALA E 480 47.08 -31.78 32.29
N ALA E 481 47.64 -30.65 31.87
CA ALA E 481 47.32 -30.03 30.57
C ALA E 481 48.27 -30.48 29.43
N VAL E 482 48.36 -29.68 28.38
CA VAL E 482 49.19 -30.03 27.23
C VAL E 482 50.65 -30.37 27.55
N PHE E 483 51.32 -29.55 28.38
CA PHE E 483 52.69 -29.83 28.82
C PHE E 483 52.58 -30.14 30.30
N ARG E 484 53.33 -31.15 30.75
CA ARG E 484 53.26 -31.60 32.13
C ARG E 484 54.65 -31.75 32.73
N THR E 485 54.74 -31.74 34.05
CA THR E 485 56.00 -31.94 34.71
C THR E 485 55.79 -32.63 36.04
N GLY E 486 56.82 -33.37 36.45
CA GLY E 486 56.75 -34.14 37.68
C GLY E 486 56.23 -33.47 38.93
N SER E 487 56.71 -32.28 39.26
CA SER E 487 56.25 -31.65 40.47
C SER E 487 54.82 -31.11 40.38
N ILE E 488 54.41 -30.66 39.20
CA ILE E 488 53.04 -30.17 39.06
C ILE E 488 52.08 -31.36 39.10
N LEU E 489 52.43 -32.46 38.42
CA LEU E 489 51.61 -33.67 38.46
C LEU E 489 51.43 -34.13 39.91
N GLN E 490 52.51 -34.13 40.69
CA GLN E 490 52.46 -34.59 42.06
C GLN E 490 51.59 -33.70 42.93
N GLU E 491 51.65 -32.39 42.74
CA GLU E 491 50.78 -31.58 43.54
C GLU E 491 49.32 -31.83 43.12
N GLY E 492 49.11 -32.06 41.83
CA GLY E 492 47.77 -32.33 41.35
C GLY E 492 47.25 -33.62 41.94
N CYS E 493 48.11 -34.64 42.03
CA CYS E 493 47.72 -35.93 42.59
C CYS E 493 47.27 -35.76 44.03
N GLU E 494 48.01 -34.97 44.79
CA GLU E 494 47.66 -34.83 46.19
C GLU E 494 46.40 -34.01 46.33
N LYS E 495 46.24 -33.03 45.46
CA LYS E 495 45.04 -32.23 45.46
C LYS E 495 43.82 -33.11 45.17
N LEU E 496 43.91 -33.98 44.16
CA LEU E 496 42.77 -34.86 43.82
C LEU E 496 42.46 -35.86 44.90
N SER E 497 43.50 -36.39 45.54
CA SER E 497 43.35 -37.34 46.62
C SER E 497 42.58 -36.71 47.78
N GLN E 498 42.88 -35.46 48.08
CA GLN E 498 42.19 -34.75 49.16
C GLN E 498 40.72 -34.50 48.75
N ILE E 499 40.53 -34.06 47.51
CA ILE E 499 39.16 -33.83 47.03
C ILE E 499 38.42 -35.14 47.09
N TYR E 500 39.10 -36.23 46.72
CA TYR E 500 38.42 -37.53 46.78
C TYR E 500 38.00 -37.85 48.25
N ARG E 501 38.93 -37.67 49.19
CA ARG E 501 38.59 -37.94 50.59
C ARG E 501 37.45 -37.02 51.04
N ASP E 502 37.45 -35.79 50.56
CA ASP E 502 36.41 -34.87 50.97
C ASP E 502 35.00 -35.16 50.43
N LEU E 503 34.87 -36.14 49.54
CA LEU E 503 33.54 -36.49 49.07
C LEU E 503 32.73 -36.99 50.26
N ALA E 504 33.40 -37.30 51.37
CA ALA E 504 32.71 -37.79 52.57
C ALA E 504 31.84 -36.67 53.13
N HIS E 505 32.17 -35.43 52.77
CA HIS E 505 31.47 -34.27 53.23
C HIS E 505 30.49 -33.67 52.22
N LEU E 506 30.05 -34.46 51.23
CA LEU E 506 29.13 -33.98 50.19
C LEU E 506 27.79 -33.51 50.75
N LYS E 507 27.22 -32.50 50.10
CA LYS E 507 25.92 -31.97 50.48
C LYS E 507 25.03 -31.88 49.25
N THR E 508 23.85 -32.52 49.30
CA THR E 508 22.91 -32.39 48.20
C THR E 508 21.67 -31.73 48.81
N PHE E 509 20.75 -31.30 47.97
CA PHE E 509 19.55 -30.63 48.43
C PHE E 509 18.25 -31.29 47.98
N ASP E 510 18.19 -31.79 46.75
CA ASP E 510 16.95 -32.38 46.27
C ASP E 510 16.79 -33.72 46.95
N ARG E 511 15.65 -33.93 47.62
CA ARG E 511 15.41 -35.17 48.32
C ARG E 511 14.44 -36.09 47.56
N GLY E 512 14.01 -35.65 46.38
CA GLY E 512 13.12 -36.46 45.56
C GLY E 512 13.85 -37.60 44.87
N ILE E 513 13.09 -38.40 44.11
CA ILE E 513 13.69 -39.51 43.40
C ILE E 513 13.39 -39.40 41.89
N VAL E 514 12.26 -38.79 41.55
CA VAL E 514 11.90 -38.59 40.15
C VAL E 514 12.69 -37.42 39.56
N TRP E 515 13.50 -37.68 38.53
CA TRP E 515 14.27 -36.65 37.88
C TRP E 515 15.06 -35.78 38.86
N ASN E 516 15.79 -36.44 39.74
CA ASN E 516 16.58 -35.72 40.71
C ASN E 516 17.95 -35.63 40.07
N THR E 517 18.14 -34.55 39.31
CA THR E 517 19.40 -34.32 38.61
C THR E 517 20.50 -33.88 39.58
N ASP E 518 20.10 -33.44 40.78
CA ASP E 518 21.06 -33.02 41.81
C ASP E 518 21.78 -34.32 42.19
N LEU E 519 20.98 -35.36 42.37
CA LEU E 519 21.50 -36.67 42.72
C LEU E 519 22.34 -37.32 41.56
N VAL E 520 21.77 -37.37 40.35
CA VAL E 520 22.47 -37.95 39.21
C VAL E 520 23.79 -37.24 38.96
N GLU E 521 23.83 -35.92 39.10
CA GLU E 521 25.12 -35.26 38.90
C GLU E 521 26.13 -35.61 40.02
N THR E 522 25.67 -36.02 41.21
CA THR E 522 26.58 -36.38 42.29
C THR E 522 27.14 -37.77 41.96
N LEU E 523 26.30 -38.66 41.42
CA LEU E 523 26.77 -39.96 40.99
C LEU E 523 27.84 -39.76 39.87
N GLU E 524 27.54 -38.90 38.89
CA GLU E 524 28.48 -38.60 37.82
C GLU E 524 29.78 -38.02 38.38
N LEU E 525 29.68 -37.24 39.47
CA LEU E 525 30.92 -36.70 40.10
C LEU E 525 31.81 -37.84 40.68
N GLN E 526 31.19 -38.84 41.33
CA GLN E 526 31.94 -39.98 41.85
C GLN E 526 32.64 -40.71 40.67
N ASN E 527 31.94 -40.83 39.55
CA ASN E 527 32.48 -41.49 38.37
C ASN E 527 33.64 -40.66 37.82
N LEU E 528 33.40 -39.36 37.61
CA LEU E 528 34.44 -38.45 37.10
C LEU E 528 35.74 -38.50 37.91
N MET E 529 35.60 -38.47 39.24
CA MET E 529 36.73 -38.50 40.17
C MET E 529 37.54 -39.76 40.07
N LEU E 530 36.88 -40.91 39.86
CA LEU E 530 37.65 -42.13 39.75
C LEU E 530 38.47 -42.10 38.47
N CYS E 531 37.90 -41.51 37.41
CA CYS E 531 38.61 -41.41 36.11
C CYS E 531 39.77 -40.42 36.28
N ALA E 532 39.48 -39.27 36.88
CA ALA E 532 40.54 -38.27 37.09
C ALA E 532 41.72 -38.79 37.95
N LEU E 533 41.44 -39.49 39.05
CA LEU E 533 42.53 -40.01 39.89
C LEU E 533 43.49 -40.86 39.05
N GLN E 534 42.93 -41.80 38.31
CA GLN E 534 43.72 -42.70 37.48
C GLN E 534 44.52 -41.97 36.41
N THR E 535 43.91 -40.96 35.81
CA THR E 535 44.55 -40.18 34.78
C THR E 535 45.80 -39.48 35.28
N ILE E 536 45.65 -38.77 36.40
CA ILE E 536 46.75 -38.01 36.95
C ILE E 536 47.82 -38.87 37.63
N TYR E 537 47.43 -39.95 38.30
CA TYR E 537 48.48 -40.82 38.91
C TYR E 537 49.27 -41.51 37.81
N GLY E 538 48.54 -42.00 36.81
CA GLY E 538 49.20 -42.64 35.68
C GLY E 538 50.16 -41.68 35.01
N ALA E 539 49.74 -40.41 34.80
CA ALA E 539 50.61 -39.41 34.17
C ALA E 539 51.90 -39.16 34.97
N GLU E 540 51.77 -39.05 36.28
CA GLU E 540 52.91 -38.80 37.17
C GLU E 540 53.92 -39.95 37.13
N ALA E 541 53.43 -41.17 36.94
CA ALA E 541 54.33 -42.34 36.88
C ALA E 541 55.01 -42.50 35.50
N ARG E 542 54.30 -42.13 34.42
CA ARG E 542 54.89 -42.23 33.08
C ARG E 542 55.95 -41.18 32.86
N LYS E 543 57.21 -41.55 33.06
CA LYS E 543 58.31 -40.60 32.92
C LYS E 543 58.93 -40.66 31.53
N GLU E 544 58.19 -40.19 30.53
CA GLU E 544 58.64 -40.15 29.15
C GLU E 544 57.60 -39.28 28.47
N SER E 545 57.85 -38.91 27.23
CA SER E 545 56.88 -38.13 26.44
C SER E 545 56.48 -39.05 25.28
N ARG E 546 55.19 -39.28 25.10
CA ARG E 546 54.73 -40.15 24.01
C ARG E 546 53.37 -39.60 23.55
N GLY E 547 53.27 -39.32 22.26
CA GLY E 547 52.02 -38.79 21.75
C GLY E 547 51.47 -37.62 22.56
N ALA E 548 50.20 -37.70 22.99
CA ALA E 548 49.60 -36.62 23.74
C ALA E 548 50.18 -36.31 25.15
N HIS E 549 50.97 -37.24 25.68
CA HIS E 549 51.55 -37.08 27.02
C HIS E 549 52.92 -36.49 26.82
N ALA E 550 53.09 -35.23 27.22
CA ALA E 550 54.37 -34.54 27.09
C ALA E 550 54.92 -34.15 28.45
N ARG E 551 56.13 -34.63 28.76
CA ARG E 551 56.77 -34.32 30.03
C ARG E 551 57.94 -33.37 29.73
N GLU E 552 57.98 -32.21 30.35
CA GLU E 552 59.10 -31.33 30.05
C GLU E 552 60.34 -31.75 30.84
N ASP E 553 60.15 -32.69 31.77
CA ASP E 553 61.25 -33.22 32.57
C ASP E 553 61.73 -34.58 32.02
N TYR E 554 60.96 -35.16 31.11
CA TYR E 554 61.25 -36.44 30.45
C TYR E 554 60.75 -36.31 29.03
N LYS E 555 61.51 -35.54 28.25
CA LYS E 555 61.18 -35.22 26.87
C LYS E 555 61.28 -36.29 25.80
N LEU E 556 61.95 -37.40 26.08
CA LEU E 556 62.10 -38.41 25.03
C LEU E 556 61.14 -39.57 25.18
N ARG E 557 60.80 -40.18 24.06
CA ARG E 557 59.94 -41.37 24.06
C ARG E 557 60.91 -42.52 24.38
N ILE E 558 60.59 -43.33 25.38
CA ILE E 558 61.47 -44.43 25.81
C ILE E 558 60.98 -45.82 25.45
N ASP E 559 61.56 -46.38 24.41
CA ASP E 559 61.18 -47.69 23.91
C ASP E 559 62.12 -48.81 24.42
N GLU E 560 61.84 -50.06 24.01
CA GLU E 560 62.63 -51.21 24.42
C GLU E 560 64.02 -51.16 23.74
N PHE E 561 64.12 -50.37 22.67
CA PHE E 561 65.37 -50.13 21.96
C PHE E 561 65.38 -48.63 21.68
N ASP E 562 66.53 -48.13 21.22
CA ASP E 562 66.61 -46.73 20.82
C ASP E 562 66.38 -46.82 19.31
N TYR E 563 65.15 -46.61 18.86
CA TYR E 563 64.90 -46.74 17.44
C TYR E 563 65.38 -45.60 16.55
N SER E 564 66.11 -44.66 17.11
CA SER E 564 66.66 -43.58 16.31
C SER E 564 68.04 -43.99 15.81
N LYS E 565 68.55 -45.11 16.31
CA LYS E 565 69.85 -45.65 15.91
C LYS E 565 69.69 -47.07 15.37
N PRO E 566 70.75 -47.63 14.76
CA PRO E 566 70.65 -48.99 14.21
C PRO E 566 70.52 -49.98 15.36
N LEU E 567 69.64 -50.96 15.19
CA LEU E 567 69.42 -51.95 16.24
C LEU E 567 70.59 -52.93 16.40
N GLN E 568 71.38 -53.05 15.34
CA GLN E 568 72.54 -53.94 15.30
C GLN E 568 73.45 -53.74 16.51
N GLY E 569 73.55 -54.78 17.34
CA GLY E 569 74.40 -54.70 18.52
C GLY E 569 73.79 -54.02 19.74
N GLN E 570 72.55 -53.57 19.63
CA GLN E 570 71.89 -52.91 20.75
C GLN E 570 71.46 -53.91 21.82
N GLN E 571 71.42 -53.44 23.06
CA GLN E 571 70.99 -54.26 24.19
C GLN E 571 69.53 -53.95 24.52
N LYS E 572 68.64 -54.90 24.31
CA LYS E 572 67.23 -54.70 24.58
C LYS E 572 66.97 -54.37 26.06
N ARG E 573 66.16 -53.34 26.33
CA ARG E 573 65.86 -52.96 27.71
C ARG E 573 64.78 -53.85 28.30
N PRO E 574 64.95 -54.26 29.58
CA PRO E 574 63.99 -55.10 30.29
C PRO E 574 62.64 -54.38 30.35
N PHE E 575 61.55 -55.14 30.38
CA PHE E 575 60.20 -54.58 30.41
C PHE E 575 60.05 -53.48 31.45
N GLU E 576 60.61 -53.70 32.63
CA GLU E 576 60.54 -52.72 33.71
C GLU E 576 61.42 -51.51 33.47
N GLU E 577 62.22 -51.53 32.41
CA GLU E 577 63.08 -50.39 32.18
C GLU E 577 62.76 -49.51 30.99
N HIS E 578 61.62 -49.70 30.36
CA HIS E 578 61.24 -48.80 29.30
C HIS E 578 59.76 -48.48 29.44
N TRP E 579 59.25 -47.61 28.58
CA TRP E 579 57.86 -47.20 28.67
C TRP E 579 56.95 -47.58 27.53
N ARG E 580 57.42 -48.37 26.58
CA ARG E 580 56.49 -48.71 25.53
C ARG E 580 55.63 -49.86 26.04
N LYS E 581 54.64 -49.49 26.84
CA LYS E 581 53.74 -50.45 27.43
C LYS E 581 52.52 -49.68 27.93
N HIS E 582 51.40 -50.37 28.01
CA HIS E 582 50.16 -49.79 28.46
C HIS E 582 50.13 -49.72 29.98
N THR E 583 49.54 -48.64 30.47
CA THR E 583 49.37 -48.46 31.90
C THR E 583 48.05 -49.10 32.26
N LEU E 584 48.01 -49.87 33.34
CA LEU E 584 46.79 -50.49 33.84
C LEU E 584 46.63 -49.83 35.21
N SER E 585 45.44 -49.33 35.50
CA SER E 585 45.21 -48.63 36.76
C SER E 585 44.05 -49.25 37.52
N TYR E 586 44.14 -49.22 38.85
CA TYR E 586 43.13 -49.78 39.72
C TYR E 586 42.92 -48.79 40.84
N VAL E 587 41.73 -48.79 41.43
CA VAL E 587 41.48 -47.88 42.52
C VAL E 587 40.77 -48.63 43.64
N ASP E 588 41.22 -48.40 44.88
CA ASP E 588 40.58 -48.98 46.05
C ASP E 588 39.57 -47.89 46.30
N VAL E 589 38.32 -48.18 46.01
CA VAL E 589 37.30 -47.17 46.08
C VAL E 589 37.02 -46.52 47.45
N LYS E 590 37.24 -47.24 48.53
CA LYS E 590 36.97 -46.67 49.83
C LYS E 590 38.05 -45.68 50.21
N SER E 591 39.29 -46.00 49.86
CA SER E 591 40.41 -45.14 50.22
C SER E 591 40.78 -44.18 49.14
N GLY E 592 40.65 -44.60 47.89
CA GLY E 592 41.02 -43.74 46.80
C GLY E 592 42.45 -44.05 46.39
N LYS E 593 43.06 -45.05 47.00
CA LYS E 593 44.43 -45.41 46.64
C LYS E 593 44.48 -45.97 45.21
N VAL E 594 45.39 -45.44 44.41
CA VAL E 594 45.55 -45.89 43.03
C VAL E 594 46.73 -46.84 42.90
N THR E 595 46.54 -47.97 42.21
CA THR E 595 47.63 -48.92 42.02
C THR E 595 47.90 -49.04 40.50
N LEU E 596 49.16 -48.97 40.10
CA LEU E 596 49.52 -49.06 38.68
C LEU E 596 50.33 -50.32 38.34
N LYS E 597 49.97 -50.95 37.21
CA LYS E 597 50.66 -52.12 36.68
C LYS E 597 50.82 -51.89 35.19
N TYR E 598 51.58 -52.75 34.53
CA TYR E 598 51.79 -52.60 33.08
C TYR E 598 51.64 -53.87 32.27
N ARG E 599 51.23 -53.74 31.02
CA ARG E 599 51.07 -54.86 30.11
C ARG E 599 51.69 -54.45 28.78
N PRO E 600 52.19 -55.42 28.03
CA PRO E 600 52.81 -55.14 26.72
C PRO E 600 51.87 -54.70 25.62
N VAL E 601 52.41 -53.89 24.70
CA VAL E 601 51.69 -53.42 23.54
C VAL E 601 51.73 -54.60 22.56
N ILE E 602 50.67 -54.81 21.81
CA ILE E 602 50.64 -55.86 20.82
C ILE E 602 51.11 -55.31 19.47
N ASP E 603 52.24 -55.83 18.97
CA ASP E 603 52.80 -55.40 17.69
C ASP E 603 52.40 -56.26 16.51
N ARG E 604 52.01 -57.50 16.76
CA ARG E 604 51.63 -58.37 15.64
C ARG E 604 50.30 -57.91 15.02
N THR E 605 50.17 -58.07 13.71
CA THR E 605 48.94 -57.69 13.06
C THR E 605 48.09 -58.94 13.01
N LEU E 606 46.99 -58.93 12.26
CA LEU E 606 46.14 -60.11 12.17
C LEU E 606 46.64 -61.05 11.07
N ASN E 607 47.62 -60.61 10.30
CA ASN E 607 48.16 -61.42 9.21
C ASN E 607 49.39 -60.73 8.62
N GLU E 608 50.56 -61.07 9.16
CA GLU E 608 51.82 -60.47 8.74
C GLU E 608 51.98 -60.46 7.26
N GLU E 609 51.47 -61.49 6.59
CA GLU E 609 51.59 -61.60 5.15
C GLU E 609 50.73 -60.59 4.38
N ASP E 610 49.55 -60.25 4.91
CA ASP E 610 48.68 -59.29 4.22
C ASP E 610 48.93 -57.85 4.67
N CYS E 611 49.31 -57.67 5.93
CA CYS E 611 49.58 -56.34 6.48
C CYS E 611 50.68 -56.56 7.48
N SER E 612 51.89 -56.11 7.16
CA SER E 612 53.00 -56.33 8.07
C SER E 612 53.12 -55.32 9.20
N SER E 613 53.60 -55.80 10.33
CA SER E 613 53.76 -54.99 11.53
C SER E 613 54.68 -53.79 11.28
N VAL E 614 54.36 -52.65 11.90
CA VAL E 614 55.18 -51.46 11.71
C VAL E 614 55.99 -51.24 12.96
N PRO E 615 57.31 -51.51 12.89
CA PRO E 615 58.17 -51.32 14.06
C PRO E 615 58.27 -49.84 14.43
N PRO E 616 58.54 -49.56 15.72
CA PRO E 616 58.67 -48.18 16.19
C PRO E 616 59.69 -47.41 15.37
N ALA E 617 59.47 -46.11 15.19
CA ALA E 617 60.40 -45.26 14.45
C ALA E 617 60.28 -43.83 14.97
N ILE E 618 61.16 -42.93 14.55
CA ILE E 618 61.04 -41.56 15.01
C ILE E 618 59.74 -41.04 14.39
N ARG E 619 58.96 -40.31 15.18
CA ARG E 619 57.66 -39.80 14.73
C ARG E 619 57.72 -38.30 14.43
N SER E 620 57.57 -37.95 13.16
CA SER E 620 57.59 -36.53 12.80
C SER E 620 56.64 -36.18 11.68
N TYR E 621 56.10 -34.97 11.78
CA TYR E 621 55.17 -34.46 10.79
C TYR E 621 55.77 -33.12 10.27
N THR F 8 29.00 -3.17 41.20
CA THR F 8 29.53 -3.24 39.81
C THR F 8 28.99 -4.48 39.08
N SER F 9 28.11 -5.21 39.75
CA SER F 9 27.46 -6.39 39.19
C SER F 9 26.27 -5.97 38.33
N ARG F 10 25.77 -6.89 37.52
CA ARG F 10 24.62 -6.64 36.65
C ARG F 10 23.62 -7.75 36.93
N ILE F 11 22.74 -7.49 37.89
CA ILE F 11 21.75 -8.47 38.34
C ILE F 11 20.57 -8.60 37.41
N LYS F 12 20.42 -9.78 36.84
CA LYS F 12 19.34 -10.07 35.92
C LYS F 12 18.40 -11.00 36.62
N LYS F 13 17.11 -10.80 36.38
CA LYS F 13 16.10 -11.65 36.99
C LYS F 13 15.47 -12.61 36.00
N PHE F 14 15.30 -13.85 36.45
CA PHE F 14 14.67 -14.91 35.69
C PHE F 14 13.52 -15.46 36.53
N SER F 15 12.34 -15.59 35.93
CA SER F 15 11.18 -16.16 36.58
C SER F 15 10.99 -17.50 35.86
N ILE F 16 11.12 -18.59 36.61
CA ILE F 16 11.06 -19.93 36.05
C ILE F 16 9.98 -20.86 36.60
N TYR F 17 9.29 -21.53 35.69
CA TYR F 17 8.21 -22.47 36.02
C TYR F 17 8.75 -23.62 36.89
N ARG F 18 8.03 -23.96 37.96
CA ARG F 18 8.42 -25.03 38.87
C ARG F 18 7.27 -25.95 39.17
N TRP F 19 7.57 -27.24 39.25
CA TRP F 19 6.60 -28.26 39.63
C TRP F 19 7.36 -29.51 40.01
N ASP F 20 7.10 -30.01 41.22
CA ASP F 20 7.78 -31.20 41.74
C ASP F 20 6.86 -32.42 41.80
N PRO F 21 7.13 -33.42 40.96
CA PRO F 21 6.29 -34.63 40.99
C PRO F 21 6.25 -35.32 42.34
N ASP F 22 7.32 -35.18 43.12
CA ASP F 22 7.33 -35.81 44.43
C ASP F 22 6.53 -35.04 45.49
N LYS F 23 6.05 -33.85 45.10
CA LYS F 23 5.20 -32.95 45.92
C LYS F 23 4.09 -32.50 44.99
N PRO F 24 3.37 -33.47 44.37
CA PRO F 24 2.28 -33.25 43.43
C PRO F 24 1.18 -32.28 43.81
N GLY F 25 0.98 -32.10 45.11
CA GLY F 25 -0.07 -31.21 45.56
C GLY F 25 0.25 -29.75 45.34
N ASP F 26 1.53 -29.41 45.40
CA ASP F 26 1.95 -28.03 45.19
C ASP F 26 1.82 -27.62 43.73
N LYS F 27 0.79 -26.82 43.46
CA LYS F 27 0.51 -26.33 42.12
C LYS F 27 1.71 -25.67 41.50
N PRO F 28 1.82 -25.72 40.17
CA PRO F 28 2.91 -25.11 39.42
C PRO F 28 3.00 -23.64 39.84
N ARG F 29 4.20 -23.13 39.97
CA ARG F 29 4.39 -21.74 40.37
C ARG F 29 5.61 -21.23 39.63
N MET F 30 5.86 -19.93 39.71
CA MET F 30 7.03 -19.36 39.08
C MET F 30 7.97 -18.95 40.20
N GLN F 31 9.26 -19.18 40.03
CA GLN F 31 10.26 -18.79 41.02
C GLN F 31 11.26 -17.85 40.35
N THR F 32 11.57 -16.77 41.05
CA THR F 32 12.51 -15.77 40.55
C THR F 32 13.90 -16.00 41.07
N TYR F 33 14.86 -15.83 40.20
CA TYR F 33 16.25 -16.00 40.60
C TYR F 33 16.99 -14.78 40.12
N GLU F 34 17.96 -14.34 40.91
CA GLU F 34 18.76 -13.19 40.55
C GLU F 34 20.17 -13.66 40.16
N VAL F 35 20.59 -13.32 38.95
CA VAL F 35 21.88 -13.73 38.45
C VAL F 35 22.76 -12.56 38.00
N ASP F 36 24.01 -12.57 38.48
CA ASP F 36 24.96 -11.52 38.12
C ASP F 36 25.59 -11.88 36.78
N LEU F 37 25.20 -11.15 35.74
CA LEU F 37 25.67 -11.40 34.39
C LEU F 37 27.17 -11.30 34.19
N ASN F 38 27.87 -10.60 35.10
CA ASN F 38 29.31 -10.48 34.94
C ASN F 38 30.00 -11.75 35.36
N LYS F 39 29.28 -12.66 35.97
CA LYS F 39 29.87 -13.92 36.38
C LYS F 39 29.09 -15.08 35.77
N CYS F 40 28.58 -14.85 34.57
CA CYS F 40 27.80 -15.85 33.89
C CYS F 40 28.08 -15.84 32.41
N GLY F 41 28.01 -17.01 31.76
CA GLY F 41 28.19 -17.05 30.31
C GLY F 41 27.07 -16.26 29.64
N PRO F 42 27.10 -16.07 28.31
CA PRO F 42 26.09 -15.29 27.58
C PRO F 42 24.75 -15.92 27.23
N MET F 43 24.64 -17.24 27.33
CA MET F 43 23.38 -17.92 26.97
C MET F 43 22.47 -18.26 28.14
N VAL F 44 21.17 -18.36 27.89
CA VAL F 44 20.20 -18.70 28.96
C VAL F 44 20.59 -20.02 29.67
N LEU F 45 21.09 -21.01 28.93
CA LEU F 45 21.50 -22.26 29.57
C LEU F 45 22.64 -22.00 30.59
N ASP F 46 23.53 -21.03 30.30
CA ASP F 46 24.63 -20.72 31.21
C ASP F 46 24.02 -20.26 32.56
N ALA F 47 23.02 -19.39 32.51
CA ALA F 47 22.31 -18.92 33.71
C ALA F 47 21.61 -20.04 34.42
N LEU F 48 20.99 -20.94 33.65
CA LEU F 48 20.28 -22.06 34.25
C LEU F 48 21.25 -22.94 35.03
N ILE F 49 22.40 -23.23 34.43
CA ILE F 49 23.39 -24.07 35.09
C ILE F 49 24.01 -23.34 36.27
N LYS F 50 24.20 -22.03 36.13
CA LYS F 50 24.77 -21.27 37.23
C LYS F 50 23.79 -21.31 38.41
N ILE F 51 22.49 -21.19 38.13
CA ILE F 51 21.48 -21.22 39.20
C ILE F 51 21.49 -22.57 39.93
N LYS F 52 21.46 -23.65 39.17
CA LYS F 52 21.48 -24.97 39.75
C LYS F 52 22.81 -25.22 40.55
N ASN F 53 23.92 -24.69 40.09
CA ASN F 53 25.19 -24.90 40.81
C ASN F 53 25.40 -24.01 42.02
N GLU F 54 24.76 -22.84 42.04
CA GLU F 54 24.99 -21.92 43.12
C GLU F 54 23.79 -21.44 43.90
N LEU F 55 22.59 -21.57 43.36
CA LEU F 55 21.44 -21.03 44.07
C LEU F 55 20.36 -22.03 44.45
N ASP F 56 20.11 -23.04 43.60
CA ASP F 56 19.05 -23.99 43.90
C ASP F 56 19.33 -25.26 43.08
N SER F 57 19.95 -26.25 43.69
CA SER F 57 20.29 -27.44 42.97
C SER F 57 19.09 -28.32 42.68
N THR F 58 17.90 -27.90 43.11
CA THR F 58 16.69 -28.65 42.84
C THR F 58 16.09 -28.29 41.48
N LEU F 59 16.49 -27.14 40.94
CA LEU F 59 16.01 -26.71 39.63
C LEU F 59 16.41 -27.79 38.58
N THR F 60 15.44 -28.25 37.82
CA THR F 60 15.66 -29.33 36.87
C THR F 60 15.34 -29.05 35.39
N PHE F 61 16.25 -29.45 34.50
CA PHE F 61 16.09 -29.25 33.06
C PHE F 61 17.00 -30.22 32.27
N ARG F 62 16.67 -30.46 31.01
CA ARG F 62 17.52 -31.34 30.22
C ARG F 62 18.54 -30.48 29.51
N ARG F 63 19.73 -31.03 29.25
CA ARG F 63 20.77 -30.36 28.50
C ARG F 63 21.86 -31.35 28.29
N SER F 64 22.66 -31.16 27.25
CA SER F 64 23.78 -32.04 27.04
C SER F 64 24.92 -31.39 26.28
N CYS F 65 24.66 -30.94 25.04
CA CYS F 65 25.74 -30.39 24.23
C CYS F 65 26.25 -28.95 24.37
N ARG F 66 25.54 -28.06 25.02
CA ARG F 66 26.04 -26.65 24.95
C ARG F 66 26.29 -25.94 23.52
N GLU F 67 26.12 -26.59 22.36
CA GLU F 67 26.27 -25.80 21.10
C GLU F 67 25.05 -25.85 20.16
N GLY F 68 23.89 -26.17 20.71
CA GLY F 68 22.69 -26.20 19.91
C GLY F 68 22.60 -27.27 18.85
N ILE F 69 23.25 -28.39 19.09
CA ILE F 69 23.21 -29.49 18.11
C ILE F 69 22.44 -30.72 18.63
N CYS F 70 22.41 -30.92 19.94
CA CYS F 70 21.75 -32.11 20.44
C CYS F 70 20.25 -32.06 20.53
N GLY F 71 19.69 -30.88 20.70
CA GLY F 71 18.25 -30.75 20.80
C GLY F 71 17.65 -30.86 22.19
N SER F 72 18.49 -31.20 23.17
CA SER F 72 18.06 -31.39 24.56
C SER F 72 17.35 -30.29 25.34
N CYS F 73 17.94 -29.09 25.32
CA CYS F 73 17.42 -27.97 26.12
C CYS F 73 16.24 -27.12 25.63
N ALA F 74 15.45 -27.61 24.68
CA ALA F 74 14.32 -26.84 24.15
C ALA F 74 13.33 -26.42 25.25
N MET F 75 12.93 -25.15 25.24
CA MET F 75 11.99 -24.64 26.23
C MET F 75 11.44 -23.33 25.73
N ASN F 76 10.50 -22.73 26.49
CA ASN F 76 9.90 -21.46 26.07
C ASN F 76 10.48 -20.31 26.85
N ILE F 77 11.21 -19.46 26.14
CA ILE F 77 11.91 -18.33 26.74
C ILE F 77 11.38 -17.05 26.12
N ALA F 78 10.87 -16.16 26.98
CA ALA F 78 10.32 -14.89 26.58
C ALA F 78 9.20 -15.11 25.54
N GLY F 79 8.38 -16.12 25.76
CA GLY F 79 7.27 -16.36 24.88
C GLY F 79 7.53 -17.24 23.68
N GLY F 80 8.80 -17.43 23.30
CA GLY F 80 9.06 -18.26 22.14
C GLY F 80 9.85 -19.53 22.42
N ASN F 81 9.55 -20.60 21.69
CA ASN F 81 10.26 -21.86 21.86
C ASN F 81 11.63 -21.74 21.22
N THR F 82 12.66 -22.20 21.92
CA THR F 82 13.98 -22.11 21.36
C THR F 82 14.92 -22.99 22.19
N LEU F 83 16.20 -23.06 21.80
CA LEU F 83 17.21 -23.84 22.56
C LEU F 83 17.87 -22.89 23.56
N ALA F 84 17.87 -23.24 24.83
CA ALA F 84 18.49 -22.38 25.85
C ALA F 84 19.99 -22.15 25.66
N CYS F 85 20.68 -23.14 25.09
CA CYS F 85 22.13 -23.08 24.94
C CYS F 85 22.63 -22.12 23.85
N THR F 86 21.74 -21.67 22.98
CA THR F 86 22.07 -20.72 21.92
C THR F 86 21.22 -19.45 22.03
N LYS F 87 20.42 -19.34 23.09
CA LYS F 87 19.58 -18.14 23.28
C LYS F 87 20.30 -17.08 24.14
N LYS F 88 20.70 -15.98 23.54
CA LYS F 88 21.39 -14.91 24.30
C LYS F 88 20.49 -14.41 25.44
N ILE F 89 21.07 -14.24 26.63
CA ILE F 89 20.33 -13.68 27.76
C ILE F 89 20.04 -12.21 27.36
N ASP F 90 18.89 -11.67 27.71
CA ASP F 90 18.58 -10.26 27.39
C ASP F 90 19.21 -9.43 28.51
N PRO F 91 20.24 -8.64 28.18
CA PRO F 91 20.93 -7.79 29.16
C PRO F 91 20.16 -6.57 29.71
N ASP F 92 18.90 -6.40 29.34
CA ASP F 92 18.12 -5.29 29.89
C ASP F 92 17.75 -5.71 31.33
N LEU F 93 18.41 -5.13 32.33
CA LEU F 93 18.13 -5.48 33.71
C LEU F 93 16.77 -5.06 34.24
N SER F 94 16.03 -4.26 33.48
CA SER F 94 14.70 -3.86 33.95
C SER F 94 13.65 -4.85 33.49
N LYS F 95 14.04 -5.82 32.66
CA LYS F 95 13.09 -6.82 32.21
C LYS F 95 13.41 -8.19 32.83
N THR F 96 12.36 -8.89 33.23
CA THR F 96 12.50 -10.20 33.82
C THR F 96 12.19 -11.19 32.73
N THR F 97 13.08 -12.15 32.53
CA THR F 97 12.87 -13.14 31.50
C THR F 97 12.10 -14.32 32.06
N LYS F 98 10.99 -14.64 31.43
CA LYS F 98 10.16 -15.77 31.85
C LYS F 98 10.50 -17.03 31.06
N ILE F 99 10.70 -18.13 31.79
CA ILE F 99 11.05 -19.41 31.20
C ILE F 99 10.02 -20.48 31.59
N TYR F 100 9.46 -21.12 30.57
CA TYR F 100 8.47 -22.16 30.72
C TYR F 100 8.86 -23.41 29.95
N PRO F 101 8.22 -24.54 30.26
CA PRO F 101 8.49 -25.79 29.55
C PRO F 101 7.93 -25.60 28.12
N LEU F 102 8.22 -26.54 27.22
CA LEU F 102 7.64 -26.45 25.88
C LEU F 102 6.12 -26.47 26.12
N PRO F 103 5.36 -25.61 25.44
CA PRO F 103 3.92 -25.49 25.57
C PRO F 103 3.00 -26.66 25.29
N HIS F 104 1.94 -26.72 26.10
CA HIS F 104 0.89 -27.73 25.97
C HIS F 104 1.46 -29.15 25.99
N MET F 105 2.37 -29.40 26.91
CA MET F 105 2.96 -30.72 27.09
C MET F 105 2.81 -31.13 28.56
N TYR F 106 2.85 -32.42 28.82
CA TYR F 106 2.79 -32.95 30.18
C TYR F 106 4.16 -32.77 30.81
N VAL F 107 4.15 -32.10 31.96
CA VAL F 107 5.36 -31.82 32.67
C VAL F 107 5.81 -32.96 33.59
N VAL F 108 7.04 -33.44 33.42
CA VAL F 108 7.60 -34.50 34.28
C VAL F 108 8.08 -33.81 35.56
N LYS F 109 8.77 -32.70 35.40
CA LYS F 109 9.24 -31.93 36.53
C LYS F 109 9.81 -30.68 35.98
N ASP F 110 9.54 -29.58 36.67
CA ASP F 110 10.05 -28.27 36.28
C ASP F 110 9.98 -28.01 34.76
N LEU F 111 11.15 -27.89 34.11
CA LEU F 111 11.19 -27.59 32.68
C LEU F 111 11.33 -28.80 31.77
N VAL F 112 11.05 -29.98 32.30
CA VAL F 112 11.17 -31.22 31.57
C VAL F 112 9.84 -31.78 31.11
N PRO F 113 9.57 -31.75 29.80
CA PRO F 113 8.31 -32.26 29.26
C PRO F 113 8.40 -33.71 28.85
N ASP F 114 7.25 -34.38 28.75
CA ASP F 114 7.23 -35.77 28.31
C ASP F 114 7.16 -35.74 26.79
N LEU F 115 8.22 -36.17 26.13
CA LEU F 115 8.29 -36.16 24.67
C LEU F 115 7.99 -37.52 24.05
N SER F 116 7.51 -38.46 24.85
CA SER F 116 7.30 -39.80 24.29
C SER F 116 6.27 -39.89 23.17
N ASN F 117 5.21 -39.08 23.18
CA ASN F 117 4.29 -39.15 22.03
C ASN F 117 5.02 -38.64 20.80
N PHE F 118 5.75 -37.53 20.97
CA PHE F 118 6.52 -36.94 19.90
C PHE F 118 7.46 -37.94 19.22
N TYR F 119 8.20 -38.74 20.02
CA TYR F 119 9.13 -39.72 19.45
C TYR F 119 8.37 -40.86 18.76
N ALA F 120 7.22 -41.24 19.34
CA ALA F 120 6.45 -42.32 18.75
C ALA F 120 5.87 -41.87 17.41
N GLN F 121 5.52 -40.59 17.27
CA GLN F 121 4.98 -40.12 16.01
C GLN F 121 6.10 -40.19 15.01
N TYR F 122 7.31 -39.84 15.44
CA TYR F 122 8.49 -39.88 14.57
C TYR F 122 8.72 -41.33 14.13
N LYS F 123 8.62 -42.26 15.07
CA LYS F 123 8.78 -43.66 14.72
C LYS F 123 7.71 -44.10 13.70
N SER F 124 6.48 -43.62 13.87
CA SER F 124 5.41 -44.05 13.00
C SER F 124 5.59 -43.75 11.52
N ILE F 125 6.47 -42.84 11.15
CA ILE F 125 6.65 -42.52 9.74
C ILE F 125 7.83 -43.23 9.08
N GLU F 126 8.44 -44.17 9.81
CA GLU F 126 9.56 -44.98 9.34
C GLU F 126 10.69 -44.14 8.77
N PRO F 127 11.38 -43.39 9.63
CA PRO F 127 12.47 -42.54 9.18
C PRO F 127 13.72 -43.29 8.84
N TYR F 128 13.65 -44.16 7.83
CA TYR F 128 14.84 -44.89 7.42
C TYR F 128 14.78 -45.21 5.92
N LEU F 129 15.93 -45.42 5.31
CA LEU F 129 15.97 -45.74 3.89
C LEU F 129 15.36 -47.10 3.57
N LYS F 130 14.41 -47.12 2.66
CA LYS F 130 13.78 -48.37 2.22
C LYS F 130 13.90 -48.47 0.70
N LYS F 131 14.42 -49.58 0.22
CA LYS F 131 14.52 -49.81 -1.21
C LYS F 131 13.70 -51.06 -1.49
N LYS F 132 13.23 -51.22 -2.72
CA LYS F 132 12.43 -52.39 -3.08
C LYS F 132 13.23 -53.68 -2.87
N ASP F 133 14.54 -53.64 -3.08
CA ASP F 133 15.39 -54.82 -2.85
C ASP F 133 16.58 -54.42 -1.98
N GLU F 134 16.56 -54.82 -0.72
CA GLU F 134 17.60 -54.50 0.23
C GLU F 134 18.66 -55.60 0.39
N SER F 135 18.50 -56.70 -0.34
CA SER F 135 19.49 -57.78 -0.22
C SER F 135 20.94 -57.47 -0.59
N LYS F 136 21.18 -56.39 -1.33
CA LYS F 136 22.57 -56.02 -1.71
C LYS F 136 23.16 -54.99 -0.76
N GLN F 137 22.49 -54.75 0.36
CA GLN F 137 22.98 -53.77 1.29
C GLN F 137 24.38 -54.11 1.77
N GLY F 138 25.18 -53.07 1.99
CA GLY F 138 26.53 -53.26 2.49
C GLY F 138 27.58 -53.64 1.46
N LYS F 139 27.20 -53.72 0.19
CA LYS F 139 28.14 -54.13 -0.86
C LYS F 139 28.85 -53.00 -1.55
N GLU F 140 28.09 -51.98 -1.97
CA GLU F 140 28.62 -50.81 -2.67
C GLU F 140 27.86 -49.56 -2.31
N GLN F 141 28.50 -48.41 -2.48
CA GLN F 141 27.86 -47.14 -2.20
C GLN F 141 26.74 -46.97 -3.22
N TYR F 142 25.59 -46.49 -2.78
CA TYR F 142 24.46 -46.15 -3.67
C TYR F 142 24.87 -44.80 -4.29
N LEU F 143 24.57 -44.58 -5.56
CA LEU F 143 24.96 -43.34 -6.20
C LEU F 143 23.94 -42.28 -6.03
N GLN F 144 24.39 -41.05 -5.79
CA GLN F 144 23.46 -39.92 -5.65
C GLN F 144 24.12 -38.71 -6.24
N SER F 145 23.44 -38.03 -7.17
CA SER F 145 24.02 -36.86 -7.77
C SER F 145 24.05 -35.68 -6.82
N ILE F 146 24.95 -34.77 -7.12
CA ILE F 146 25.04 -33.57 -6.33
C ILE F 146 23.67 -32.87 -6.32
N GLU F 147 23.05 -32.74 -7.48
CA GLU F 147 21.76 -32.09 -7.55
C GLU F 147 20.70 -32.79 -6.70
N ASP F 148 20.65 -34.12 -6.71
CA ASP F 148 19.66 -34.82 -5.90
C ASP F 148 19.98 -34.70 -4.39
N ARG F 149 21.25 -34.72 -4.06
CA ARG F 149 21.67 -34.58 -2.67
C ARG F 149 21.27 -33.19 -2.12
N GLN F 150 21.33 -32.20 -3.00
CA GLN F 150 21.03 -30.84 -2.59
C GLN F 150 19.60 -30.68 -2.16
N LYS F 151 18.71 -31.52 -2.69
CA LYS F 151 17.31 -31.47 -2.30
C LYS F 151 17.12 -31.76 -0.81
N LEU F 152 18.10 -32.41 -0.18
CA LEU F 152 17.96 -32.72 1.24
C LEU F 152 18.38 -31.56 2.13
N ASP F 153 19.08 -30.58 1.56
CA ASP F 153 19.46 -29.42 2.37
C ASP F 153 18.23 -28.72 2.95
N GLY F 154 18.31 -28.34 4.21
CA GLY F 154 17.17 -27.70 4.85
C GLY F 154 16.22 -28.69 5.49
N LEU F 155 16.43 -29.98 5.25
CA LEU F 155 15.57 -31.02 5.78
C LEU F 155 16.34 -31.93 6.76
N TYR F 156 17.52 -32.40 6.35
CA TYR F 156 18.27 -33.32 7.19
C TYR F 156 18.94 -32.70 8.41
N GLU F 157 18.96 -31.38 8.52
CA GLU F 157 19.59 -30.73 9.65
C GLU F 157 18.75 -30.71 10.95
N CYS F 158 17.47 -31.11 10.87
CA CYS F 158 16.58 -31.11 12.05
C CYS F 158 17.20 -31.86 13.20
N ILE F 159 17.19 -31.26 14.38
CA ILE F 159 17.75 -31.92 15.55
C ILE F 159 16.66 -32.50 16.47
N LEU F 160 15.41 -32.59 15.98
CA LEU F 160 14.28 -33.14 16.75
C LEU F 160 14.12 -32.57 18.17
N CYS F 161 14.19 -31.24 18.27
CA CYS F 161 14.09 -30.54 19.53
C CYS F 161 12.63 -30.37 19.96
N ALA F 162 11.74 -30.35 18.96
CA ALA F 162 10.28 -30.20 19.14
C ALA F 162 9.79 -28.78 19.43
N CYS F 163 10.66 -27.80 19.19
CA CYS F 163 10.28 -26.40 19.34
C CYS F 163 9.15 -26.02 18.37
N CYS F 164 9.23 -26.51 17.14
CA CYS F 164 8.23 -26.20 16.12
C CYS F 164 6.88 -26.83 16.37
N SER F 165 6.87 -28.13 16.63
CA SER F 165 5.59 -28.80 16.89
C SER F 165 4.90 -28.20 18.13
N THR F 166 5.64 -27.97 19.21
CA THR F 166 4.98 -27.44 20.40
C THR F 166 4.66 -25.95 20.30
N SER F 167 4.89 -25.33 19.13
CA SER F 167 4.52 -23.94 18.90
C SER F 167 3.29 -23.85 17.97
N CYS F 168 2.90 -25.00 17.40
CA CYS F 168 1.79 -25.09 16.46
C CYS F 168 0.44 -25.26 17.15
N PRO F 169 -0.47 -24.27 17.02
CA PRO F 169 -1.79 -24.35 17.65
C PRO F 169 -2.50 -25.63 17.28
N SER F 170 -2.32 -26.10 16.04
CA SER F 170 -2.97 -27.33 15.65
C SER F 170 -2.47 -28.53 16.44
N TYR F 171 -1.18 -28.52 16.76
CA TYR F 171 -0.57 -29.61 17.52
C TYR F 171 -1.05 -29.51 18.95
N TRP F 172 -1.33 -28.30 19.41
CA TRP F 172 -1.87 -28.16 20.76
C TRP F 172 -3.23 -28.81 20.86
N TRP F 173 -4.11 -28.55 19.89
CA TRP F 173 -5.46 -29.08 19.93
C TRP F 173 -5.57 -30.50 19.44
N ASN F 174 -4.68 -30.91 18.55
CA ASN F 174 -4.80 -32.27 18.03
C ASN F 174 -3.51 -33.06 18.03
N GLY F 175 -2.64 -32.79 18.98
CA GLY F 175 -1.39 -33.52 19.02
C GLY F 175 -1.51 -35.04 19.12
N ASP F 176 -2.69 -35.55 19.44
CA ASP F 176 -2.83 -37.02 19.49
C ASP F 176 -2.87 -37.62 18.08
N LYS F 177 -3.38 -36.87 17.12
CA LYS F 177 -3.49 -37.40 15.75
C LYS F 177 -2.75 -36.64 14.68
N TYR F 178 -2.47 -35.36 14.92
CA TYR F 178 -1.73 -34.55 13.95
C TYR F 178 -0.25 -34.86 14.17
N LEU F 179 0.48 -35.30 13.13
CA LEU F 179 1.89 -35.64 13.32
C LEU F 179 2.72 -34.45 13.72
N GLY F 180 2.32 -33.26 13.26
CA GLY F 180 3.07 -32.06 13.63
C GLY F 180 4.19 -31.74 12.66
N PRO F 181 4.66 -30.47 12.62
CA PRO F 181 5.71 -30.05 11.70
C PRO F 181 7.06 -30.80 11.72
N ALA F 182 7.62 -31.11 12.88
CA ALA F 182 8.90 -31.82 12.88
C ALA F 182 8.79 -33.18 12.17
N VAL F 183 7.79 -33.95 12.55
CA VAL F 183 7.61 -35.27 11.95
C VAL F 183 7.27 -35.19 10.47
N LEU F 184 6.34 -34.33 10.10
CA LEU F 184 5.97 -34.24 8.70
C LEU F 184 7.15 -33.81 7.86
N MET F 185 7.99 -32.89 8.35
CA MET F 185 9.14 -32.52 7.55
C MET F 185 10.10 -33.70 7.37
N GLN F 186 10.31 -34.50 8.41
CA GLN F 186 11.18 -35.66 8.26
C GLN F 186 10.49 -36.62 7.29
N ALA F 187 9.16 -36.71 7.31
CA ALA F 187 8.51 -37.59 6.31
C ALA F 187 8.84 -37.07 4.90
N TYR F 188 8.83 -35.74 4.70
CA TYR F 188 9.13 -35.19 3.39
C TYR F 188 10.57 -35.51 2.99
N ARG F 189 11.47 -35.47 3.98
CA ARG F 189 12.91 -35.76 3.79
C ARG F 189 13.15 -37.19 3.25
N TRP F 190 12.30 -38.13 3.61
CA TRP F 190 12.47 -39.48 3.07
C TRP F 190 11.73 -39.59 1.74
N MET F 191 10.67 -38.79 1.58
CA MET F 191 9.92 -38.80 0.35
C MET F 191 10.80 -38.35 -0.80
N ILE F 192 11.60 -37.30 -0.62
CA ILE F 192 12.41 -36.85 -1.74
C ILE F 192 13.83 -37.36 -1.77
N ASP F 193 14.18 -38.31 -0.92
CA ASP F 193 15.54 -38.82 -0.99
C ASP F 193 15.52 -39.67 -2.25
N SER F 194 16.40 -39.37 -3.20
CA SER F 194 16.41 -40.13 -4.45
C SER F 194 16.67 -41.63 -4.26
N ARG F 195 17.29 -42.00 -3.15
CA ARG F 195 17.60 -43.40 -2.87
C ARG F 195 16.44 -44.21 -2.30
N ASP F 196 15.38 -43.54 -1.84
CA ASP F 196 14.26 -44.24 -1.21
C ASP F 196 13.21 -44.62 -2.25
N ASP F 197 12.71 -45.84 -2.20
CA ASP F 197 11.74 -46.30 -3.19
C ASP F 197 10.30 -46.36 -2.70
N TYR F 198 10.01 -45.80 -1.53
CA TYR F 198 8.64 -45.88 -0.98
C TYR F 198 7.86 -44.58 -0.92
N THR F 199 8.12 -43.68 -1.86
CA THR F 199 7.44 -42.41 -1.86
C THR F 199 5.91 -42.51 -1.85
N GLU F 200 5.34 -43.29 -2.75
CA GLU F 200 3.89 -43.38 -2.81
C GLU F 200 3.31 -43.86 -1.49
N GLU F 201 3.96 -44.86 -0.89
CA GLU F 201 3.51 -45.39 0.39
C GLU F 201 3.66 -44.34 1.49
N ARG F 202 4.73 -43.55 1.43
CA ARG F 202 4.90 -42.55 2.45
C ARG F 202 3.74 -41.56 2.30
N LEU F 203 3.36 -41.24 1.07
CA LEU F 203 2.25 -40.33 0.86
C LEU F 203 0.91 -40.95 1.30
N ALA F 204 0.71 -42.23 0.96
CA ALA F 204 -0.52 -42.91 1.32
C ALA F 204 -0.79 -42.90 2.81
N GLN F 205 0.27 -42.90 3.59
CA GLN F 205 0.11 -42.93 5.02
C GLN F 205 -0.61 -41.70 5.56
N LEU F 206 -0.55 -40.59 4.83
CA LEU F 206 -1.16 -39.35 5.28
C LEU F 206 -2.58 -39.13 4.74
N GLN F 207 -3.17 -40.17 4.14
CA GLN F 207 -4.51 -40.04 3.60
C GLN F 207 -5.57 -40.22 4.68
N ASP F 208 -5.70 -39.21 5.53
CA ASP F 208 -6.70 -39.22 6.60
C ASP F 208 -6.87 -37.78 6.98
N PRO F 209 -7.90 -37.45 7.78
CA PRO F 209 -8.10 -36.05 8.14
C PRO F 209 -7.11 -35.36 9.08
N PHE F 210 -6.30 -36.14 9.80
CA PHE F 210 -5.43 -35.56 10.81
C PHE F 210 -3.94 -35.50 10.64
N SER F 211 -3.35 -36.64 10.29
CA SER F 211 -1.90 -36.77 10.20
C SER F 211 -1.18 -35.55 9.63
N LEU F 212 -1.63 -35.16 8.44
CA LEU F 212 -1.08 -34.04 7.70
C LEU F 212 -2.05 -32.87 7.61
N TYR F 213 -3.33 -33.19 7.42
CA TYR F 213 -4.28 -32.12 7.19
C TYR F 213 -4.77 -31.22 8.31
N ARG F 214 -4.24 -31.34 9.52
CA ARG F 214 -4.65 -30.37 10.56
C ARG F 214 -3.82 -29.09 10.37
N CYS F 215 -2.77 -29.16 9.55
CA CYS F 215 -1.97 -27.97 9.27
C CYS F 215 -2.81 -26.94 8.49
N HIS F 216 -2.95 -25.72 9.03
CA HIS F 216 -3.68 -24.65 8.38
C HIS F 216 -2.80 -23.47 8.03
N THR F 217 -1.52 -23.76 7.77
CA THR F 217 -0.51 -22.79 7.36
C THR F 217 -0.33 -21.58 8.29
N ILE F 218 -0.46 -21.82 9.59
CA ILE F 218 -0.28 -20.77 10.62
C ILE F 218 1.15 -20.22 10.64
N MET F 219 2.11 -21.08 10.29
CA MET F 219 3.53 -20.72 10.19
C MET F 219 4.35 -20.34 11.45
N ASN F 220 3.89 -20.80 12.61
CA ASN F 220 4.60 -20.58 13.86
C ASN F 220 5.84 -21.45 13.88
N CYS F 221 5.69 -22.63 13.30
CA CYS F 221 6.77 -23.61 13.24
C CYS F 221 8.02 -23.02 12.60
N THR F 222 7.88 -22.44 11.42
CA THR F 222 9.03 -21.91 10.72
C THR F 222 9.64 -20.71 11.48
N ARG F 223 8.79 -19.93 12.09
CA ARG F 223 9.25 -18.77 12.83
C ARG F 223 10.08 -19.15 14.05
N THR F 224 9.75 -20.29 14.67
CA THR F 224 10.43 -20.67 15.90
C THR F 224 11.63 -21.61 15.78
N CYS F 225 11.84 -22.20 14.61
CA CYS F 225 12.96 -23.14 14.49
C CYS F 225 14.33 -22.53 14.76
N PRO F 226 15.05 -23.05 15.79
CA PRO F 226 16.38 -22.55 16.17
C PRO F 226 17.44 -22.90 15.12
N LYS F 227 17.11 -23.81 14.21
CA LYS F 227 18.06 -24.20 13.18
C LYS F 227 17.78 -23.46 11.86
N GLY F 228 16.81 -22.54 11.85
CA GLY F 228 16.47 -21.78 10.66
C GLY F 228 15.83 -22.57 9.52
N LEU F 229 15.18 -23.69 9.83
CA LEU F 229 14.57 -24.53 8.82
C LEU F 229 13.14 -24.07 8.52
N ASN F 230 12.49 -24.68 7.54
CA ASN F 230 11.15 -24.25 7.20
C ASN F 230 10.18 -25.41 7.03
N PRO F 231 9.70 -25.95 8.14
CA PRO F 231 8.77 -27.08 8.00
C PRO F 231 7.43 -26.71 7.36
N GLY F 232 7.03 -25.45 7.47
CA GLY F 232 5.77 -25.06 6.86
C GLY F 232 5.87 -25.28 5.37
N LYS F 233 6.99 -24.86 4.81
CA LYS F 233 7.20 -25.02 3.39
C LYS F 233 7.22 -26.50 3.03
N ALA F 234 7.88 -27.30 3.87
CA ALA F 234 7.94 -28.73 3.62
C ALA F 234 6.54 -29.34 3.64
N ILE F 235 5.72 -28.86 4.56
CA ILE F 235 4.35 -29.38 4.66
C ILE F 235 3.58 -28.97 3.39
N ALA F 236 3.85 -27.77 2.89
CA ALA F 236 3.14 -27.34 1.68
C ALA F 236 3.54 -28.21 0.49
N GLU F 237 4.81 -28.62 0.44
CA GLU F 237 5.28 -29.48 -0.65
C GLU F 237 4.63 -30.86 -0.57
N ILE F 238 4.35 -31.35 0.63
CA ILE F 238 3.70 -32.66 0.74
C ILE F 238 2.26 -32.55 0.23
N LYS F 239 1.56 -31.48 0.62
CA LYS F 239 0.18 -31.27 0.16
C LYS F 239 0.16 -31.25 -1.37
N LYS F 240 1.13 -30.61 -2.00
CA LYS F 240 1.16 -30.61 -3.47
C LYS F 240 1.37 -32.00 -4.06
N MET F 241 2.23 -32.79 -3.44
CA MET F 241 2.46 -34.16 -3.90
C MET F 241 1.22 -35.03 -3.61
N MET F 242 0.54 -34.79 -2.50
CA MET F 242 -0.64 -35.55 -2.15
C MET F 242 -1.72 -35.30 -3.18
N ALA F 243 -1.75 -34.08 -3.70
CA ALA F 243 -2.76 -33.70 -4.66
C ALA F 243 -2.48 -34.20 -6.06
N THR F 244 -1.22 -34.52 -6.35
CA THR F 244 -0.88 -34.96 -7.71
C THR F 244 -0.30 -36.35 -7.98
N TYR F 245 -0.06 -37.17 -6.96
CA TYR F 245 0.51 -38.51 -7.19
C TYR F 245 -0.52 -39.53 -7.68
N LYS F 246 -0.03 -40.62 -8.27
CA LYS F 246 -0.89 -41.71 -8.76
C LYS F 246 -0.67 -42.96 -7.90
N ALA G 2 10.38 -54.88 22.48
CA ALA G 2 10.18 -53.63 21.68
C ALA G 2 8.69 -53.34 21.55
N THR G 3 8.36 -52.07 21.35
CA THR G 3 6.98 -51.66 21.22
C THR G 3 6.77 -50.89 19.93
N THR G 4 5.59 -51.04 19.34
CA THR G 4 5.28 -50.34 18.10
C THR G 4 4.93 -48.89 18.42
N ALA G 5 4.97 -48.05 17.39
CA ALA G 5 4.65 -46.65 17.57
C ALA G 5 3.22 -46.51 18.13
N LYS G 6 2.30 -47.34 17.64
CA LYS G 6 0.92 -47.27 18.10
C LYS G 6 0.78 -47.64 19.56
N GLU G 7 1.49 -48.68 20.00
CA GLU G 7 1.43 -49.07 21.41
C GLU G 7 2.06 -47.98 22.26
N GLU G 8 3.14 -47.36 21.78
CA GLU G 8 3.76 -46.30 22.56
C GLU G 8 2.82 -45.12 22.73
N MET G 9 2.12 -44.75 21.66
CA MET G 9 1.19 -43.63 21.76
C MET G 9 0.11 -43.97 22.78
N ALA G 10 -0.46 -45.16 22.72
CA ALA G 10 -1.51 -45.51 23.68
C ALA G 10 -0.98 -45.51 25.11
N ARG G 11 0.23 -46.03 25.36
CA ARG G 11 0.69 -46.01 26.74
C ARG G 11 0.96 -44.58 27.17
N PHE G 12 1.44 -43.77 26.25
CA PHE G 12 1.68 -42.37 26.56
C PHE G 12 0.40 -41.75 27.13
N TRP G 13 -0.74 -41.92 26.44
CA TRP G 13 -1.98 -41.30 26.94
C TRP G 13 -2.55 -41.96 28.19
N GLU G 14 -2.39 -43.26 28.29
CA GLU G 14 -2.89 -43.96 29.46
C GLU G 14 -2.10 -43.47 30.67
N LYS G 15 -0.79 -43.37 30.51
CA LYS G 15 0.06 -42.92 31.59
C LYS G 15 -0.25 -41.50 32.01
N ASN G 16 -0.18 -40.55 31.09
CA ASN G 16 -0.42 -39.16 31.47
C ASN G 16 -1.84 -38.75 31.88
N THR G 17 -2.86 -39.25 31.21
CA THR G 17 -4.22 -38.86 31.60
C THR G 17 -4.52 -39.32 33.02
N LYS G 18 -3.88 -40.39 33.48
CA LYS G 18 -4.14 -40.87 34.82
C LYS G 18 -3.07 -40.41 35.84
N SER G 19 -2.14 -39.59 35.40
CA SER G 19 -1.07 -39.07 36.27
C SER G 19 -1.51 -37.75 36.89
N SER G 20 -0.66 -37.21 37.75
CA SER G 20 -0.94 -35.93 38.36
C SER G 20 -0.12 -34.85 37.65
N ARG G 21 0.45 -35.20 36.50
CA ARG G 21 1.25 -34.23 35.76
C ARG G 21 0.39 -33.11 35.21
N PRO G 22 0.85 -31.87 35.37
CA PRO G 22 0.06 -30.78 34.82
C PRO G 22 0.38 -30.58 33.35
N LEU G 23 -0.47 -29.85 32.64
CA LEU G 23 -0.25 -29.53 31.23
C LEU G 23 0.43 -28.14 31.30
N SER G 24 1.55 -27.97 30.59
CA SER G 24 2.25 -26.72 30.62
C SER G 24 1.43 -25.68 29.90
N PRO G 25 1.49 -24.42 30.36
CA PRO G 25 0.73 -23.36 29.73
C PRO G 25 1.07 -23.17 28.26
N HIS G 26 0.12 -22.67 27.49
CA HIS G 26 0.37 -22.49 26.08
C HIS G 26 -0.16 -21.14 25.60
N ILE G 27 -1.47 -21.07 25.47
CA ILE G 27 -2.15 -19.89 25.00
C ILE G 27 -1.86 -18.65 25.88
N SER G 28 -1.79 -18.83 27.20
CA SER G 28 -1.53 -17.71 28.11
C SER G 28 -0.09 -17.23 28.18
N ILE G 29 0.86 -17.95 27.59
CA ILE G 29 2.24 -17.50 27.65
C ILE G 29 2.94 -17.37 26.31
N TYR G 30 2.34 -17.87 25.23
CA TYR G 30 3.02 -17.77 23.94
C TYR G 30 3.00 -16.35 23.39
N LYS G 31 4.12 -15.92 22.84
CA LYS G 31 4.24 -14.60 22.26
C LYS G 31 3.44 -14.50 20.94
N TRP G 32 2.71 -13.42 20.77
CA TRP G 32 1.95 -13.25 19.54
C TRP G 32 2.78 -12.68 18.41
N SER G 33 2.30 -12.87 17.20
CA SER G 33 2.95 -12.32 16.02
C SER G 33 1.81 -11.94 15.06
N LEU G 34 2.08 -11.06 14.10
CA LEU G 34 1.06 -10.64 13.14
C LEU G 34 0.55 -11.84 12.35
N PRO G 35 1.44 -12.72 11.90
CA PRO G 35 0.93 -13.86 11.16
C PRO G 35 0.00 -14.74 12.00
N MET G 36 0.31 -14.93 13.28
CA MET G 36 -0.55 -15.74 14.12
C MET G 36 -1.91 -15.06 14.31
N ALA G 37 -1.90 -13.74 14.51
CA ALA G 37 -3.14 -12.99 14.71
C ALA G 37 -4.00 -12.98 13.43
N MET G 38 -3.35 -12.83 12.30
CA MET G 38 -4.09 -12.84 11.05
C MET G 38 -4.73 -14.19 10.79
N SER G 39 -4.07 -15.23 11.28
CA SER G 39 -4.56 -16.59 11.13
C SER G 39 -5.87 -16.75 11.91
N ILE G 40 -5.89 -16.30 13.17
CA ILE G 40 -7.12 -16.42 13.93
C ILE G 40 -8.21 -15.55 13.29
N THR G 41 -7.80 -14.39 12.78
CA THR G 41 -8.73 -13.46 12.17
C THR G 41 -9.33 -14.00 10.89
N HIS G 42 -8.56 -14.75 10.13
CA HIS G 42 -9.10 -15.33 8.91
C HIS G 42 -10.19 -16.34 9.27
N ARG G 43 -9.98 -17.06 10.37
CA ARG G 43 -10.97 -18.02 10.81
C ARG G 43 -12.18 -17.26 11.37
N GLY G 44 -11.93 -16.21 12.15
CA GLY G 44 -13.01 -15.44 12.70
C GLY G 44 -13.89 -14.81 11.60
N THR G 45 -13.27 -14.25 10.56
CA THR G 45 -14.08 -13.64 9.53
C THR G 45 -14.85 -14.69 8.76
N GLY G 46 -14.22 -15.84 8.50
CA GLY G 46 -14.93 -16.89 7.78
C GLY G 46 -16.19 -17.36 8.51
N VAL G 47 -16.08 -17.54 9.82
CA VAL G 47 -17.21 -17.98 10.62
C VAL G 47 -18.27 -16.86 10.66
N ALA G 48 -17.82 -15.62 10.77
CA ALA G 48 -18.77 -14.53 10.82
C ALA G 48 -19.53 -14.45 9.49
N LEU G 49 -18.80 -14.60 8.40
CA LEU G 49 -19.40 -14.51 7.08
C LEU G 49 -20.41 -15.62 6.91
N SER G 50 -20.09 -16.79 7.44
CA SER G 50 -20.97 -17.93 7.33
C SER G 50 -22.23 -17.76 8.12
N LEU G 51 -22.10 -17.23 9.33
CA LEU G 51 -23.26 -17.04 10.18
C LEU G 51 -24.12 -15.94 9.57
N GLY G 52 -23.47 -15.05 8.82
CA GLY G 52 -24.18 -13.98 8.16
C GLY G 52 -25.07 -14.53 7.07
N VAL G 53 -24.48 -15.36 6.22
CA VAL G 53 -25.23 -15.97 5.14
C VAL G 53 -26.36 -16.84 5.67
N SER G 54 -26.11 -17.56 6.76
CA SER G 54 -27.15 -18.42 7.32
C SER G 54 -28.32 -17.59 7.88
N LEU G 55 -28.00 -16.52 8.59
CA LEU G 55 -28.99 -15.62 9.16
C LEU G 55 -29.87 -14.96 8.11
N PHE G 56 -29.25 -14.57 7.00
CA PHE G 56 -29.97 -13.94 5.92
C PHE G 56 -30.89 -14.97 5.26
N SER G 57 -30.35 -16.16 5.07
CA SER G 57 -31.09 -17.24 4.44
C SER G 57 -32.33 -17.57 5.26
N VAL G 58 -32.16 -17.58 6.58
CA VAL G 58 -33.26 -17.88 7.49
C VAL G 58 -34.26 -16.71 7.57
N ALA G 59 -33.77 -15.49 7.37
CA ALA G 59 -34.64 -14.32 7.40
C ALA G 59 -35.52 -14.30 6.14
N ALA G 60 -34.95 -14.72 5.02
CA ALA G 60 -35.66 -14.76 3.75
C ALA G 60 -36.78 -15.78 3.80
N LEU G 61 -36.59 -16.84 4.57
CA LEU G 61 -37.59 -17.90 4.68
C LEU G 61 -38.61 -17.62 5.77
N LEU G 62 -38.27 -16.73 6.69
CA LEU G 62 -39.17 -16.45 7.80
C LEU G 62 -39.84 -15.08 7.86
N LEU G 63 -39.18 -14.06 7.34
CA LEU G 63 -39.78 -12.73 7.40
C LEU G 63 -41.04 -12.61 6.54
N PRO G 64 -41.99 -11.78 6.99
CA PRO G 64 -43.27 -11.51 6.33
C PRO G 64 -43.15 -10.85 4.97
N GLU G 65 -42.44 -9.72 4.93
CA GLU G 65 -42.28 -8.96 3.70
C GLU G 65 -41.10 -9.39 2.84
N GLN G 66 -41.05 -8.85 1.62
CA GLN G 66 -39.95 -9.15 0.70
C GLN G 66 -38.86 -8.11 0.89
N PHE G 67 -37.70 -8.35 0.28
CA PHE G 67 -36.56 -7.47 0.44
C PHE G 67 -36.73 -5.98 0.16
N PRO G 68 -37.29 -5.62 -1.02
CA PRO G 68 -37.47 -4.20 -1.33
C PRO G 68 -38.21 -3.45 -0.24
N HIS G 69 -39.17 -4.12 0.40
CA HIS G 69 -39.93 -3.51 1.48
C HIS G 69 -39.06 -2.99 2.61
N TYR G 70 -38.17 -3.85 3.12
CA TYR G 70 -37.29 -3.45 4.22
C TYR G 70 -36.26 -2.41 3.75
N VAL G 71 -35.88 -2.46 2.48
CA VAL G 71 -34.95 -1.48 1.95
C VAL G 71 -35.64 -0.11 2.02
N ALA G 72 -36.88 -0.06 1.55
CA ALA G 72 -37.65 1.18 1.55
C ALA G 72 -37.83 1.73 2.95
N VAL G 73 -38.22 0.85 3.87
CA VAL G 73 -38.42 1.25 5.26
C VAL G 73 -37.17 1.94 5.77
N VAL G 74 -36.01 1.38 5.47
CA VAL G 74 -34.75 1.97 5.91
C VAL G 74 -34.52 3.34 5.27
N LYS G 75 -34.70 3.41 3.96
CA LYS G 75 -34.51 4.68 3.26
C LYS G 75 -35.43 5.77 3.80
N SER G 76 -36.64 5.38 4.19
CA SER G 76 -37.62 6.34 4.71
C SER G 76 -37.19 6.97 6.04
N LEU G 77 -36.34 6.29 6.79
CA LEU G 77 -35.91 6.86 8.07
C LEU G 77 -34.92 8.02 7.93
N SER G 78 -34.44 8.25 6.70
CA SER G 78 -33.50 9.34 6.46
C SER G 78 -32.36 9.36 7.48
N LEU G 79 -31.64 8.25 7.58
CA LEU G 79 -30.52 8.16 8.52
C LEU G 79 -29.32 8.95 8.00
N SER G 80 -28.46 9.40 8.93
CA SER G 80 -27.29 10.18 8.56
C SER G 80 -26.39 9.43 7.58
N PRO G 81 -25.89 10.13 6.54
CA PRO G 81 -25.01 9.64 5.47
C PRO G 81 -23.71 9.05 6.01
N ALA G 82 -23.28 9.62 7.14
CA ALA G 82 -22.07 9.20 7.82
C ALA G 82 -22.30 7.86 8.51
N LEU G 83 -23.41 7.76 9.23
CA LEU G 83 -23.75 6.52 9.93
C LEU G 83 -23.93 5.41 8.91
N ILE G 84 -24.53 5.77 7.78
CA ILE G 84 -24.78 4.84 6.67
C ILE G 84 -23.47 4.32 6.15
N TYR G 85 -22.53 5.24 6.00
CA TYR G 85 -21.20 4.91 5.48
C TYR G 85 -20.46 3.99 6.43
N SER G 86 -20.55 4.30 7.72
CA SER G 86 -19.90 3.50 8.74
C SER G 86 -20.39 2.07 8.69
N ALA G 87 -21.70 1.92 8.60
CA ALA G 87 -22.31 0.60 8.54
C ALA G 87 -21.86 -0.18 7.30
N LYS G 88 -21.69 0.53 6.19
CA LYS G 88 -21.23 -0.10 4.97
C LYS G 88 -19.81 -0.61 5.17
N PHE G 89 -18.99 0.19 5.86
CA PHE G 89 -17.62 -0.19 6.13
C PHE G 89 -17.61 -1.47 6.97
N ALA G 90 -18.35 -1.47 8.06
CA ALA G 90 -18.40 -2.64 8.95
C ALA G 90 -18.89 -3.87 8.21
N LEU G 91 -19.77 -3.68 7.25
CA LEU G 91 -20.25 -4.85 6.53
C LEU G 91 -19.25 -5.43 5.57
N VAL G 92 -18.59 -4.57 4.80
CA VAL G 92 -17.62 -5.05 3.81
C VAL G 92 -16.25 -5.43 4.41
N PHE G 93 -15.91 -4.88 5.58
CA PHE G 93 -14.58 -5.19 6.16
C PHE G 93 -14.25 -6.69 6.31
N PRO G 94 -15.06 -7.45 7.05
CA PRO G 94 -14.75 -8.88 7.19
C PRO G 94 -14.65 -9.63 5.88
N LEU G 95 -15.49 -9.27 4.92
CA LEU G 95 -15.49 -9.96 3.64
C LEU G 95 -14.28 -9.60 2.81
N SER G 96 -13.81 -8.37 2.96
CA SER G 96 -12.65 -7.90 2.24
C SER G 96 -11.39 -8.55 2.81
N TYR G 97 -11.35 -8.59 4.13
CA TYR G 97 -10.22 -9.18 4.83
C TYR G 97 -10.09 -10.64 4.40
N HIS G 98 -11.17 -11.39 4.59
CA HIS G 98 -11.18 -12.81 4.26
C HIS G 98 -10.84 -13.10 2.82
N THR G 99 -11.30 -12.24 1.91
CA THR G 99 -11.07 -12.39 0.49
C THR G 99 -9.59 -12.21 0.13
N TRP G 100 -9.01 -11.12 0.59
CA TRP G 100 -7.59 -10.90 0.29
C TRP G 100 -6.69 -11.92 0.99
N ASN G 101 -6.98 -12.22 2.26
CA ASN G 101 -6.17 -13.17 3.02
C ASN G 101 -6.37 -14.54 2.43
N GLY G 102 -7.58 -14.79 1.93
CA GLY G 102 -7.87 -16.06 1.30
C GLY G 102 -6.98 -16.26 0.10
N ILE G 103 -6.78 -15.21 -0.68
CA ILE G 103 -5.91 -15.29 -1.85
C ILE G 103 -4.49 -15.57 -1.36
N ARG G 104 -4.12 -14.98 -0.22
CA ARG G 104 -2.79 -15.20 0.34
C ARG G 104 -2.65 -16.71 0.62
N HIS G 105 -3.67 -17.31 1.22
CA HIS G 105 -3.66 -18.74 1.47
C HIS G 105 -3.54 -19.58 0.20
N LEU G 106 -4.26 -19.20 -0.85
CA LEU G 106 -4.19 -19.98 -2.09
C LEU G 106 -2.81 -19.89 -2.75
N VAL G 107 -2.12 -18.77 -2.56
CA VAL G 107 -0.77 -18.65 -3.09
C VAL G 107 0.16 -19.60 -2.29
N TRP G 108 -0.08 -19.77 -0.98
CA TRP G 108 0.71 -20.68 -0.14
C TRP G 108 0.46 -22.11 -0.59
N ASP G 109 -0.79 -22.39 -0.92
CA ASP G 109 -1.12 -23.73 -1.36
C ASP G 109 -0.43 -24.05 -2.70
N MET G 110 0.03 -23.03 -3.42
CA MET G 110 0.74 -23.26 -4.68
C MET G 110 2.20 -23.37 -4.32
N GLY G 111 2.47 -23.30 -3.00
CA GLY G 111 3.81 -23.42 -2.48
C GLY G 111 4.66 -22.17 -2.59
N LYS G 112 4.03 -21.01 -2.67
CA LYS G 112 4.78 -19.77 -2.80
C LYS G 112 4.65 -18.83 -1.60
N GLY G 113 5.70 -18.06 -1.36
CA GLY G 113 5.69 -17.09 -0.28
C GLY G 113 5.95 -17.62 1.12
N PHE G 114 6.79 -18.66 1.26
CA PHE G 114 7.06 -19.25 2.57
C PHE G 114 8.22 -18.72 3.41
N LYS G 115 9.07 -17.87 2.83
CA LYS G 115 10.15 -17.29 3.62
C LYS G 115 9.55 -16.40 4.69
N LEU G 116 10.11 -16.42 5.88
CA LEU G 116 9.59 -15.59 6.95
C LEU G 116 9.38 -14.14 6.55
N SER G 117 10.30 -13.59 5.75
CA SER G 117 10.14 -12.20 5.32
C SER G 117 8.92 -12.04 4.39
N GLN G 118 8.65 -13.03 3.54
CA GLN G 118 7.51 -12.91 2.64
C GLN G 118 6.21 -13.09 3.43
N VAL G 119 6.23 -13.96 4.43
CA VAL G 119 5.05 -14.18 5.24
C VAL G 119 4.64 -12.89 5.93
N GLU G 120 5.60 -12.19 6.50
CA GLU G 120 5.32 -10.93 7.17
C GLU G 120 4.89 -9.88 6.13
N GLN G 121 5.59 -9.80 5.03
CA GLN G 121 5.23 -8.82 4.02
C GLN G 121 3.84 -9.01 3.42
N SER G 122 3.52 -10.23 3.02
CA SER G 122 2.23 -10.52 2.41
C SER G 122 1.10 -10.22 3.38
N GLY G 123 1.33 -10.45 4.66
CA GLY G 123 0.31 -10.17 5.66
C GLY G 123 0.05 -8.66 5.76
N VAL G 124 1.11 -7.85 5.66
CA VAL G 124 0.93 -6.42 5.73
C VAL G 124 0.24 -5.92 4.45
N VAL G 125 0.57 -6.51 3.30
CA VAL G 125 -0.08 -6.11 2.08
C VAL G 125 -1.56 -6.43 2.18
N VAL G 126 -1.90 -7.61 2.71
CA VAL G 126 -3.30 -7.98 2.86
C VAL G 126 -4.09 -6.97 3.74
N LEU G 127 -3.43 -6.42 4.76
CA LEU G 127 -4.08 -5.46 5.65
C LEU G 127 -4.32 -4.11 4.95
N ILE G 128 -3.39 -3.70 4.10
CA ILE G 128 -3.56 -2.44 3.39
C ILE G 128 -4.65 -2.58 2.32
N LEU G 129 -4.61 -3.67 1.55
CA LEU G 129 -5.61 -3.91 0.52
C LEU G 129 -6.98 -3.96 1.15
N THR G 130 -7.06 -4.54 2.34
CA THR G 130 -8.33 -4.64 3.05
C THR G 130 -8.87 -3.27 3.40
N LEU G 131 -8.01 -2.41 3.92
CA LEU G 131 -8.44 -1.06 4.29
C LEU G 131 -8.79 -0.17 3.08
N LEU G 132 -8.03 -0.26 2.01
CA LEU G 132 -8.31 0.54 0.82
C LEU G 132 -9.61 0.13 0.18
N SER G 133 -9.72 -1.15 -0.18
CA SER G 133 -10.92 -1.63 -0.83
C SER G 133 -12.15 -1.40 0.04
N SER G 134 -12.02 -1.58 1.34
CA SER G 134 -13.15 -1.37 2.23
C SER G 134 -13.60 0.09 2.27
N ALA G 135 -12.64 1.01 2.26
CA ALA G 135 -12.96 2.43 2.28
C ALA G 135 -13.52 2.85 0.92
N GLY G 136 -12.99 2.26 -0.15
CA GLY G 136 -13.46 2.57 -1.49
C GLY G 136 -14.90 2.08 -1.69
N ILE G 137 -15.17 0.87 -1.23
CA ILE G 137 -16.49 0.30 -1.37
C ILE G 137 -17.54 0.95 -0.49
N ALA G 138 -17.17 1.34 0.73
CA ALA G 138 -18.12 1.96 1.65
C ALA G 138 -18.67 3.28 1.07
N ALA G 139 -17.88 3.94 0.24
CA ALA G 139 -18.32 5.19 -0.37
C ALA G 139 -19.06 4.83 -1.67
N ILE G 140 -19.53 3.59 -1.74
CA ILE G 140 -20.26 2.98 -2.86
C ILE G 140 -19.32 2.50 -3.97
N SER G 141 -19.16 1.17 -4.07
CA SER G 141 -18.29 0.54 -5.07
C SER G 141 -16.83 0.99 -4.99
N SER H 3 -9.09 -44.42 -1.98
CA SER H 3 -8.11 -44.28 -0.85
C SER H 3 -7.41 -42.92 -0.89
N LYS H 4 -7.85 -42.03 -1.76
CA LYS H 4 -7.29 -40.69 -1.84
C LYS H 4 -8.35 -39.68 -1.45
N ALA H 5 -9.32 -40.13 -0.66
CA ALA H 5 -10.39 -39.25 -0.24
C ALA H 5 -9.87 -37.99 0.44
N ALA H 6 -8.82 -38.11 1.24
CA ALA H 6 -8.30 -36.94 1.94
C ALA H 6 -7.73 -35.88 0.99
N SER H 7 -6.84 -36.26 0.09
CA SER H 7 -6.28 -35.28 -0.82
C SER H 7 -7.36 -34.76 -1.78
N LEU H 8 -8.29 -35.62 -2.17
CA LEU H 8 -9.37 -35.18 -3.06
C LEU H 8 -10.16 -34.08 -2.41
N HIS H 9 -10.55 -34.28 -1.15
CA HIS H 9 -11.32 -33.26 -0.45
C HIS H 9 -10.55 -31.95 -0.37
N TRP H 10 -9.28 -32.05 0.02
CA TRP H 10 -8.42 -30.87 0.10
C TRP H 10 -8.43 -30.15 -1.26
N THR H 11 -8.30 -30.91 -2.34
CA THR H 11 -8.29 -30.31 -3.67
C THR H 11 -9.65 -29.64 -3.99
N SER H 12 -10.74 -30.32 -3.66
CA SER H 12 -12.08 -29.77 -3.90
C SER H 12 -12.26 -28.43 -3.21
N GLU H 13 -11.85 -28.36 -1.95
CA GLU H 13 -11.95 -27.14 -1.13
C GLU H 13 -11.27 -25.95 -1.77
N ARG H 14 -10.10 -26.19 -2.35
CA ARG H 14 -9.40 -25.09 -3.00
C ARG H 14 -10.15 -24.68 -4.28
N ALA H 15 -10.57 -25.66 -5.08
CA ALA H 15 -11.29 -25.38 -6.30
C ALA H 15 -12.52 -24.51 -5.97
N VAL H 16 -13.34 -24.95 -5.03
CA VAL H 16 -14.49 -24.15 -4.65
C VAL H 16 -14.08 -22.76 -4.17
N SER H 17 -12.98 -22.64 -3.45
CA SER H 17 -12.52 -21.30 -3.00
C SER H 17 -12.22 -20.43 -4.19
N ALA H 18 -11.56 -21.01 -5.18
CA ALA H 18 -11.21 -20.28 -6.40
C ALA H 18 -12.50 -19.79 -7.09
N LEU H 19 -13.44 -20.70 -7.27
CA LEU H 19 -14.74 -20.39 -7.88
C LEU H 19 -15.32 -19.14 -7.23
N LEU H 20 -15.55 -19.20 -5.92
CA LEU H 20 -16.10 -18.04 -5.21
C LEU H 20 -15.37 -16.78 -5.63
N LEU H 21 -14.06 -16.87 -5.67
CA LEU H 21 -13.27 -15.71 -6.04
C LEU H 21 -13.74 -15.18 -7.39
N GLY H 22 -13.86 -16.06 -8.38
CA GLY H 22 -14.30 -15.64 -9.70
C GLY H 22 -15.74 -15.14 -9.72
N LEU H 23 -16.59 -15.65 -8.83
CA LEU H 23 -17.98 -15.20 -8.81
C LEU H 23 -18.13 -13.77 -8.32
N LEU H 24 -17.16 -13.27 -7.57
CA LEU H 24 -17.26 -11.90 -7.10
C LEU H 24 -17.31 -10.94 -8.30
N PRO H 25 -16.29 -10.98 -9.18
CA PRO H 25 -16.25 -10.11 -10.36
C PRO H 25 -17.46 -10.40 -11.25
N ALA H 26 -17.79 -11.66 -11.38
CA ALA H 26 -18.90 -12.08 -12.21
C ALA H 26 -20.21 -11.43 -11.74
N ALA H 27 -20.40 -11.38 -10.42
CA ALA H 27 -21.62 -10.81 -9.85
C ALA H 27 -21.73 -9.33 -10.20
N TYR H 28 -20.58 -8.68 -10.33
CA TYR H 28 -20.54 -7.28 -10.67
C TYR H 28 -20.74 -7.05 -12.15
N LEU H 29 -20.15 -7.92 -12.98
CA LEU H 29 -20.26 -7.76 -14.41
C LEU H 29 -21.46 -8.40 -15.07
N TYR H 30 -21.99 -9.47 -14.46
CA TYR H 30 -23.14 -10.16 -15.03
C TYR H 30 -24.18 -10.60 -14.01
N PRO H 31 -24.79 -9.64 -13.28
CA PRO H 31 -25.79 -9.98 -12.29
C PRO H 31 -26.85 -10.88 -12.91
N GLY H 32 -27.67 -11.53 -12.10
CA GLY H 32 -28.69 -12.39 -12.67
C GLY H 32 -28.70 -13.81 -12.14
N PRO H 33 -29.73 -14.59 -12.53
CA PRO H 33 -29.92 -15.99 -12.12
C PRO H 33 -28.69 -16.89 -12.14
N ALA H 34 -27.98 -16.92 -13.26
CA ALA H 34 -26.79 -17.78 -13.35
C ALA H 34 -25.87 -17.54 -12.15
N VAL H 35 -25.41 -16.30 -12.02
CA VAL H 35 -24.54 -15.96 -10.92
C VAL H 35 -25.25 -16.12 -9.57
N ASP H 36 -26.50 -15.69 -9.50
CA ASP H 36 -27.24 -15.79 -8.24
C ASP H 36 -27.31 -17.21 -7.67
N TYR H 37 -27.51 -18.20 -8.53
CA TYR H 37 -27.59 -19.59 -8.09
C TYR H 37 -26.19 -20.18 -7.87
N SER H 38 -25.22 -19.73 -8.66
CA SER H 38 -23.86 -20.24 -8.48
C SER H 38 -23.36 -19.81 -7.11
N LEU H 39 -23.57 -18.55 -6.78
CA LEU H 39 -23.17 -18.03 -5.48
C LEU H 39 -23.87 -18.81 -4.39
N ALA H 40 -25.16 -19.06 -4.55
CA ALA H 40 -25.91 -19.81 -3.56
C ALA H 40 -25.25 -21.18 -3.30
N ALA H 41 -24.83 -21.83 -4.37
CA ALA H 41 -24.19 -23.14 -4.26
C ALA H 41 -22.75 -23.04 -3.69
N ALA H 42 -21.94 -22.16 -4.25
CA ALA H 42 -20.55 -21.99 -3.80
C ALA H 42 -20.49 -21.49 -2.35
N LEU H 43 -21.29 -20.48 -2.01
CA LEU H 43 -21.29 -19.97 -0.64
C LEU H 43 -21.68 -21.05 0.35
N THR H 44 -22.63 -21.90 -0.03
CA THR H 44 -23.06 -22.94 0.88
C THR H 44 -21.97 -23.99 1.06
N LEU H 45 -21.43 -24.47 -0.06
CA LEU H 45 -20.40 -25.50 -0.05
C LEU H 45 -19.10 -25.04 0.64
N HIS H 46 -18.57 -23.89 0.24
CA HIS H 46 -17.34 -23.34 0.83
C HIS H 46 -17.57 -23.20 2.34
N GLY H 47 -18.73 -22.67 2.70
CA GLY H 47 -19.05 -22.50 4.11
C GLY H 47 -19.19 -23.81 4.88
N HIS H 48 -19.85 -24.81 4.28
CA HIS H 48 -20.04 -26.10 4.92
C HIS H 48 -18.70 -26.73 5.27
N TRP H 49 -17.81 -26.79 4.27
CA TRP H 49 -16.50 -27.37 4.47
C TRP H 49 -15.66 -26.61 5.47
N GLY H 50 -15.76 -25.28 5.46
CA GLY H 50 -15.01 -24.44 6.35
C GLY H 50 -15.37 -24.66 7.80
N LEU H 51 -16.66 -24.65 8.09
CA LEU H 51 -17.12 -24.87 9.44
C LEU H 51 -16.76 -26.30 9.78
N GLY H 52 -16.75 -27.16 8.75
CA GLY H 52 -16.38 -28.55 8.94
C GLY H 52 -14.95 -28.66 9.48
N GLN H 53 -14.05 -27.84 8.94
CA GLN H 53 -12.67 -27.84 9.39
C GLN H 53 -12.59 -27.30 10.80
N VAL H 54 -13.47 -26.35 11.12
CA VAL H 54 -13.46 -25.77 12.45
C VAL H 54 -13.88 -26.82 13.47
N ILE H 55 -14.84 -27.66 13.09
CA ILE H 55 -15.33 -28.70 13.96
C ILE H 55 -14.26 -29.76 14.20
N THR H 56 -13.59 -30.17 13.14
CA THR H 56 -12.58 -31.19 13.24
C THR H 56 -11.45 -30.77 14.18
N ASP H 57 -11.12 -29.49 14.16
CA ASP H 57 -10.07 -28.93 15.01
C ASP H 57 -10.44 -28.87 16.50
N TYR H 58 -11.64 -28.37 16.79
CA TYR H 58 -12.01 -28.16 18.18
C TYR H 58 -12.93 -29.13 18.88
N VAL H 59 -13.68 -29.94 18.15
CA VAL H 59 -14.59 -30.87 18.80
C VAL H 59 -13.96 -32.25 18.87
N HIS H 60 -13.95 -32.85 20.06
CA HIS H 60 -13.39 -34.20 20.19
C HIS H 60 -14.34 -35.08 20.97
N GLY H 61 -14.19 -36.39 20.80
CA GLY H 61 -15.08 -37.32 21.46
C GLY H 61 -16.01 -37.74 20.33
N ASP H 62 -16.08 -39.04 20.09
CA ASP H 62 -16.89 -39.57 19.01
C ASP H 62 -18.34 -39.08 18.96
N THR H 63 -19.02 -38.99 20.09
CA THR H 63 -20.40 -38.53 20.08
C THR H 63 -20.47 -37.04 19.79
N PRO H 64 -19.75 -36.23 20.58
CA PRO H 64 -19.79 -34.79 20.33
C PRO H 64 -19.50 -34.46 18.84
N ILE H 65 -18.58 -35.18 18.22
CA ILE H 65 -18.24 -34.92 16.81
C ILE H 65 -19.38 -35.29 15.87
N LYS H 66 -20.02 -36.43 16.10
CA LYS H 66 -21.12 -36.83 15.24
C LYS H 66 -22.25 -35.82 15.40
N VAL H 67 -22.52 -35.43 16.64
CA VAL H 67 -23.57 -34.47 16.89
C VAL H 67 -23.29 -33.16 16.17
N ALA H 68 -22.08 -32.64 16.33
CA ALA H 68 -21.69 -31.39 15.71
C ALA H 68 -21.80 -31.44 14.21
N ASN H 69 -21.41 -32.57 13.61
CA ASN H 69 -21.49 -32.66 12.18
C ASN H 69 -22.92 -32.83 11.66
N THR H 70 -23.80 -33.42 12.47
CA THR H 70 -25.18 -33.59 12.03
C THR H 70 -25.78 -32.18 11.98
N GLY H 71 -25.54 -31.42 13.04
CA GLY H 71 -26.05 -30.06 13.10
C GLY H 71 -25.59 -29.22 11.93
N LEU H 72 -24.29 -29.22 11.65
CA LEU H 72 -23.76 -28.44 10.54
C LEU H 72 -24.51 -28.78 9.26
N TYR H 73 -24.65 -30.06 8.97
CA TYR H 73 -25.35 -30.51 7.78
C TYR H 73 -26.78 -29.94 7.69
N VAL H 74 -27.43 -29.79 8.85
CA VAL H 74 -28.77 -29.26 8.94
C VAL H 74 -28.76 -27.78 8.60
N LEU H 75 -27.76 -27.07 9.11
CA LEU H 75 -27.62 -25.64 8.86
C LEU H 75 -27.34 -25.37 7.39
N SER H 76 -26.45 -26.15 6.79
CA SER H 76 -26.12 -25.98 5.38
C SER H 76 -27.33 -26.18 4.46
N ALA H 77 -28.14 -27.18 4.77
CA ALA H 77 -29.34 -27.49 3.98
C ALA H 77 -30.29 -26.29 4.04
N ILE H 78 -30.65 -25.88 5.25
CA ILE H 78 -31.52 -24.74 5.43
C ILE H 78 -30.97 -23.51 4.71
N THR H 79 -29.67 -23.30 4.82
CA THR H 79 -29.04 -22.15 4.21
C THR H 79 -29.14 -22.19 2.69
N PHE H 80 -28.79 -23.30 2.08
CA PHE H 80 -28.88 -23.39 0.64
C PHE H 80 -30.34 -23.20 0.20
N THR H 81 -31.27 -23.78 0.95
CA THR H 81 -32.68 -23.66 0.62
C THR H 81 -33.17 -22.21 0.66
N GLY H 82 -32.84 -21.50 1.73
CA GLY H 82 -33.25 -20.12 1.86
C GLY H 82 -32.71 -19.25 0.73
N LEU H 83 -31.45 -19.45 0.36
CA LEU H 83 -30.85 -18.66 -0.71
C LEU H 83 -31.48 -18.90 -2.07
N CYS H 84 -31.80 -20.16 -2.36
CA CYS H 84 -32.44 -20.52 -3.62
C CYS H 84 -33.86 -19.93 -3.63
N TYR H 85 -34.53 -20.03 -2.48
CA TYR H 85 -35.88 -19.49 -2.28
C TYR H 85 -35.85 -17.99 -2.57
N PHE H 86 -34.88 -17.30 -2.00
CA PHE H 86 -34.72 -15.86 -2.18
C PHE H 86 -34.43 -15.53 -3.65
N ASN H 87 -33.63 -16.37 -4.31
CA ASN H 87 -33.30 -16.14 -5.71
C ASN H 87 -34.55 -16.36 -6.57
N TYR H 88 -35.42 -17.25 -6.10
CA TYR H 88 -36.62 -17.59 -6.83
C TYR H 88 -37.80 -16.65 -6.62
N TYR H 89 -38.21 -16.48 -5.37
CA TYR H 89 -39.35 -15.63 -5.03
C TYR H 89 -39.07 -14.16 -4.71
N ASP H 90 -37.80 -13.77 -4.68
CA ASP H 90 -37.50 -12.37 -4.39
C ASP H 90 -36.54 -11.85 -5.45
N VAL H 91 -35.95 -10.69 -5.20
CA VAL H 91 -35.04 -10.06 -6.16
C VAL H 91 -33.75 -10.80 -6.51
N GLY H 92 -33.31 -11.73 -5.66
CA GLY H 92 -32.07 -12.45 -5.92
C GLY H 92 -30.87 -11.82 -5.26
N ILE H 93 -29.85 -12.61 -4.97
CA ILE H 93 -28.65 -12.12 -4.29
C ILE H 93 -27.96 -10.89 -4.90
N CYS H 94 -27.62 -10.95 -6.19
CA CYS H 94 -26.96 -9.82 -6.83
C CYS H 94 -27.74 -8.51 -6.69
N LYS H 95 -29.03 -8.56 -6.99
CA LYS H 95 -29.90 -7.40 -6.93
C LYS H 95 -30.09 -6.94 -5.48
N ALA H 96 -30.20 -7.89 -4.55
CA ALA H 96 -30.38 -7.52 -3.15
C ALA H 96 -29.16 -6.69 -2.67
N VAL H 97 -27.98 -7.06 -3.13
CA VAL H 97 -26.78 -6.36 -2.73
C VAL H 97 -26.73 -4.94 -3.29
N ALA H 98 -27.11 -4.77 -4.56
CA ALA H 98 -27.13 -3.45 -5.17
C ALA H 98 -28.14 -2.59 -4.45
N MET H 99 -29.33 -3.14 -4.21
CA MET H 99 -30.37 -2.42 -3.51
C MET H 99 -29.92 -2.02 -2.12
N LEU H 100 -29.30 -2.96 -1.39
CA LEU H 100 -28.80 -2.66 -0.04
C LEU H 100 -27.80 -1.51 -0.10
N TRP H 101 -26.97 -1.50 -1.14
CA TRP H 101 -25.95 -0.47 -1.30
C TRP H 101 -26.47 0.87 -1.82
N SER H 102 -27.77 0.93 -2.12
CA SER H 102 -28.35 2.17 -2.62
C SER H 102 -28.92 2.97 -1.46
N ILE H 103 -28.86 2.41 -0.25
CA ILE H 103 -29.38 3.10 0.92
C ILE H 103 -28.45 4.24 1.33
#